data_8VQW
#
_entry.id   8VQW
#
_cell.length_a   83.818
_cell.length_b   101.008
_cell.length_c   123.928
_cell.angle_alpha   90.00
_cell.angle_beta   95.94
_cell.angle_gamma   90.00
#
_symmetry.space_group_name_H-M   'P 1 21 1'
#
loop_
_entity.id
_entity.type
_entity.pdbx_description
1 polymer 'Betaine aldehyde dehydrogenase'
2 non-polymer 'TRIETHYLENE GLYCOL'
3 non-polymer GLYCEROL
4 non-polymer DI(HYDROXYETHYL)ETHER
5 non-polymer 'CHLORIDE ION'
6 non-polymer 'COENZYME A'
7 water water
#
_entity_poly.entity_id   1
_entity_poly.type   'polypeptide(L)'
_entity_poly.pdbx_seq_one_letter_code
;MAHHHHHHHMSRMAEQQLYIHGKFVAATSGKTFETINPATGEVLATVQAAGREDVDRAVKSAQQGQKVWAAMSAMARSRI
LRKAVDILRERNDELARLETLDTGKPLSETAAVDIVTGADVLEYYAGLIPALEGSQIPLRDSSFVYTRREPLGVVAGIGA
WNYPIQIALWKSAPALAAGNAMIFKPSEVTPLTALKLAEIYREAGLPDGVFNVLPGIGAETGQYLTEHPDIAKISFTGGV
ASGKKVMANSAASSLKEVTMELGGKSPLIIAEDANLDLAADIAMMANFYSSGQVCTNGTRVFVPAKFKAEFEHKILERVG
RIRAGDLFADDTNFGPLVSFPHRQNVLRYIESGKSEGARLLCGGDVLKGEGFDNGAWVAPTVFTDCTDDMTIVREEIFGP
VMSILSYDDEAEVIRRANATEYGLAAGVVTPDLNRAHRIIHQLEAGICWINSWGESPAEMPVGGYKHSGIGRENGVMTLQ
SYTQVKSIQVEMGPFQSIF
;
_entity_poly.pdbx_strand_id   A,B,C,D
#
loop_
_chem_comp.id
_chem_comp.type
_chem_comp.name
_chem_comp.formula
CL non-polymer 'CHLORIDE ION' 'Cl -1'
COA non-polymer 'COENZYME A' 'C21 H36 N7 O16 P3 S'
GOL non-polymer GLYCEROL 'C3 H8 O3'
PEG non-polymer DI(HYDROXYETHYL)ETHER 'C4 H10 O3'
PGE non-polymer 'TRIETHYLENE GLYCOL' 'C6 H14 O4'
#
# COMPACT_ATOMS: atom_id res chain seq x y z
N ARG A 12 -45.63 4.94 26.12
CA ARG A 12 -44.20 5.09 25.86
C ARG A 12 -43.58 3.72 25.55
N MET A 13 -42.30 3.54 25.87
CA MET A 13 -41.63 2.26 25.74
C MET A 13 -41.22 1.75 27.12
N ALA A 14 -40.72 0.53 27.13
CA ALA A 14 -40.19 -0.07 28.35
C ALA A 14 -38.92 0.66 28.77
N GLU A 15 -38.63 0.58 30.07
CA GLU A 15 -37.42 1.17 30.61
C GLU A 15 -36.19 0.57 29.91
N GLN A 16 -35.33 1.44 29.43
CA GLN A 16 -34.13 1.03 28.73
C GLN A 16 -33.00 0.79 29.72
N GLN A 17 -32.37 -0.37 29.64
CA GLN A 17 -31.30 -0.74 30.56
C GLN A 17 -29.95 -0.62 29.85
N LEU A 18 -28.88 -0.88 30.59
CA LEU A 18 -27.56 -1.00 29.99
C LEU A 18 -27.42 -2.34 29.26
N TYR A 19 -26.51 -2.38 28.29
CA TYR A 19 -26.21 -3.60 27.55
C TYR A 19 -24.76 -3.96 27.84
N ILE A 20 -24.55 -4.98 28.67
CA ILE A 20 -23.23 -5.45 29.06
C ILE A 20 -23.17 -6.96 28.89
N HIS A 21 -22.18 -7.43 28.15
CA HIS A 21 -21.90 -8.85 27.96
C HIS A 21 -23.09 -9.63 27.40
N GLY A 22 -23.67 -9.10 26.32
CA GLY A 22 -24.67 -9.84 25.58
C GLY A 22 -26.04 -9.88 26.18
N LYS A 23 -26.32 -9.02 27.15
CA LYS A 23 -27.63 -8.99 27.76
C LYS A 23 -27.89 -7.59 28.29
N PHE A 24 -29.18 -7.24 28.39
CA PHE A 24 -29.56 -6.04 29.12
C PHE A 24 -29.38 -6.28 30.61
N VAL A 25 -28.96 -5.24 31.31
CA VAL A 25 -28.63 -5.32 32.73
C VAL A 25 -28.90 -3.97 33.37
N ALA A 26 -29.36 -4.03 34.62
CA ALA A 26 -29.64 -2.82 35.39
C ALA A 26 -28.37 -2.08 35.76
N ALA A 27 -28.43 -0.76 35.71
CA ALA A 27 -27.32 0.04 36.22
C ALA A 27 -27.28 -0.02 37.75
N THR A 28 -26.06 0.02 38.30
CA THR A 28 -25.88 0.03 39.74
C THR A 28 -25.65 1.45 40.25
N SER A 29 -25.79 2.44 39.38
CA SER A 29 -25.65 3.83 39.77
C SER A 29 -26.88 4.34 40.50
N GLY A 30 -28.03 3.69 40.31
CA GLY A 30 -29.28 4.17 40.85
C GLY A 30 -29.85 5.37 40.15
N LYS A 31 -29.30 5.75 38.99
CA LYS A 31 -29.67 6.98 38.30
C LYS A 31 -30.31 6.66 36.96
N THR A 32 -31.21 7.56 36.55
CA THR A 32 -31.90 7.44 35.29
C THR A 32 -32.03 8.82 34.68
N PHE A 33 -32.36 8.84 33.39
CA PHE A 33 -32.70 10.06 32.69
C PHE A 33 -33.79 9.72 31.68
N GLU A 34 -34.42 10.75 31.14
CA GLU A 34 -35.50 10.58 30.18
C GLU A 34 -35.03 11.09 28.82
N THR A 35 -35.44 10.39 27.78
CA THR A 35 -35.26 10.86 26.41
C THR A 35 -36.64 11.27 25.89
N ILE A 36 -36.69 12.44 25.25
CA ILE A 36 -37.91 13.12 24.85
C ILE A 36 -38.10 12.99 23.34
N ASN A 37 -39.34 12.85 22.90
CA ASN A 37 -39.66 12.98 21.47
C ASN A 37 -39.63 14.46 21.09
N PRO A 38 -38.71 14.90 20.23
CA PRO A 38 -38.59 16.35 19.96
C PRO A 38 -39.73 16.95 19.18
N ALA A 39 -40.61 16.13 18.59
CA ALA A 39 -41.76 16.66 17.86
C ALA A 39 -43.00 16.83 18.74
N THR A 40 -43.10 16.10 19.86
CA THR A 40 -44.28 16.10 20.71
C THR A 40 -44.02 16.47 22.15
N GLY A 41 -42.78 16.37 22.63
CA GLY A 41 -42.48 16.62 24.02
C GLY A 41 -42.72 15.45 24.95
N GLU A 42 -43.27 14.34 24.45
CA GLU A 42 -43.58 13.21 25.30
C GLU A 42 -42.31 12.45 25.69
N VAL A 43 -42.35 11.86 26.88
CA VAL A 43 -41.26 11.01 27.32
C VAL A 43 -41.29 9.74 26.49
N LEU A 44 -40.21 9.50 25.76
CA LEU A 44 -40.10 8.27 24.98
C LEU A 44 -39.82 7.09 25.88
N ALA A 45 -38.89 7.26 26.82
CA ALA A 45 -38.51 6.16 27.70
C ALA A 45 -37.68 6.72 28.84
N THR A 46 -37.65 5.97 29.92
CA THR A 46 -36.73 6.19 31.01
C THR A 46 -35.51 5.31 30.77
N VAL A 47 -34.33 5.90 30.89
CA VAL A 47 -33.09 5.25 30.49
C VAL A 47 -32.15 5.22 31.68
N GLN A 48 -31.61 4.05 31.98
CA GLN A 48 -30.65 3.94 33.06
C GLN A 48 -29.29 4.52 32.67
N ALA A 49 -28.64 5.15 33.63
CA ALA A 49 -27.38 5.85 33.43
C ALA A 49 -26.27 5.04 34.05
N ALA A 50 -25.22 4.79 33.27
CA ALA A 50 -24.12 3.94 33.72
C ALA A 50 -23.23 4.68 34.72
N GLY A 51 -23.00 4.07 35.87
CA GLY A 51 -22.13 4.64 36.87
C GLY A 51 -20.70 4.18 36.69
N ARG A 52 -19.85 4.63 37.63
CA ARG A 52 -18.44 4.29 37.54
C ARG A 52 -18.23 2.79 37.62
N GLU A 53 -18.95 2.11 38.51
CA GLU A 53 -18.82 0.66 38.60
C GLU A 53 -19.36 -0.03 37.37
N ASP A 54 -20.45 0.49 36.78
CA ASP A 54 -20.96 -0.10 35.55
C ASP A 54 -19.93 -0.02 34.43
N VAL A 55 -19.20 1.10 34.35
CA VAL A 55 -18.15 1.22 33.33
C VAL A 55 -17.07 0.19 33.56
N ASP A 56 -16.68 -0.04 34.81
CA ASP A 56 -15.66 -1.05 35.09
C ASP A 56 -16.15 -2.44 34.70
N ARG A 57 -17.41 -2.77 34.98
CA ARG A 57 -17.97 -4.04 34.53
C ARG A 57 -17.92 -4.14 33.01
N ALA A 58 -18.27 -3.05 32.33
CA ALA A 58 -18.25 -3.07 30.88
C ALA A 58 -16.84 -3.30 30.36
N VAL A 59 -15.83 -2.69 31.00
CA VAL A 59 -14.46 -2.88 30.55
C VAL A 59 -14.03 -4.34 30.79
N LYS A 60 -14.37 -4.90 31.96
CA LYS A 60 -13.98 -6.29 32.18
C LYS A 60 -14.71 -7.23 31.21
N SER A 61 -15.98 -6.96 30.95
CA SER A 61 -16.69 -7.72 29.94
C SER A 61 -16.03 -7.57 28.58
N ALA A 62 -15.69 -6.33 28.20
CA ALA A 62 -15.08 -6.10 26.90
C ALA A 62 -13.74 -6.81 26.79
N GLN A 63 -12.96 -6.83 27.87
CA GLN A 63 -11.67 -7.50 27.81
C GLN A 63 -11.83 -8.99 27.53
N GLN A 64 -12.78 -9.64 28.20
CA GLN A 64 -13.01 -11.06 27.99
C GLN A 64 -13.54 -11.34 26.58
N GLY A 65 -14.49 -10.53 26.11
CA GLY A 65 -15.01 -10.73 24.76
C GLY A 65 -13.98 -10.47 23.69
N GLN A 66 -13.14 -9.45 23.88
CA GLN A 66 -12.16 -9.10 22.86
C GLN A 66 -11.21 -10.26 22.60
N LYS A 67 -10.84 -11.00 23.65
CA LYS A 67 -9.91 -12.12 23.48
C LYS A 67 -10.52 -13.22 22.61
N VAL A 68 -11.79 -13.54 22.86
CA VAL A 68 -12.51 -14.49 22.01
C VAL A 68 -12.55 -13.98 20.57
N TRP A 69 -12.93 -12.72 20.40
CA TRP A 69 -13.08 -12.11 19.09
C TRP A 69 -11.77 -12.13 18.31
N ALA A 70 -10.68 -11.74 18.95
CA ALA A 70 -9.42 -11.62 18.23
C ALA A 70 -8.85 -12.98 17.87
N ALA A 71 -9.15 -14.02 18.65
CA ALA A 71 -8.64 -15.36 18.37
C ALA A 71 -9.36 -16.03 17.21
N MET A 72 -10.54 -15.54 16.84
CA MET A 72 -11.22 -16.05 15.66
C MET A 72 -10.41 -15.73 14.41
N SER A 73 -10.71 -16.47 13.34
CA SER A 73 -10.13 -16.15 12.05
C SER A 73 -10.73 -14.88 11.46
N ALA A 74 -9.99 -14.26 10.54
CA ALA A 74 -10.42 -13.00 9.96
C ALA A 74 -11.75 -13.16 9.22
N MET A 75 -11.89 -14.24 8.47
CA MET A 75 -13.12 -14.47 7.73
C MET A 75 -14.26 -14.81 8.68
N ALA A 76 -13.98 -15.46 9.83
CA ALA A 76 -15.02 -15.69 10.81
C ALA A 76 -15.56 -14.38 11.35
N ARG A 77 -14.66 -13.42 11.64
CA ARG A 77 -15.11 -12.08 12.01
C ARG A 77 -15.88 -11.41 10.87
N SER A 78 -15.38 -11.55 9.63
CA SER A 78 -16.07 -10.93 8.50
CA SER A 78 -16.07 -10.93 8.50
C SER A 78 -17.50 -11.42 8.38
N ARG A 79 -17.71 -12.72 8.55
CA ARG A 79 -19.05 -13.28 8.36
C ARG A 79 -20.02 -12.75 9.41
N ILE A 80 -19.56 -12.61 10.65
CA ILE A 80 -20.44 -12.15 11.72
C ILE A 80 -20.89 -10.72 11.43
N LEU A 81 -19.95 -9.86 11.03
CA LEU A 81 -20.33 -8.48 10.76
C LEU A 81 -21.27 -8.39 9.56
N ARG A 82 -21.07 -9.25 8.56
CA ARG A 82 -21.98 -9.28 7.41
CA ARG A 82 -21.97 -9.29 7.41
C ARG A 82 -23.38 -9.74 7.83
N LYS A 83 -23.48 -10.66 8.79
CA LYS A 83 -24.80 -11.02 9.28
C LYS A 83 -25.46 -9.84 9.97
N ALA A 84 -24.68 -9.03 10.68
CA ALA A 84 -25.23 -7.80 11.25
C ALA A 84 -25.69 -6.85 10.14
N VAL A 85 -24.95 -6.77 9.03
CA VAL A 85 -25.38 -5.95 7.89
C VAL A 85 -26.75 -6.40 7.40
N ASP A 86 -26.92 -7.71 7.17
CA ASP A 86 -28.18 -8.22 6.65
C ASP A 86 -29.34 -7.89 7.57
N ILE A 87 -29.14 -8.02 8.88
CA ILE A 87 -30.20 -7.69 9.81
C ILE A 87 -30.53 -6.21 9.71
N LEU A 88 -29.51 -5.36 9.59
CA LEU A 88 -29.73 -3.93 9.50
C LEU A 88 -30.51 -3.54 8.24
N ARG A 89 -30.23 -4.19 7.11
CA ARG A 89 -30.97 -3.89 5.89
C ARG A 89 -32.43 -4.28 6.04
N GLU A 90 -32.70 -5.41 6.71
CA GLU A 90 -34.07 -5.92 6.85
C GLU A 90 -34.89 -5.04 7.77
N ARG A 91 -34.26 -4.49 8.81
CA ARG A 91 -34.94 -3.66 9.80
CA ARG A 91 -34.96 -3.67 9.79
C ARG A 91 -34.76 -2.17 9.53
N ASN A 92 -34.31 -1.82 8.32
CA ASN A 92 -33.99 -0.42 8.02
C ASN A 92 -35.15 0.50 8.40
N ASP A 93 -36.35 0.15 7.99
CA ASP A 93 -37.49 1.05 8.18
C ASP A 93 -37.89 1.16 9.64
N GLU A 94 -37.89 0.03 10.37
CA GLU A 94 -38.21 0.08 11.80
C GLU A 94 -37.17 0.91 12.57
N LEU A 95 -35.88 0.70 12.30
CA LEU A 95 -34.84 1.48 12.98
C LEU A 95 -34.93 2.95 12.60
N ALA A 96 -35.22 3.23 11.33
CA ALA A 96 -35.38 4.62 10.90
C ALA A 96 -36.54 5.30 11.64
N ARG A 97 -37.67 4.62 11.81
CA ARG A 97 -38.77 5.23 12.53
C ARG A 97 -38.38 5.50 13.97
N LEU A 98 -37.69 4.56 14.61
CA LEU A 98 -37.18 4.79 15.95
C LEU A 98 -36.23 5.97 15.97
N GLU A 99 -35.34 6.08 14.97
CA GLU A 99 -34.40 7.21 14.93
C GLU A 99 -35.16 8.53 14.82
N THR A 100 -36.22 8.55 14.01
CA THR A 100 -37.07 9.74 13.89
C THR A 100 -37.71 10.11 15.22
N LEU A 101 -38.22 9.12 15.96
CA LEU A 101 -38.86 9.43 17.23
C LEU A 101 -37.88 10.08 18.19
N ASP A 102 -36.63 9.62 18.19
CA ASP A 102 -35.62 10.07 19.14
C ASP A 102 -34.97 11.39 18.74
N THR A 103 -34.84 11.67 17.43
CA THR A 103 -34.10 12.84 16.96
C THR A 103 -34.97 13.96 16.42
N GLY A 104 -36.18 13.64 15.97
CA GLY A 104 -36.99 14.61 15.26
C GLY A 104 -36.67 14.76 13.79
N LYS A 105 -35.74 13.98 13.25
CA LYS A 105 -35.42 14.06 11.84
C LYS A 105 -36.49 13.34 11.01
N PRO A 106 -36.86 13.89 9.85
CA PRO A 106 -37.91 13.26 9.04
C PRO A 106 -37.58 11.83 8.64
N LEU A 107 -38.62 10.99 8.59
CA LEU A 107 -38.46 9.62 8.12
C LEU A 107 -37.93 9.58 6.70
N SER A 108 -38.26 10.58 5.89
CA SER A 108 -37.73 10.68 4.53
C SER A 108 -36.20 10.72 4.55
N GLU A 109 -35.61 11.24 5.62
CA GLU A 109 -34.16 11.18 5.75
C GLU A 109 -33.70 9.88 6.39
N THR A 110 -34.29 9.52 7.55
CA THR A 110 -33.73 8.42 8.32
C THR A 110 -33.82 7.11 7.56
N ALA A 111 -34.93 6.89 6.84
CA ALA A 111 -35.11 5.64 6.12
C ALA A 111 -34.23 5.54 4.87
N ALA A 112 -33.67 6.65 4.40
CA ALA A 112 -32.83 6.65 3.22
C ALA A 112 -31.35 6.86 3.50
N VAL A 113 -30.97 7.37 4.68
CA VAL A 113 -29.57 7.73 4.92
C VAL A 113 -28.98 7.05 6.16
N ASP A 114 -29.60 7.24 7.31
CA ASP A 114 -28.96 6.93 8.59
C ASP A 114 -28.50 5.48 8.68
N ILE A 115 -29.43 4.52 8.57
CA ILE A 115 -29.06 3.11 8.63
C ILE A 115 -28.39 2.66 7.34
N VAL A 116 -28.85 3.18 6.19
CA VAL A 116 -28.28 2.75 4.91
C VAL A 116 -26.78 3.02 4.88
N THR A 117 -26.37 4.25 5.22
CA THR A 117 -24.95 4.59 5.17
C THR A 117 -24.19 4.04 6.38
N GLY A 118 -24.86 3.86 7.51
CA GLY A 118 -24.22 3.17 8.63
C GLY A 118 -23.90 1.73 8.29
N ALA A 119 -24.88 1.03 7.74
CA ALA A 119 -24.67 -0.34 7.33
C ALA A 119 -23.69 -0.44 6.17
N ASP A 120 -23.66 0.55 5.26
CA ASP A 120 -22.66 0.53 4.20
C ASP A 120 -21.24 0.49 4.77
N VAL A 121 -20.97 1.28 5.82
CA VAL A 121 -19.62 1.33 6.37
C VAL A 121 -19.29 0.01 7.05
N LEU A 122 -20.27 -0.60 7.72
CA LEU A 122 -20.03 -1.90 8.35
C LEU A 122 -19.78 -2.98 7.31
N GLU A 123 -20.57 -2.99 6.25
CA GLU A 123 -20.35 -3.91 5.14
C GLU A 123 -18.96 -3.71 4.55
N TYR A 124 -18.57 -2.44 4.37
CA TYR A 124 -17.25 -2.14 3.83
C TYR A 124 -16.14 -2.76 4.68
N TYR A 125 -16.16 -2.51 6.00
CA TYR A 125 -15.06 -3.01 6.82
C TYR A 125 -15.12 -4.52 7.01
N ALA A 126 -16.32 -5.11 7.00
CA ALA A 126 -16.45 -6.56 7.08
C ALA A 126 -15.61 -7.23 6.00
N GLY A 127 -15.65 -6.68 4.77
CA GLY A 127 -14.92 -7.27 3.67
C GLY A 127 -13.43 -7.01 3.70
N LEU A 128 -12.98 -5.97 4.39
CA LEU A 128 -11.55 -5.66 4.44
C LEU A 128 -10.80 -6.40 5.55
N ILE A 129 -11.49 -7.02 6.50
CA ILE A 129 -10.77 -7.66 7.61
C ILE A 129 -9.63 -8.54 7.09
N PRO A 130 -9.86 -9.41 6.09
CA PRO A 130 -8.77 -10.32 5.67
C PRO A 130 -7.62 -9.62 5.01
N ALA A 131 -7.79 -8.38 4.56
CA ALA A 131 -6.74 -7.61 3.90
C ALA A 131 -5.84 -6.86 4.87
N LEU A 132 -6.15 -6.92 6.16
CA LEU A 132 -5.32 -6.24 7.16
C LEU A 132 -4.01 -6.99 7.30
N GLU A 133 -2.92 -6.33 6.94
CA GLU A 133 -1.64 -6.99 6.82
C GLU A 133 -0.55 -6.13 7.46
N GLY A 134 0.45 -6.79 8.02
CA GLY A 134 1.69 -6.15 8.39
C GLY A 134 2.68 -6.14 7.24
N SER A 135 3.92 -5.81 7.57
CA SER A 135 4.99 -5.69 6.60
CA SER A 135 4.98 -5.71 6.59
C SER A 135 6.12 -6.65 6.94
N GLN A 136 7.05 -6.79 6.00
CA GLN A 136 8.30 -7.50 6.25
C GLN A 136 9.40 -6.70 5.58
N ILE A 137 10.48 -6.49 6.30
CA ILE A 137 11.55 -5.62 5.84
C ILE A 137 12.85 -6.40 5.98
N PRO A 138 13.52 -6.74 4.89
CA PRO A 138 14.83 -7.39 5.03
C PRO A 138 15.88 -6.36 5.42
N LEU A 139 16.71 -6.72 6.38
CA LEU A 139 17.83 -5.86 6.75
C LEU A 139 19.14 -6.34 6.15
N ARG A 140 19.35 -7.65 6.19
CA ARG A 140 20.58 -8.30 5.74
C ARG A 140 20.26 -9.79 5.72
N ASP A 141 21.19 -10.58 5.19
CA ASP A 141 20.93 -12.02 5.09
C ASP A 141 20.63 -12.63 6.45
N SER A 142 21.21 -12.07 7.50
CA SER A 142 21.11 -12.66 8.83
C SER A 142 20.06 -12.02 9.72
N SER A 143 19.27 -11.08 9.21
CA SER A 143 18.26 -10.44 10.05
C SER A 143 17.19 -9.80 9.22
N PHE A 144 15.94 -9.90 9.71
CA PHE A 144 14.82 -9.22 9.10
C PHE A 144 13.86 -8.75 10.17
N VAL A 145 12.98 -7.85 9.75
CA VAL A 145 11.93 -7.28 10.58
C VAL A 145 10.59 -7.65 9.97
N TYR A 146 9.62 -8.00 10.83
CA TYR A 146 8.23 -8.06 10.40
C TYR A 146 7.37 -7.33 11.42
N THR A 147 6.23 -6.83 10.95
CA THR A 147 5.31 -6.05 11.74
C THR A 147 3.97 -6.75 11.85
N ARG A 148 3.31 -6.56 12.98
CA ARG A 148 1.93 -7.01 13.20
C ARG A 148 1.04 -5.80 13.43
N ARG A 149 -0.16 -5.86 12.89
CA ARG A 149 -1.19 -4.88 13.20
C ARG A 149 -2.09 -5.51 14.27
N GLU A 150 -1.81 -5.22 15.49
CA GLU A 150 -2.52 -5.84 16.60
C GLU A 150 -3.69 -4.99 17.06
N PRO A 151 -4.74 -5.62 17.58
CA PRO A 151 -5.84 -4.83 18.15
C PRO A 151 -5.35 -3.95 19.29
N LEU A 152 -6.00 -2.80 19.43
CA LEU A 152 -5.75 -1.94 20.58
C LEU A 152 -6.20 -2.57 21.87
N GLY A 153 -7.26 -3.36 21.82
CA GLY A 153 -7.83 -3.96 23.00
C GLY A 153 -9.26 -3.52 23.20
N VAL A 154 -9.52 -2.71 24.24
CA VAL A 154 -10.82 -2.13 24.50
C VAL A 154 -10.77 -0.66 24.11
N VAL A 155 -11.70 -0.24 23.26
CA VAL A 155 -11.79 1.15 22.82
C VAL A 155 -13.18 1.64 23.17
N ALA A 156 -13.32 2.96 23.21
CA ALA A 156 -14.59 3.58 23.57
C ALA A 156 -15.03 4.55 22.48
N GLY A 157 -16.30 4.48 22.11
CA GLY A 157 -16.90 5.45 21.20
C GLY A 157 -17.92 6.29 21.97
N ILE A 158 -17.89 7.59 21.73
CA ILE A 158 -18.83 8.52 22.34
C ILE A 158 -19.57 9.20 21.20
N GLY A 159 -20.88 8.96 21.11
CA GLY A 159 -21.65 9.45 20.00
C GLY A 159 -22.24 10.82 20.21
N ALA A 160 -22.70 11.41 19.12
CA ALA A 160 -23.46 12.65 19.11
C ALA A 160 -24.92 12.31 18.80
N TRP A 161 -25.79 13.32 18.85
CA TRP A 161 -27.22 13.09 18.76
C TRP A 161 -27.82 13.31 17.38
N ASN A 162 -27.07 13.91 16.44
CA ASN A 162 -27.69 14.22 15.15
C ASN A 162 -27.81 12.98 14.27
N TYR A 163 -26.82 12.06 14.30
CA TYR A 163 -26.87 10.81 13.53
C TYR A 163 -26.54 9.63 14.46
N PRO A 164 -27.45 9.29 15.37
CA PRO A 164 -27.10 8.37 16.46
C PRO A 164 -26.63 7.02 15.98
N ILE A 165 -27.43 6.32 15.17
CA ILE A 165 -27.04 4.96 14.78
C ILE A 165 -25.92 5.00 13.74
N GLN A 166 -25.92 5.98 12.84
CA GLN A 166 -24.84 6.09 11.86
C GLN A 166 -23.49 6.26 12.55
N ILE A 167 -23.44 7.15 13.55
CA ILE A 167 -22.18 7.34 14.29
C ILE A 167 -21.79 6.06 15.02
N ALA A 168 -22.75 5.37 15.63
CA ALA A 168 -22.43 4.12 16.32
C ALA A 168 -21.85 3.08 15.37
N LEU A 169 -22.36 3.02 14.13
CA LEU A 169 -21.82 2.11 13.14
C LEU A 169 -20.47 2.57 12.59
N TRP A 170 -20.31 3.87 12.34
CA TRP A 170 -19.04 4.35 11.82
C TRP A 170 -17.90 4.19 12.81
N LYS A 171 -18.20 4.22 14.11
CA LYS A 171 -17.16 3.97 15.10
C LYS A 171 -16.97 2.47 15.37
N SER A 172 -18.05 1.73 15.55
CA SER A 172 -17.93 0.33 15.95
C SER A 172 -17.46 -0.56 14.80
N ALA A 173 -17.80 -0.22 13.56
CA ALA A 173 -17.45 -1.10 12.44
C ALA A 173 -15.95 -1.24 12.27
N PRO A 174 -15.17 -0.17 12.12
CA PRO A 174 -13.72 -0.36 12.03
C PRO A 174 -13.10 -0.89 13.32
N ALA A 175 -13.62 -0.48 14.48
CA ALA A 175 -13.04 -0.96 15.75
C ALA A 175 -13.19 -2.46 15.87
N LEU A 176 -14.41 -2.98 15.64
CA LEU A 176 -14.63 -4.42 15.65
C LEU A 176 -13.90 -5.12 14.51
N ALA A 177 -13.91 -4.55 13.30
CA ALA A 177 -13.23 -5.18 12.18
C ALA A 177 -11.74 -5.28 12.44
N ALA A 178 -11.18 -4.35 13.23
CA ALA A 178 -9.76 -4.40 13.56
C ALA A 178 -9.45 -5.36 14.72
N GLY A 179 -10.45 -6.03 15.27
CA GLY A 179 -10.22 -6.99 16.33
C GLY A 179 -10.42 -6.47 17.73
N ASN A 180 -10.94 -5.26 17.89
CA ASN A 180 -11.18 -4.70 19.21
C ASN A 180 -12.59 -4.99 19.70
N ALA A 181 -12.79 -4.76 21.00
CA ALA A 181 -14.12 -4.57 21.58
C ALA A 181 -14.33 -3.08 21.79
N MET A 182 -15.57 -2.63 21.58
CA MET A 182 -15.92 -1.23 21.77
C MET A 182 -17.01 -1.08 22.80
N ILE A 183 -16.80 -0.15 23.73
CA ILE A 183 -17.85 0.33 24.62
C ILE A 183 -18.36 1.64 24.04
N PHE A 184 -19.65 1.70 23.74
CA PHE A 184 -20.25 2.87 23.10
C PHE A 184 -21.13 3.60 24.09
N LYS A 185 -20.89 4.89 24.25
CA LYS A 185 -21.78 5.75 25.01
C LYS A 185 -22.55 6.64 24.04
N PRO A 186 -23.84 6.41 23.84
CA PRO A 186 -24.60 7.34 23.01
C PRO A 186 -24.86 8.64 23.75
N SER A 187 -25.23 9.66 22.97
CA SER A 187 -25.70 10.91 23.55
C SER A 187 -26.95 10.67 24.40
N GLU A 188 -27.02 11.37 25.55
CA GLU A 188 -28.19 11.26 26.41
C GLU A 188 -29.46 11.73 25.69
N VAL A 189 -29.31 12.57 24.67
CA VAL A 189 -30.46 13.01 23.89
C VAL A 189 -31.07 11.84 23.13
N THR A 190 -30.24 10.91 22.66
CA THR A 190 -30.65 9.93 21.65
C THR A 190 -30.02 8.56 21.92
N PRO A 191 -30.45 7.87 22.97
CA PRO A 191 -29.82 6.58 23.30
C PRO A 191 -30.45 5.36 22.67
N LEU A 192 -31.61 5.48 22.03
CA LEU A 192 -32.41 4.28 21.79
C LEU A 192 -31.81 3.40 20.69
N THR A 193 -31.37 3.98 19.58
CA THR A 193 -30.96 3.12 18.48
C THR A 193 -29.68 2.38 18.80
N ALA A 194 -28.82 2.95 19.65
CA ALA A 194 -27.60 2.26 19.99
C ALA A 194 -27.91 0.97 20.75
N LEU A 195 -28.95 1.00 21.57
CA LEU A 195 -29.32 -0.21 22.29
C LEU A 195 -29.85 -1.26 21.34
N LYS A 196 -30.62 -0.84 20.33
CA LYS A 196 -31.06 -1.78 19.31
C LYS A 196 -29.87 -2.39 18.59
N LEU A 197 -28.88 -1.57 18.25
CA LEU A 197 -27.72 -2.08 17.51
C LEU A 197 -27.00 -3.16 18.31
N ALA A 198 -26.91 -2.97 19.63
CA ALA A 198 -26.24 -3.96 20.47
C ALA A 198 -26.90 -5.33 20.38
N GLU A 199 -28.24 -5.35 20.39
CA GLU A 199 -28.95 -6.62 20.25
C GLU A 199 -28.69 -7.24 18.90
N ILE A 200 -28.67 -6.40 17.86
CA ILE A 200 -28.47 -6.91 16.51
C ILE A 200 -27.10 -7.55 16.39
N TYR A 201 -26.06 -6.91 16.93
CA TYR A 201 -24.74 -7.51 16.89
C TYR A 201 -24.75 -8.90 17.54
N ARG A 202 -25.38 -9.02 18.71
CA ARG A 202 -25.44 -10.31 19.38
C ARG A 202 -26.16 -11.32 18.51
N GLU A 203 -27.29 -10.92 17.93
CA GLU A 203 -28.06 -11.80 17.06
C GLU A 203 -27.23 -12.25 15.87
N ALA A 204 -26.28 -11.41 15.43
CA ALA A 204 -25.42 -11.75 14.32
C ALA A 204 -24.32 -12.72 14.70
N GLY A 205 -24.13 -12.97 15.99
CA GLY A 205 -23.08 -13.84 16.46
C GLY A 205 -21.87 -13.14 17.05
N LEU A 206 -21.92 -11.84 17.24
CA LEU A 206 -20.83 -11.16 17.92
C LEU A 206 -20.65 -11.73 19.33
N PRO A 207 -19.43 -12.09 19.72
CA PRO A 207 -19.25 -12.63 21.07
C PRO A 207 -19.65 -11.63 22.14
N ASP A 208 -20.18 -12.18 23.24
CA ASP A 208 -20.60 -11.35 24.36
C ASP A 208 -19.44 -10.48 24.85
N GLY A 209 -19.72 -9.20 25.06
CA GLY A 209 -18.75 -8.24 25.54
C GLY A 209 -18.08 -7.42 24.47
N VAL A 210 -18.18 -7.85 23.20
CA VAL A 210 -17.42 -7.18 22.15
C VAL A 210 -18.03 -5.82 21.82
N PHE A 211 -19.35 -5.66 22.00
CA PHE A 211 -19.99 -4.35 21.87
C PHE A 211 -20.95 -4.15 23.03
N ASN A 212 -20.54 -3.31 23.98
CA ASN A 212 -21.34 -2.91 25.12
C ASN A 212 -21.81 -1.47 24.96
N VAL A 213 -23.03 -1.18 25.40
CA VAL A 213 -23.60 0.16 25.28
C VAL A 213 -23.96 0.68 26.65
N LEU A 214 -23.41 1.84 27.00
CA LEU A 214 -23.59 2.48 28.31
C LEU A 214 -24.24 3.84 28.11
N PRO A 215 -25.57 3.92 28.13
CA PRO A 215 -26.23 5.23 28.13
C PRO A 215 -25.82 6.01 29.36
N GLY A 216 -25.87 7.34 29.25
CA GLY A 216 -25.57 8.17 30.40
C GLY A 216 -25.36 9.60 29.98
N ILE A 217 -24.93 10.38 30.96
CA ILE A 217 -24.68 11.80 30.83
C ILE A 217 -23.21 12.02 30.56
N GLY A 218 -22.89 13.05 29.79
CA GLY A 218 -21.49 13.31 29.46
C GLY A 218 -20.66 13.60 30.68
N ALA A 219 -21.22 14.38 31.61
CA ALA A 219 -20.44 14.77 32.77
C ALA A 219 -20.03 13.57 33.63
N GLU A 220 -20.76 12.46 33.54
CA GLU A 220 -20.42 11.29 34.35
C GLU A 220 -19.98 10.12 33.49
N THR A 221 -20.89 9.53 32.72
CA THR A 221 -20.57 8.27 32.05
C THR A 221 -19.45 8.49 31.05
N GLY A 222 -19.54 9.59 30.28
CA GLY A 222 -18.47 9.91 29.36
C GLY A 222 -17.14 10.11 30.05
N GLN A 223 -17.15 10.83 31.17
CA GLN A 223 -15.89 11.08 31.87
C GLN A 223 -15.31 9.79 32.44
N TYR A 224 -16.16 8.89 32.92
CA TYR A 224 -15.66 7.63 33.46
C TYR A 224 -14.95 6.83 32.37
N LEU A 225 -15.46 6.87 31.12
CA LEU A 225 -14.80 6.17 30.03
C LEU A 225 -13.46 6.82 29.67
N THR A 226 -13.43 8.14 29.57
CA THR A 226 -12.16 8.80 29.25
C THR A 226 -11.12 8.58 30.33
N GLU A 227 -11.53 8.28 31.57
CA GLU A 227 -10.59 8.14 32.67
C GLU A 227 -10.14 6.71 32.89
N HIS A 228 -10.86 5.73 32.36
CA HIS A 228 -10.58 4.36 32.76
C HIS A 228 -9.20 3.92 32.32
N PRO A 229 -8.41 3.32 33.21
CA PRO A 229 -7.02 2.99 32.87
C PRO A 229 -6.89 1.89 31.82
N ASP A 230 -7.89 1.04 31.60
CA ASP A 230 -7.74 -0.12 30.71
C ASP A 230 -8.42 0.09 29.35
N ILE A 231 -8.85 1.31 29.02
CA ILE A 231 -9.37 1.62 27.69
C ILE A 231 -8.23 2.25 26.91
N ALA A 232 -7.98 1.71 25.71
CA ALA A 232 -6.79 2.08 24.94
C ALA A 232 -7.03 3.22 23.97
N LYS A 233 -8.29 3.48 23.61
CA LYS A 233 -8.55 4.54 22.65
C LYS A 233 -9.95 5.10 22.88
N ILE A 234 -10.08 6.42 22.68
CA ILE A 234 -11.35 7.13 22.71
C ILE A 234 -11.59 7.71 21.33
N SER A 235 -12.77 7.47 20.78
CA SER A 235 -13.23 8.10 19.55
C SER A 235 -14.46 8.92 19.85
N PHE A 236 -14.40 10.23 19.64
CA PHE A 236 -15.44 11.16 20.06
C PHE A 236 -15.97 11.98 18.88
N THR A 237 -17.29 12.05 18.76
CA THR A 237 -17.97 12.94 17.84
C THR A 237 -18.81 13.93 18.65
N GLY A 238 -18.67 15.22 18.36
CA GLY A 238 -19.41 16.22 19.09
C GLY A 238 -18.93 17.62 18.75
N GLY A 239 -19.19 18.56 19.66
CA GLY A 239 -18.80 19.93 19.42
C GLY A 239 -17.32 20.19 19.67
N VAL A 240 -16.83 21.28 19.08
CA VAL A 240 -15.42 21.62 19.19
C VAL A 240 -15.03 21.79 20.66
N ALA A 241 -15.88 22.49 21.43
CA ALA A 241 -15.57 22.77 22.81
C ALA A 241 -15.54 21.50 23.66
N SER A 242 -16.57 20.67 23.54
CA SER A 242 -16.59 19.41 24.29
C SER A 242 -15.41 18.52 23.90
N GLY A 243 -14.99 18.61 22.64
CA GLY A 243 -13.87 17.80 22.18
C GLY A 243 -12.60 18.08 22.98
N LYS A 244 -12.28 19.37 23.17
CA LYS A 244 -11.07 19.70 23.91
C LYS A 244 -11.07 19.11 25.30
N LYS A 245 -12.23 19.08 25.96
CA LYS A 245 -12.29 18.49 27.29
C LYS A 245 -12.04 16.99 27.24
N VAL A 246 -12.66 16.29 26.29
CA VAL A 246 -12.46 14.84 26.18
C VAL A 246 -10.99 14.53 25.90
N MET A 247 -10.39 15.24 24.94
CA MET A 247 -9.01 14.92 24.57
C MET A 247 -8.06 15.17 25.73
N ALA A 248 -8.30 16.23 26.50
CA ALA A 248 -7.45 16.53 27.65
C ALA A 248 -7.58 15.44 28.71
N ASN A 249 -8.82 15.05 29.05
CA ASN A 249 -9.00 14.04 30.09
C ASN A 249 -8.45 12.68 29.69
N SER A 250 -8.45 12.39 28.38
CA SER A 250 -7.90 11.12 27.93
C SER A 250 -6.40 11.05 28.12
N ALA A 251 -5.72 12.19 27.96
CA ALA A 251 -4.28 12.24 28.16
C ALA A 251 -3.93 12.19 29.63
N ALA A 252 -4.63 12.96 30.46
CA ALA A 252 -4.25 13.07 31.87
C ALA A 252 -4.39 11.73 32.60
N SER A 253 -5.33 10.88 32.18
CA SER A 253 -5.59 9.64 32.90
C SER A 253 -4.63 8.53 32.50
N SER A 254 -4.66 8.12 31.21
CA SER A 254 -3.88 6.96 30.79
C SER A 254 -3.25 7.11 29.41
N LEU A 255 -3.16 8.32 28.87
CA LEU A 255 -2.51 8.55 27.58
C LEU A 255 -3.15 7.71 26.48
N LYS A 256 -4.44 7.89 26.29
CA LYS A 256 -5.18 7.14 25.31
C LYS A 256 -4.95 7.71 23.91
N GLU A 257 -4.95 6.84 22.91
CA GLU A 257 -5.11 7.30 21.53
C GLU A 257 -6.49 7.96 21.40
N VAL A 258 -6.58 8.97 20.55
CA VAL A 258 -7.79 9.78 20.47
C VAL A 258 -8.12 10.03 19.00
N THR A 259 -9.42 9.99 18.68
CA THR A 259 -9.95 10.41 17.39
C THR A 259 -11.10 11.35 17.67
N MET A 260 -11.18 12.45 16.92
CA MET A 260 -12.20 13.46 17.16
C MET A 260 -12.75 13.99 15.85
N GLU A 261 -14.07 13.93 15.72
CA GLU A 261 -14.84 14.50 14.63
C GLU A 261 -15.73 15.58 15.24
N LEU A 262 -15.33 16.83 15.09
CA LEU A 262 -15.98 17.98 15.67
C LEU A 262 -16.72 18.75 14.58
N GLY A 263 -17.24 19.93 14.91
CA GLY A 263 -18.01 20.72 13.97
C GLY A 263 -17.12 21.50 13.01
N GLY A 264 -17.76 22.34 12.19
CA GLY A 264 -17.06 23.20 11.27
C GLY A 264 -17.88 24.43 10.94
N LYS A 265 -17.27 25.31 10.14
CA LYS A 265 -17.97 26.42 9.48
C LYS A 265 -17.55 26.38 8.00
N SER A 266 -18.00 25.34 7.32
CA SER A 266 -17.43 24.97 6.04
C SER A 266 -17.84 25.93 4.93
N PRO A 267 -16.91 26.32 4.06
CA PRO A 267 -17.25 27.23 2.97
C PRO A 267 -17.70 26.52 1.70
N LEU A 268 -18.69 27.13 1.05
CA LEU A 268 -19.16 26.72 -0.27
C LEU A 268 -18.90 27.87 -1.24
N ILE A 269 -18.00 27.63 -2.19
CA ILE A 269 -17.56 28.65 -3.13
C ILE A 269 -18.28 28.44 -4.46
N ILE A 270 -19.08 29.42 -4.85
CA ILE A 270 -19.73 29.45 -6.15
C ILE A 270 -18.86 30.27 -7.09
N ALA A 271 -18.39 29.64 -8.17
CA ALA A 271 -17.51 30.33 -9.10
C ALA A 271 -18.30 31.21 -10.06
N GLU A 272 -17.59 32.13 -10.74
CA GLU A 272 -18.28 33.04 -11.64
C GLU A 272 -18.92 32.34 -12.85
N ASP A 273 -18.46 31.15 -13.21
CA ASP A 273 -19.04 30.42 -14.34
C ASP A 273 -20.06 29.38 -13.91
N ALA A 274 -20.51 29.40 -12.66
CA ALA A 274 -21.41 28.37 -12.19
C ALA A 274 -22.82 28.64 -12.66
N ASN A 275 -23.56 27.58 -12.98
CA ASN A 275 -25.00 27.66 -13.18
C ASN A 275 -25.67 27.86 -11.82
N LEU A 276 -26.47 28.92 -11.67
CA LEU A 276 -26.96 29.33 -10.36
C LEU A 276 -28.08 28.45 -9.79
N ASP A 277 -28.83 27.76 -10.65
CA ASP A 277 -29.76 26.74 -10.16
C ASP A 277 -29.00 25.58 -9.51
N LEU A 278 -27.89 25.15 -10.11
CA LEU A 278 -27.10 24.11 -9.47
C LEU A 278 -26.50 24.61 -8.17
N ALA A 279 -25.93 25.82 -8.20
CA ALA A 279 -25.36 26.40 -6.99
C ALA A 279 -26.41 26.50 -5.89
N ALA A 280 -27.61 26.98 -6.23
CA ALA A 280 -28.63 27.14 -5.19
C ALA A 280 -29.09 25.79 -4.66
N ASP A 281 -29.23 24.79 -5.53
CA ASP A 281 -29.59 23.44 -5.07
C ASP A 281 -28.54 22.87 -4.12
N ILE A 282 -27.25 23.05 -4.45
CA ILE A 282 -26.18 22.58 -3.57
C ILE A 282 -26.22 23.32 -2.24
N ALA A 283 -26.38 24.64 -2.28
CA ALA A 283 -26.43 25.41 -1.03
C ALA A 283 -27.59 24.97 -0.15
N MET A 284 -28.75 24.72 -0.75
CA MET A 284 -29.90 24.26 0.03
C MET A 284 -29.57 22.96 0.74
N MET A 285 -29.05 22.00 0.00
CA MET A 285 -28.70 20.72 0.59
C MET A 285 -27.55 20.84 1.59
N ALA A 286 -26.71 21.86 1.45
CA ALA A 286 -25.60 22.03 2.36
C ALA A 286 -25.99 22.74 3.65
N ASN A 287 -27.23 23.21 3.78
CA ASN A 287 -27.63 24.03 4.92
C ASN A 287 -28.87 23.54 5.65
N PHE A 288 -29.79 22.91 4.95
CA PHE A 288 -31.11 22.64 5.50
C PHE A 288 -31.43 21.16 5.65
N TYR A 289 -30.52 20.26 5.31
CA TYR A 289 -30.73 18.85 5.57
C TYR A 289 -30.62 18.57 7.07
N SER A 290 -31.44 17.64 7.57
CA SER A 290 -31.48 17.36 9.00
C SER A 290 -31.67 18.65 9.80
N SER A 291 -32.42 19.59 9.22
CA SER A 291 -32.75 20.89 9.83
C SER A 291 -31.50 21.66 10.23
N GLY A 292 -30.43 21.52 9.45
CA GLY A 292 -29.18 22.23 9.70
C GLY A 292 -28.28 21.63 10.76
N GLN A 293 -28.63 20.45 11.28
CA GLN A 293 -27.87 19.83 12.37
C GLN A 293 -26.88 18.82 11.80
N VAL A 294 -25.96 19.33 10.98
CA VAL A 294 -24.93 18.51 10.33
C VAL A 294 -23.58 19.21 10.44
N CYS A 295 -22.58 18.47 10.89
CA CYS A 295 -21.25 19.06 11.10
C CYS A 295 -20.62 19.58 9.81
N THR A 296 -20.83 18.90 8.68
CA THR A 296 -20.20 19.26 7.42
C THR A 296 -20.95 20.33 6.62
N ASN A 297 -21.97 20.97 7.20
CA ASN A 297 -22.80 21.86 6.41
C ASN A 297 -22.02 23.06 5.88
N GLY A 298 -22.35 23.46 4.65
CA GLY A 298 -21.71 24.59 4.00
C GLY A 298 -22.39 25.90 4.35
N THR A 299 -22.13 26.37 5.57
CA THR A 299 -22.87 27.49 6.15
C THR A 299 -22.32 28.86 5.78
N ARG A 300 -21.14 28.93 5.14
CA ARG A 300 -20.65 30.16 4.55
C ARG A 300 -20.74 29.98 3.05
N VAL A 301 -21.71 30.62 2.42
CA VAL A 301 -21.94 30.50 0.98
C VAL A 301 -21.36 31.75 0.32
N PHE A 302 -20.28 31.56 -0.42
CA PHE A 302 -19.61 32.66 -1.12
C PHE A 302 -20.08 32.70 -2.56
N VAL A 303 -20.63 33.85 -2.94
CA VAL A 303 -21.22 34.03 -4.26
C VAL A 303 -20.56 35.25 -4.88
N PRO A 304 -20.24 35.23 -6.18
CA PRO A 304 -19.70 36.43 -6.82
C PRO A 304 -20.67 37.60 -6.72
N ALA A 305 -20.11 38.79 -6.51
CA ALA A 305 -20.92 39.99 -6.36
C ALA A 305 -21.90 40.17 -7.51
N LYS A 306 -21.46 39.88 -8.73
CA LYS A 306 -22.33 40.11 -9.89
C LYS A 306 -23.54 39.18 -9.90
N PHE A 307 -23.49 38.05 -9.21
CA PHE A 307 -24.59 37.10 -9.20
C PHE A 307 -25.35 37.07 -7.89
N LYS A 308 -24.95 37.89 -6.92
CA LYS A 308 -25.50 37.76 -5.57
C LYS A 308 -27.01 37.96 -5.56
N ALA A 309 -27.49 38.99 -6.25
CA ALA A 309 -28.93 39.29 -6.24
C ALA A 309 -29.72 38.14 -6.84
N GLU A 310 -29.29 37.64 -8.00
CA GLU A 310 -29.98 36.52 -8.62
C GLU A 310 -29.89 35.27 -7.76
N PHE A 311 -28.73 35.01 -7.15
CA PHE A 311 -28.59 33.85 -6.29
C PHE A 311 -29.56 33.95 -5.10
N GLU A 312 -29.68 35.13 -4.51
CA GLU A 312 -30.60 35.33 -3.40
C GLU A 312 -32.03 34.97 -3.81
N HIS A 313 -32.46 35.40 -4.98
N HIS A 313 -32.45 35.43 -4.98
CA HIS A 313 -33.83 35.10 -5.39
CA HIS A 313 -33.81 35.10 -5.44
C HIS A 313 -34.02 33.60 -5.57
C HIS A 313 -34.00 33.60 -5.53
N LYS A 314 -33.01 32.89 -6.07
CA LYS A 314 -33.13 31.46 -6.23
C LYS A 314 -33.17 30.75 -4.88
N ILE A 315 -32.42 31.25 -3.89
CA ILE A 315 -32.52 30.69 -2.54
C ILE A 315 -33.90 30.93 -1.97
N LEU A 316 -34.44 32.14 -2.13
CA LEU A 316 -35.76 32.41 -1.54
C LEU A 316 -36.80 31.46 -2.11
N GLU A 317 -36.78 31.25 -3.42
CA GLU A 317 -37.74 30.37 -4.04
C GLU A 317 -37.62 28.95 -3.50
N ARG A 318 -36.40 28.45 -3.35
CA ARG A 318 -36.25 27.08 -2.90
C ARG A 318 -36.55 26.93 -1.41
N VAL A 319 -36.25 27.97 -0.61
CA VAL A 319 -36.59 27.94 0.80
C VAL A 319 -38.11 27.88 0.97
N GLY A 320 -38.84 28.59 0.12
CA GLY A 320 -40.28 28.56 0.20
C GLY A 320 -40.86 27.18 0.00
N ARG A 321 -40.14 26.29 -0.66
CA ARG A 321 -40.62 24.93 -0.88
C ARG A 321 -40.38 23.98 0.29
N ILE A 322 -39.62 24.38 1.31
CA ILE A 322 -39.34 23.48 2.41
C ILE A 322 -40.65 23.13 3.10
N ARG A 323 -40.83 21.84 3.40
CA ARG A 323 -42.09 21.30 3.92
C ARG A 323 -41.90 20.75 5.32
N ALA A 324 -42.30 21.54 6.31
CA ALA A 324 -42.34 21.11 7.70
C ALA A 324 -43.70 20.50 7.98
N GLY A 325 -43.73 19.47 8.82
CA GLY A 325 -44.98 18.80 9.14
C GLY A 325 -44.73 17.47 9.80
N ASP A 326 -45.72 16.58 9.68
CA ASP A 326 -45.64 15.24 10.25
C ASP A 326 -44.38 14.53 9.75
N LEU A 327 -43.55 14.10 10.69
CA LEU A 327 -42.25 13.52 10.35
C LEU A 327 -42.38 12.16 9.69
N PHE A 328 -43.54 11.51 9.77
CA PHE A 328 -43.73 10.21 9.13
C PHE A 328 -44.39 10.31 7.77
N ALA A 329 -44.75 11.51 7.31
CA ALA A 329 -45.32 11.72 5.97
C ALA A 329 -44.23 11.86 4.93
N ASP A 330 -44.46 11.29 3.75
CA ASP A 330 -43.41 11.22 2.72
C ASP A 330 -42.95 12.61 2.29
N ASP A 331 -43.85 13.57 2.20
CA ASP A 331 -43.46 14.87 1.69
C ASP A 331 -42.78 15.76 2.74
N THR A 332 -42.77 15.39 4.02
CA THR A 332 -42.05 16.20 5.00
C THR A 332 -40.54 16.08 4.77
N ASN A 333 -39.87 17.21 4.60
CA ASN A 333 -38.41 17.21 4.42
C ASN A 333 -37.69 18.11 5.42
N PHE A 334 -38.37 18.53 6.49
CA PHE A 334 -37.78 19.43 7.47
C PHE A 334 -38.40 19.12 8.83
N GLY A 335 -37.56 18.98 9.85
CA GLY A 335 -38.00 18.61 11.17
C GLY A 335 -37.67 19.69 12.17
N PRO A 336 -38.11 19.51 13.40
CA PRO A 336 -37.70 20.42 14.47
C PRO A 336 -36.26 20.16 14.85
N LEU A 337 -35.70 21.08 15.63
CA LEU A 337 -34.40 20.84 16.23
C LEU A 337 -34.55 19.83 17.37
N VAL A 338 -33.41 19.24 17.76
CA VAL A 338 -33.46 18.07 18.61
C VAL A 338 -33.98 18.36 20.02
N SER A 339 -33.92 19.61 20.48
CA SER A 339 -34.30 19.93 21.84
C SER A 339 -34.60 21.41 21.93
N PHE A 340 -35.31 21.80 23.00
CA PHE A 340 -35.61 23.22 23.19
C PHE A 340 -34.36 23.99 23.57
N PRO A 341 -33.46 23.47 24.40
CA PRO A 341 -32.21 24.21 24.64
C PRO A 341 -31.40 24.46 23.37
N HIS A 342 -31.32 23.49 22.48
CA HIS A 342 -30.54 23.73 21.27
C HIS A 342 -31.20 24.79 20.39
N ARG A 343 -32.52 24.75 20.25
CA ARG A 343 -33.21 25.81 19.51
C ARG A 343 -32.94 27.18 20.13
N GLN A 344 -32.85 27.24 21.47
CA GLN A 344 -32.60 28.51 22.13
C GLN A 344 -31.28 29.09 21.67
N ASN A 345 -30.26 28.24 21.58
CA ASN A 345 -28.96 28.67 21.08
C ASN A 345 -29.04 29.13 19.63
N VAL A 346 -29.78 28.40 18.80
CA VAL A 346 -29.90 28.80 17.39
C VAL A 346 -30.61 30.15 17.30
N LEU A 347 -31.61 30.37 18.15
CA LEU A 347 -32.33 31.64 18.15
C LEU A 347 -31.45 32.79 18.60
N ARG A 348 -30.52 32.55 19.53
CA ARG A 348 -29.60 33.60 19.94
C ARG A 348 -28.69 34.01 18.79
N TYR A 349 -28.22 33.03 18.02
CA TYR A 349 -27.40 33.36 16.85
C TYR A 349 -28.19 34.20 15.85
N ILE A 350 -29.45 33.84 15.61
CA ILE A 350 -30.24 34.61 14.66
C ILE A 350 -30.37 36.05 15.13
N GLU A 351 -30.60 36.25 16.43
CA GLU A 351 -30.71 37.60 16.97
C GLU A 351 -29.39 38.34 16.83
N SER A 352 -28.27 37.67 17.06
CA SER A 352 -26.98 38.34 16.85
C SER A 352 -26.81 38.75 15.38
N GLY A 353 -27.29 37.93 14.45
CA GLY A 353 -27.22 38.32 13.05
C GLY A 353 -27.96 39.62 12.79
N LYS A 354 -29.19 39.71 13.30
CA LYS A 354 -29.96 40.95 13.15
C LYS A 354 -29.25 42.12 13.81
N SER A 355 -28.78 41.95 15.05
CA SER A 355 -28.21 43.09 15.75
C SER A 355 -26.88 43.52 15.14
N GLU A 356 -26.16 42.61 14.51
CA GLU A 356 -24.87 42.96 13.92
C GLU A 356 -25.00 43.48 12.49
N GLY A 357 -26.23 43.62 11.98
CA GLY A 357 -26.45 44.29 10.72
C GLY A 357 -26.54 43.40 9.50
N ALA A 358 -26.50 42.09 9.67
CA ALA A 358 -26.76 41.21 8.53
C ALA A 358 -28.22 41.35 8.11
N ARG A 359 -28.46 41.21 6.82
CA ARG A 359 -29.82 41.37 6.27
C ARG A 359 -30.53 40.01 6.27
N LEU A 360 -31.70 39.97 6.92
CA LEU A 360 -32.51 38.77 6.98
C LEU A 360 -33.24 38.58 5.66
N LEU A 361 -32.91 37.50 4.96
CA LEU A 361 -33.55 37.23 3.68
C LEU A 361 -34.82 36.43 3.87
N CYS A 362 -34.85 35.50 4.82
CA CYS A 362 -36.06 34.78 5.13
C CYS A 362 -35.93 34.03 6.46
N GLY A 363 -37.07 33.63 7.00
CA GLY A 363 -37.11 32.88 8.24
C GLY A 363 -36.73 33.71 9.44
N GLY A 364 -36.11 33.07 10.41
CA GLY A 364 -35.64 33.77 11.60
C GLY A 364 -36.49 33.61 12.84
N ASP A 365 -37.58 32.85 12.80
CA ASP A 365 -38.46 32.77 13.96
C ASP A 365 -38.85 31.33 14.23
N VAL A 366 -39.38 31.09 15.44
CA VAL A 366 -39.93 29.78 15.73
C VAL A 366 -41.18 29.57 14.86
N LEU A 367 -41.52 28.30 14.65
CA LEU A 367 -42.77 27.95 14.00
C LEU A 367 -43.84 27.82 15.08
N LYS A 368 -45.06 28.24 14.72
CA LYS A 368 -46.21 28.32 15.63
C LYS A 368 -47.40 27.64 14.96
N GLY A 369 -48.34 27.19 15.78
CA GLY A 369 -49.55 26.56 15.30
C GLY A 369 -49.64 25.09 15.67
N GLU A 370 -50.81 24.51 15.37
CA GLU A 370 -51.04 23.10 15.66
C GLU A 370 -50.00 22.25 14.95
N GLY A 371 -49.39 21.32 15.69
CA GLY A 371 -48.32 20.48 15.18
C GLY A 371 -46.92 21.04 15.35
N PHE A 372 -46.79 22.29 15.79
CA PHE A 372 -45.49 22.91 16.00
C PHE A 372 -45.27 23.40 17.42
N ASP A 373 -46.33 23.68 18.17
CA ASP A 373 -46.19 24.30 19.49
C ASP A 373 -45.47 23.39 20.49
N ASN A 374 -45.55 22.07 20.33
CA ASN A 374 -44.89 21.16 21.25
C ASN A 374 -43.51 20.72 20.77
N GLY A 375 -43.06 21.22 19.63
CA GLY A 375 -41.74 20.87 19.14
C GLY A 375 -40.84 22.07 19.06
N ALA A 376 -39.55 21.81 18.97
CA ALA A 376 -38.53 22.87 18.96
C ALA A 376 -38.24 23.32 17.52
N TRP A 377 -39.28 23.78 16.84
CA TRP A 377 -39.15 24.13 15.45
C TRP A 377 -38.60 25.54 15.30
N VAL A 378 -37.68 25.70 14.35
CA VAL A 378 -37.19 27.00 13.87
C VAL A 378 -37.36 27.05 12.36
N ALA A 379 -37.82 28.17 11.84
CA ALA A 379 -37.97 28.31 10.40
C ALA A 379 -36.62 28.30 9.69
N PRO A 380 -36.55 27.75 8.48
CA PRO A 380 -35.32 27.87 7.68
C PRO A 380 -34.92 29.33 7.48
N THR A 381 -33.66 29.65 7.77
CA THR A 381 -33.24 31.04 7.88
C THR A 381 -32.06 31.30 6.96
N VAL A 382 -32.10 32.44 6.27
CA VAL A 382 -31.02 32.86 5.38
C VAL A 382 -30.66 34.32 5.68
N PHE A 383 -29.38 34.56 5.93
CA PHE A 383 -28.84 35.91 6.09
C PHE A 383 -27.97 36.24 4.88
N THR A 384 -28.01 37.49 4.43
CA THR A 384 -27.13 37.93 3.37
C THR A 384 -26.51 39.26 3.77
N ASP A 385 -25.72 39.83 2.87
CA ASP A 385 -24.91 41.02 3.19
C ASP A 385 -24.03 40.74 4.42
N CYS A 386 -23.55 39.51 4.54
CA CYS A 386 -22.74 39.13 5.68
C CYS A 386 -21.27 39.50 5.49
N THR A 387 -20.57 39.67 6.59
CA THR A 387 -19.16 40.00 6.60
C THR A 387 -18.41 39.05 7.52
N ASP A 388 -17.09 38.94 7.27
CA ASP A 388 -16.30 37.90 7.91
C ASP A 388 -16.21 38.06 9.42
N ASP A 389 -16.52 39.24 9.95
CA ASP A 389 -16.39 39.50 11.39
C ASP A 389 -17.67 39.19 12.17
N MET A 390 -18.77 38.92 11.50
CA MET A 390 -20.02 38.69 12.21
C MET A 390 -20.00 37.35 12.94
N THR A 391 -20.71 37.32 14.08
CA THR A 391 -20.78 36.11 14.89
C THR A 391 -21.37 34.93 14.12
N ILE A 392 -22.44 35.16 13.34
CA ILE A 392 -23.07 34.08 12.59
C ILE A 392 -22.16 33.52 11.51
N VAL A 393 -21.20 34.32 11.04
CA VAL A 393 -20.26 33.86 10.05
C VAL A 393 -19.07 33.12 10.67
N ARG A 394 -18.73 33.45 11.91
CA ARG A 394 -17.52 32.90 12.52
C ARG A 394 -17.76 31.61 13.29
N GLU A 395 -18.97 31.38 13.78
CA GLU A 395 -19.24 30.31 14.73
C GLU A 395 -20.23 29.31 14.18
N GLU A 396 -20.03 28.05 14.53
CA GLU A 396 -20.96 27.00 14.14
C GLU A 396 -22.28 27.20 14.88
N ILE A 397 -23.38 27.21 14.14
CA ILE A 397 -24.70 27.39 14.72
C ILE A 397 -25.39 26.05 14.93
N PHE A 398 -25.18 25.12 14.00
CA PHE A 398 -25.81 23.81 14.07
C PHE A 398 -27.33 23.93 14.01
N GLY A 399 -27.78 24.90 13.22
CA GLY A 399 -29.18 25.08 12.97
C GLY A 399 -29.38 25.46 11.53
N PRO A 400 -30.63 25.63 11.12
CA PRO A 400 -30.90 25.93 9.70
C PRO A 400 -30.70 27.41 9.40
N VAL A 401 -29.44 27.84 9.32
CA VAL A 401 -29.08 29.25 9.16
C VAL A 401 -27.95 29.34 8.15
N MET A 402 -28.25 29.83 6.96
CA MET A 402 -27.30 30.04 5.89
C MET A 402 -26.81 31.48 5.90
N SER A 403 -25.49 31.67 5.74
CA SER A 403 -24.87 32.98 5.60
C SER A 403 -24.34 33.16 4.19
N ILE A 404 -24.84 34.16 3.47
CA ILE A 404 -24.43 34.47 2.10
C ILE A 404 -23.46 35.65 2.12
N LEU A 405 -22.29 35.43 1.53
CA LEU A 405 -21.21 36.40 1.46
C LEU A 405 -20.80 36.63 0.01
N SER A 406 -20.55 37.88 -0.34
CA SER A 406 -20.09 38.28 -1.66
CA SER A 406 -20.09 38.23 -1.68
C SER A 406 -18.57 38.31 -1.73
N TYR A 407 -18.04 38.05 -2.92
CA TYR A 407 -16.60 38.17 -3.16
C TYR A 407 -16.39 38.64 -4.60
N ASP A 408 -15.16 39.12 -4.86
CA ASP A 408 -14.81 39.71 -6.15
C ASP A 408 -13.82 38.90 -6.95
N ASP A 409 -12.86 38.21 -6.34
CA ASP A 409 -11.85 37.48 -7.10
C ASP A 409 -11.46 36.18 -6.39
N GLU A 410 -10.87 35.29 -7.18
CA GLU A 410 -10.60 33.93 -6.73
C GLU A 410 -9.63 33.92 -5.54
N ALA A 411 -8.54 34.70 -5.64
CA ALA A 411 -7.57 34.74 -4.55
C ALA A 411 -8.21 35.22 -3.26
N GLU A 412 -9.07 36.23 -3.35
CA GLU A 412 -9.75 36.75 -2.18
C GLU A 412 -10.61 35.66 -1.53
N VAL A 413 -11.40 34.95 -2.33
CA VAL A 413 -12.33 34.00 -1.75
C VAL A 413 -11.59 32.83 -1.10
N ILE A 414 -10.45 32.41 -1.67
CA ILE A 414 -9.67 31.36 -1.02
C ILE A 414 -9.18 31.81 0.35
N ARG A 415 -8.68 33.06 0.45
CA ARG A 415 -8.19 33.55 1.73
C ARG A 415 -9.29 33.51 2.77
N ARG A 416 -10.44 34.07 2.43
CA ARG A 416 -11.55 34.17 3.35
C ARG A 416 -12.10 32.79 3.71
N ALA A 417 -12.15 31.88 2.74
CA ALA A 417 -12.61 30.53 3.02
C ALA A 417 -11.73 29.85 4.06
N ASN A 418 -10.43 30.09 3.99
CA ASN A 418 -9.45 29.48 4.86
C ASN A 418 -9.24 30.23 6.17
N ALA A 419 -9.71 31.47 6.28
CA ALA A 419 -9.46 32.32 7.46
C ALA A 419 -10.44 31.95 8.58
N THR A 420 -10.20 30.77 9.15
CA THR A 420 -11.07 30.21 10.17
C THR A 420 -10.28 29.15 10.90
N GLU A 421 -10.65 28.94 12.16
CA GLU A 421 -10.09 27.86 12.97
C GLU A 421 -10.69 26.51 12.63
N TYR A 422 -11.88 26.51 12.04
CA TYR A 422 -12.50 25.28 11.61
C TYR A 422 -11.84 24.80 10.33
N GLY A 423 -11.97 23.51 10.06
CA GLY A 423 -11.39 22.89 8.89
C GLY A 423 -12.09 21.66 8.38
N LEU A 424 -13.40 21.53 8.56
CA LEU A 424 -13.98 20.22 8.30
C LEU A 424 -14.21 19.96 6.80
N ALA A 425 -15.06 20.75 6.16
CA ALA A 425 -15.44 20.49 4.77
C ALA A 425 -15.34 21.76 3.96
N ALA A 426 -15.47 21.59 2.64
CA ALA A 426 -15.48 22.70 1.70
C ALA A 426 -16.00 22.20 0.35
N GLY A 427 -16.36 23.15 -0.51
CA GLY A 427 -16.80 22.78 -1.84
C GLY A 427 -16.74 23.94 -2.78
N VAL A 428 -16.74 23.61 -4.07
CA VAL A 428 -16.71 24.60 -5.14
C VAL A 428 -17.70 24.17 -6.22
N VAL A 429 -18.39 25.14 -6.80
CA VAL A 429 -19.28 24.90 -7.92
C VAL A 429 -18.70 25.64 -9.11
N THR A 430 -18.28 24.89 -10.12
CA THR A 430 -17.73 25.43 -11.35
C THR A 430 -17.67 24.32 -12.38
N PRO A 431 -18.00 24.58 -13.64
CA PRO A 431 -17.79 23.58 -14.70
C PRO A 431 -16.38 23.55 -15.25
N ASP A 432 -15.52 24.46 -14.83
CA ASP A 432 -14.20 24.59 -15.42
C ASP A 432 -13.22 23.62 -14.76
N LEU A 433 -12.53 22.84 -15.59
CA LEU A 433 -11.61 21.83 -15.10
C LEU A 433 -10.53 22.43 -14.20
N ASN A 434 -9.86 23.47 -14.69
CA ASN A 434 -8.72 24.03 -13.96
C ASN A 434 -9.18 24.68 -12.67
N ARG A 435 -10.27 25.44 -12.74
CA ARG A 435 -10.74 26.17 -11.57
C ARG A 435 -11.13 25.21 -10.46
N ALA A 436 -11.80 24.11 -10.79
CA ALA A 436 -12.27 23.19 -9.76
C ALA A 436 -11.10 22.59 -8.98
N HIS A 437 -10.13 22.02 -9.71
CA HIS A 437 -9.01 21.40 -9.01
C HIS A 437 -8.12 22.45 -8.38
N ARG A 438 -7.90 23.56 -9.08
CA ARG A 438 -7.01 24.60 -8.60
C ARG A 438 -7.49 25.15 -7.26
N ILE A 439 -8.78 25.46 -7.15
CA ILE A 439 -9.32 26.03 -5.92
C ILE A 439 -9.35 25.00 -4.80
N ILE A 440 -9.83 23.79 -5.11
CA ILE A 440 -9.98 22.77 -4.06
C ILE A 440 -8.63 22.48 -3.42
N HIS A 441 -7.55 22.46 -4.21
CA HIS A 441 -6.24 22.09 -3.68
C HIS A 441 -5.74 23.09 -2.65
N GLN A 442 -6.21 24.34 -2.70
CA GLN A 442 -5.76 25.38 -1.76
C GLN A 442 -6.64 25.50 -0.52
N LEU A 443 -7.77 24.81 -0.48
CA LEU A 443 -8.68 24.95 0.65
C LEU A 443 -8.22 24.09 1.82
N GLU A 444 -8.37 24.63 3.03
CA GLU A 444 -7.86 23.95 4.22
C GLU A 444 -8.99 23.19 4.88
N ALA A 445 -9.32 22.04 4.30
CA ALA A 445 -10.38 21.20 4.84
C ALA A 445 -10.13 19.77 4.44
N GLY A 446 -10.60 18.84 5.27
CA GLY A 446 -10.40 17.42 5.01
C GLY A 446 -11.42 16.79 4.07
N ILE A 447 -12.58 17.41 3.87
CA ILE A 447 -13.65 16.85 3.04
C ILE A 447 -14.03 17.91 2.04
N CYS A 448 -13.78 17.65 0.76
CA CYS A 448 -14.00 18.64 -0.30
C CYS A 448 -14.88 18.06 -1.40
N TRP A 449 -15.92 18.81 -1.76
CA TRP A 449 -16.88 18.40 -2.77
C TRP A 449 -16.83 19.35 -3.96
N ILE A 450 -16.78 18.77 -5.16
CA ILE A 450 -16.82 19.53 -6.41
C ILE A 450 -18.17 19.30 -7.07
N ASN A 451 -18.95 20.38 -7.20
CA ASN A 451 -20.28 20.35 -7.84
C ASN A 451 -21.24 19.38 -7.14
N SER A 452 -21.15 19.31 -5.81
CA SER A 452 -22.00 18.42 -5.03
CA SER A 452 -22.03 18.44 -5.04
C SER A 452 -21.83 18.79 -3.58
N TRP A 453 -22.56 18.09 -2.69
CA TRP A 453 -22.37 18.26 -1.25
C TRP A 453 -22.92 17.03 -0.53
N GLY A 454 -22.22 16.61 0.52
CA GLY A 454 -22.77 15.72 1.55
C GLY A 454 -22.41 14.25 1.40
N GLU A 455 -22.09 13.78 0.20
CA GLU A 455 -21.90 12.34 0.02
C GLU A 455 -20.61 11.90 0.71
N SER A 456 -20.69 10.82 1.47
CA SER A 456 -19.58 10.38 2.30
C SER A 456 -19.39 8.89 2.11
N PRO A 457 -18.83 8.48 0.98
CA PRO A 457 -18.70 7.04 0.71
C PRO A 457 -17.85 6.32 1.74
N ALA A 458 -18.18 5.04 1.95
CA ALA A 458 -17.44 4.24 2.92
C ALA A 458 -15.95 4.22 2.61
N GLU A 459 -15.57 4.35 1.35
CA GLU A 459 -14.17 4.28 0.93
C GLU A 459 -13.40 5.56 1.22
N MET A 460 -14.08 6.67 1.48
CA MET A 460 -13.48 7.98 1.51
C MET A 460 -13.16 8.40 2.94
N PRO A 461 -11.88 8.56 3.32
CA PRO A 461 -11.57 9.08 4.65
C PRO A 461 -12.14 10.48 4.83
N VAL A 462 -12.74 10.73 6.00
CA VAL A 462 -13.38 12.00 6.28
C VAL A 462 -12.98 12.45 7.67
N GLY A 463 -12.68 13.73 7.80
CA GLY A 463 -12.30 14.31 9.07
C GLY A 463 -11.81 15.72 8.84
N GLY A 464 -11.48 16.38 9.94
CA GLY A 464 -11.23 17.80 9.95
C GLY A 464 -9.77 18.19 9.99
N TYR A 465 -9.47 19.32 9.36
CA TYR A 465 -8.26 20.07 9.63
C TYR A 465 -8.44 20.94 10.88
N LYS A 466 -7.31 21.38 11.45
CA LYS A 466 -7.26 22.42 12.50
C LYS A 466 -8.18 22.01 13.65
N HIS A 467 -9.09 22.87 14.10
CA HIS A 467 -9.91 22.63 15.27
C HIS A 467 -11.09 21.71 14.99
N SER A 468 -11.26 21.27 13.74
CA SER A 468 -12.42 20.45 13.41
C SER A 468 -12.19 18.97 13.66
N GLY A 469 -10.98 18.53 13.97
CA GLY A 469 -10.84 17.13 14.32
C GLY A 469 -9.41 16.65 14.45
N ILE A 470 -9.31 15.42 14.92
CA ILE A 470 -8.06 14.68 15.03
C ILE A 470 -8.32 13.34 14.38
N GLY A 471 -7.46 12.94 13.44
CA GLY A 471 -7.66 11.65 12.81
C GLY A 471 -8.81 11.65 11.82
N ARG A 472 -9.20 10.46 11.40
CA ARG A 472 -10.18 10.30 10.33
C ARG A 472 -11.12 9.15 10.63
N GLU A 473 -12.25 9.15 9.92
CA GLU A 473 -13.15 8.02 9.90
C GLU A 473 -13.35 7.57 8.45
N ASN A 474 -13.70 6.28 8.30
CA ASN A 474 -13.93 5.64 7.00
C ASN A 474 -12.65 5.49 6.18
N GLY A 475 -12.74 4.76 5.07
CA GLY A 475 -11.58 4.45 4.29
C GLY A 475 -10.74 3.35 4.92
N VAL A 476 -9.77 2.85 4.13
CA VAL A 476 -8.88 1.80 4.62
CA VAL A 476 -8.88 1.80 4.63
C VAL A 476 -8.03 2.30 5.79
N MET A 477 -7.72 3.59 5.81
CA MET A 477 -6.83 4.07 6.85
C MET A 477 -7.49 3.99 8.23
N THR A 478 -8.80 4.07 8.31
CA THR A 478 -9.42 4.04 9.63
C THR A 478 -9.39 2.62 10.20
N LEU A 479 -9.46 1.62 9.33
CA LEU A 479 -9.26 0.26 9.81
C LEU A 479 -7.89 0.11 10.43
N GLN A 480 -6.87 0.66 9.78
CA GLN A 480 -5.51 0.55 10.30
C GLN A 480 -5.35 1.32 11.61
N SER A 481 -6.03 2.47 11.72
CA SER A 481 -5.91 3.33 12.91
C SER A 481 -6.54 2.71 14.15
N TYR A 482 -7.34 1.66 14.01
CA TYR A 482 -7.83 0.89 15.15
C TYR A 482 -6.95 -0.31 15.44
N THR A 483 -5.77 -0.36 14.86
CA THR A 483 -4.73 -1.30 15.24
C THR A 483 -3.52 -0.50 15.70
N GLN A 484 -2.60 -1.19 16.34
CA GLN A 484 -1.31 -0.62 16.73
C GLN A 484 -0.21 -1.48 16.14
N VAL A 485 0.88 -0.85 15.74
CA VAL A 485 1.97 -1.55 15.10
C VAL A 485 2.91 -2.11 16.15
N LYS A 486 3.24 -3.40 16.01
CA LYS A 486 4.35 -4.02 16.73
C LYS A 486 5.41 -4.40 15.68
N SER A 487 6.63 -3.91 15.87
CA SER A 487 7.75 -4.29 15.01
C SER A 487 8.59 -5.34 15.73
N ILE A 488 8.94 -6.39 15.01
CA ILE A 488 9.65 -7.55 15.53
C ILE A 488 10.89 -7.76 14.69
N GLN A 489 12.06 -7.66 15.31
CA GLN A 489 13.30 -7.97 14.62
C GLN A 489 13.72 -9.39 14.97
N VAL A 490 13.94 -10.20 13.94
CA VAL A 490 14.54 -11.52 14.06
C VAL A 490 16.02 -11.38 13.72
N GLU A 491 16.88 -11.51 14.72
CA GLU A 491 18.32 -11.46 14.54
C GLU A 491 18.87 -12.89 14.59
N MET A 492 19.28 -13.39 13.44
CA MET A 492 19.83 -14.73 13.30
C MET A 492 21.36 -14.74 13.33
N GLY A 493 22.00 -13.58 13.33
CA GLY A 493 23.44 -13.54 13.45
C GLY A 493 23.85 -13.56 14.90
N PRO A 494 25.14 -13.79 15.16
CA PRO A 494 25.63 -13.79 16.56
C PRO A 494 25.64 -12.39 17.13
N PHE A 495 25.02 -12.23 18.29
CA PHE A 495 24.92 -10.91 18.92
C PHE A 495 26.23 -10.54 19.57
N GLN A 496 26.63 -9.28 19.38
CA GLN A 496 27.90 -8.78 19.89
C GLN A 496 27.64 -7.72 20.95
N SER A 497 28.22 -7.92 22.13
CA SER A 497 28.18 -6.93 23.19
C SER A 497 29.51 -6.18 23.22
N ILE A 498 29.44 -4.86 23.42
CA ILE A 498 30.66 -4.07 23.58
C ILE A 498 31.22 -4.15 24.99
N PHE A 499 30.56 -4.87 25.89
CA PHE A 499 31.02 -4.96 27.27
C PHE A 499 31.75 -6.28 27.53
N ARG B 12 36.77 10.04 -36.39
CA ARG B 12 36.11 8.78 -36.09
C ARG B 12 36.44 8.33 -34.67
N MET B 13 35.60 7.45 -34.13
CA MET B 13 35.83 6.91 -32.80
C MET B 13 36.57 5.57 -32.90
N ALA B 14 37.05 5.11 -31.76
CA ALA B 14 37.69 3.82 -31.67
C ALA B 14 36.68 2.70 -31.84
N GLU B 15 37.16 1.54 -32.27
CA GLU B 15 36.30 0.37 -32.37
C GLU B 15 35.64 0.12 -31.02
N GLN B 16 34.32 0.04 -31.04
CA GLN B 16 33.56 -0.13 -29.80
C GLN B 16 33.47 -1.62 -29.45
N GLN B 17 33.80 -1.95 -28.20
CA GLN B 17 33.84 -3.31 -27.72
C GLN B 17 32.61 -3.62 -26.89
N LEU B 18 32.50 -4.88 -26.45
CA LEU B 18 31.52 -5.24 -25.45
C LEU B 18 31.95 -4.79 -24.07
N TYR B 19 30.99 -4.64 -23.18
CA TYR B 19 31.27 -4.30 -21.77
C TYR B 19 30.77 -5.45 -20.92
N ILE B 20 31.70 -6.23 -20.35
CA ILE B 20 31.37 -7.39 -19.53
C ILE B 20 32.24 -7.36 -18.27
N HIS B 21 31.60 -7.43 -17.11
CA HIS B 21 32.27 -7.51 -15.82
C HIS B 21 33.23 -6.33 -15.60
N GLY B 22 32.70 -5.12 -15.78
CA GLY B 22 33.45 -3.93 -15.41
C GLY B 22 34.57 -3.52 -16.35
N LYS B 23 34.62 -4.07 -17.56
CA LYS B 23 35.65 -3.69 -18.51
C LYS B 23 35.17 -3.92 -19.94
N PHE B 24 35.78 -3.18 -20.87
CA PHE B 24 35.57 -3.45 -22.28
C PHE B 24 36.32 -4.71 -22.69
N VAL B 25 35.70 -5.51 -23.55
CA VAL B 25 36.25 -6.81 -23.92
C VAL B 25 35.87 -7.11 -25.36
N ALA B 26 36.79 -7.74 -26.06
CA ALA B 26 36.55 -8.11 -27.45
C ALA B 26 35.50 -9.22 -27.55
N ALA B 27 34.60 -9.06 -28.50
CA ALA B 27 33.66 -10.13 -28.81
C ALA B 27 34.41 -11.30 -29.44
N THR B 28 33.88 -12.50 -29.23
CA THR B 28 34.42 -13.72 -29.84
C THR B 28 33.63 -14.17 -31.06
N SER B 29 32.67 -13.38 -31.51
CA SER B 29 31.86 -13.77 -32.66
C SER B 29 32.59 -13.59 -33.98
N GLY B 30 33.61 -12.74 -34.03
CA GLY B 30 34.22 -12.39 -35.29
C GLY B 30 33.40 -11.47 -36.15
N LYS B 31 32.33 -10.92 -35.61
CA LYS B 31 31.41 -10.09 -36.40
C LYS B 31 31.39 -8.68 -35.84
N THR B 32 31.16 -7.72 -36.72
CA THR B 32 31.07 -6.31 -36.38
C THR B 32 29.92 -5.70 -37.16
N PHE B 33 29.53 -4.49 -36.78
CA PHE B 33 28.58 -3.72 -37.55
C PHE B 33 28.96 -2.25 -37.42
N GLU B 34 28.38 -1.43 -38.27
CA GLU B 34 28.67 0.00 -38.30
C GLU B 34 27.42 0.77 -37.91
N THR B 35 27.61 1.86 -37.17
CA THR B 35 26.55 2.80 -36.86
C THR B 35 26.78 4.07 -37.66
N ILE B 36 25.72 4.58 -38.25
CA ILE B 36 25.78 5.67 -39.21
C ILE B 36 25.33 6.95 -38.56
N ASN B 37 26.01 8.04 -38.87
CA ASN B 37 25.53 9.37 -38.50
C ASN B 37 24.39 9.72 -39.46
N PRO B 38 23.16 9.84 -38.97
CA PRO B 38 22.03 10.05 -39.89
C PRO B 38 21.99 11.41 -40.56
N ALA B 39 22.82 12.35 -40.12
CA ALA B 39 22.83 13.65 -40.75
C ALA B 39 23.80 13.74 -41.92
N THR B 40 24.77 12.83 -41.98
CA THR B 40 25.79 12.88 -43.02
C THR B 40 25.92 11.60 -43.83
N GLY B 41 25.47 10.46 -43.31
CA GLY B 41 25.72 9.18 -43.94
C GLY B 41 27.04 8.53 -43.61
N GLU B 42 27.92 9.23 -42.86
CA GLU B 42 29.25 8.72 -42.52
C GLU B 42 29.18 7.68 -41.40
N VAL B 43 30.18 6.80 -41.38
CA VAL B 43 30.34 5.82 -40.31
C VAL B 43 30.82 6.52 -39.04
N LEU B 44 30.02 6.44 -37.98
CA LEU B 44 30.42 6.94 -36.67
C LEU B 44 31.41 6.01 -36.00
N ALA B 45 31.18 4.71 -36.07
CA ALA B 45 32.03 3.75 -35.39
C ALA B 45 31.71 2.35 -35.91
N THR B 46 32.72 1.49 -35.79
CA THR B 46 32.55 0.05 -35.95
C THR B 46 32.36 -0.56 -34.56
N VAL B 47 31.33 -1.40 -34.41
CA VAL B 47 30.90 -1.94 -33.12
C VAL B 47 30.92 -3.46 -33.20
N GLN B 48 31.54 -4.10 -32.22
CA GLN B 48 31.59 -5.55 -32.15
C GLN B 48 30.25 -6.15 -31.77
N ALA B 49 29.93 -7.31 -32.35
CA ALA B 49 28.65 -7.96 -32.17
C ALA B 49 28.81 -9.18 -31.28
N ALA B 50 27.98 -9.28 -30.24
CA ALA B 50 28.10 -10.37 -29.28
C ALA B 50 27.47 -11.64 -29.83
N GLY B 51 28.25 -12.72 -29.84
CA GLY B 51 27.77 -14.04 -30.24
C GLY B 51 27.24 -14.84 -29.05
N ARG B 52 26.90 -16.11 -29.35
CA ARG B 52 26.31 -16.96 -28.31
C ARG B 52 27.26 -17.11 -27.15
N GLU B 53 28.55 -17.30 -27.44
CA GLU B 53 29.53 -17.48 -26.38
C GLU B 53 29.69 -16.21 -25.56
N ASP B 54 29.67 -15.04 -26.21
CA ASP B 54 29.75 -13.80 -25.45
C ASP B 54 28.55 -13.63 -24.54
N VAL B 55 27.37 -14.05 -25.01
CA VAL B 55 26.17 -13.98 -24.19
C VAL B 55 26.30 -14.90 -22.98
N ASP B 56 26.81 -16.12 -23.17
CA ASP B 56 27.00 -17.03 -22.06
C ASP B 56 27.93 -16.41 -21.01
N ARG B 57 29.01 -15.77 -21.47
CA ARG B 57 29.97 -15.16 -20.57
C ARG B 57 29.35 -14.00 -19.79
N ALA B 58 28.57 -13.16 -20.48
CA ALA B 58 27.89 -12.05 -19.82
C ALA B 58 26.90 -12.53 -18.75
N VAL B 59 26.24 -13.67 -18.99
CA VAL B 59 25.29 -14.19 -18.01
C VAL B 59 26.03 -14.69 -16.77
N LYS B 60 27.13 -15.41 -16.96
CA LYS B 60 27.91 -15.87 -15.81
C LYS B 60 28.51 -14.70 -15.05
N SER B 61 28.94 -13.66 -15.77
CA SER B 61 29.34 -12.41 -15.11
C SER B 61 28.19 -11.80 -14.31
N ALA B 62 27.00 -11.77 -14.92
CA ALA B 62 25.87 -11.16 -14.24
C ALA B 62 25.50 -11.95 -13.00
N GLN B 63 25.55 -13.29 -13.06
CA GLN B 63 25.18 -14.10 -11.91
C GLN B 63 26.10 -13.83 -10.73
N GLN B 64 27.41 -13.74 -10.99
CA GLN B 64 28.37 -13.44 -9.93
C GLN B 64 28.17 -12.04 -9.37
N GLY B 65 28.00 -11.05 -10.25
CA GLY B 65 27.79 -9.69 -9.79
C GLY B 65 26.50 -9.53 -9.00
N GLN B 66 25.43 -10.18 -9.47
CA GLN B 66 24.13 -10.00 -8.83
C GLN B 66 24.20 -10.40 -7.36
N LYS B 67 24.98 -11.44 -7.05
CA LYS B 67 25.07 -11.88 -5.66
C LYS B 67 25.75 -10.80 -4.80
N VAL B 68 26.82 -10.20 -5.30
CA VAL B 68 27.46 -9.12 -4.54
C VAL B 68 26.48 -7.98 -4.33
N TRP B 69 25.81 -7.55 -5.40
CA TRP B 69 24.89 -6.41 -5.34
C TRP B 69 23.76 -6.66 -4.33
N ALA B 70 23.16 -7.84 -4.38
CA ALA B 70 21.99 -8.09 -3.52
C ALA B 70 22.37 -8.25 -2.07
N ALA B 71 23.59 -8.71 -1.78
CA ALA B 71 24.03 -8.91 -0.41
C ALA B 71 24.37 -7.60 0.30
N MET B 72 24.62 -6.54 -0.45
CA MET B 72 24.78 -5.22 0.16
C MET B 72 23.47 -4.80 0.81
N SER B 73 23.57 -3.82 1.69
CA SER B 73 22.36 -3.22 2.25
C SER B 73 21.62 -2.42 1.18
N ALA B 74 20.33 -2.17 1.46
CA ALA B 74 19.50 -1.37 0.57
C ALA B 74 20.03 0.05 0.41
N MET B 75 20.43 0.68 1.50
CA MET B 75 20.94 2.04 1.41
C MET B 75 22.29 2.07 0.70
N ALA B 76 23.08 1.00 0.79
CA ALA B 76 24.34 0.94 0.04
C ALA B 76 24.08 0.92 -1.47
N ARG B 77 23.08 0.15 -1.91
CA ARG B 77 22.67 0.17 -3.30
C ARG B 77 22.14 1.55 -3.68
N SER B 78 21.35 2.16 -2.79
CA SER B 78 20.80 3.48 -3.06
CA SER B 78 20.80 3.48 -3.07
C SER B 78 21.90 4.49 -3.30
N ARG B 79 22.98 4.43 -2.51
CA ARG B 79 24.02 5.44 -2.64
C ARG B 79 24.78 5.29 -3.95
N ILE B 80 25.03 4.05 -4.36
CA ILE B 80 25.75 3.81 -5.61
C ILE B 80 24.95 4.36 -6.79
N LEU B 81 23.64 4.08 -6.82
CA LEU B 81 22.86 4.60 -7.94
C LEU B 81 22.81 6.12 -7.91
N ARG B 82 22.76 6.71 -6.71
CA ARG B 82 22.75 8.16 -6.61
CA ARG B 82 22.75 8.16 -6.62
C ARG B 82 24.06 8.76 -7.15
N LYS B 83 25.19 8.09 -6.91
CA LYS B 83 26.43 8.60 -7.50
C LYS B 83 26.39 8.53 -9.03
N ALA B 84 25.76 7.48 -9.59
CA ALA B 84 25.57 7.43 -11.04
C ALA B 84 24.72 8.61 -11.52
N VAL B 85 23.71 8.98 -10.73
CA VAL B 85 22.88 10.13 -11.07
C VAL B 85 23.75 11.37 -11.17
N ASP B 86 24.62 11.58 -10.16
CA ASP B 86 25.45 12.78 -10.14
C ASP B 86 26.36 12.85 -11.35
N ILE B 87 26.94 11.70 -11.74
CA ILE B 87 27.80 11.69 -12.92
C ILE B 87 27.01 12.00 -14.19
N LEU B 88 25.79 11.44 -14.30
CA LEU B 88 24.99 11.67 -15.49
C LEU B 88 24.59 13.14 -15.62
N ARG B 89 24.28 13.79 -14.49
CA ARG B 89 23.98 15.22 -14.51
C ARG B 89 25.20 16.03 -14.96
N GLU B 90 26.37 15.67 -14.47
CA GLU B 90 27.57 16.45 -14.81
C GLU B 90 27.97 16.21 -16.26
N ARG B 91 27.71 15.03 -16.80
N ARG B 91 27.71 15.03 -16.80
CA ARG B 91 28.08 14.70 -18.16
CA ARG B 91 28.08 14.69 -18.16
C ARG B 91 26.90 14.80 -19.13
C ARG B 91 26.92 14.82 -19.14
N ASN B 92 25.87 15.55 -18.75
CA ASN B 92 24.65 15.62 -19.56
C ASN B 92 24.93 16.10 -20.99
N ASP B 93 25.69 17.18 -21.13
CA ASP B 93 25.92 17.79 -22.43
C ASP B 93 26.79 16.91 -23.33
N GLU B 94 27.82 16.30 -22.76
CA GLU B 94 28.65 15.39 -23.53
C GLU B 94 27.80 14.21 -24.02
N LEU B 95 27.01 13.62 -23.13
CA LEU B 95 26.19 12.48 -23.51
C LEU B 95 25.12 12.88 -24.53
N ALA B 96 24.52 14.06 -24.37
CA ALA B 96 23.52 14.50 -25.33
C ALA B 96 24.13 14.63 -26.72
N ARG B 97 25.34 15.17 -26.80
CA ARG B 97 25.99 15.35 -28.09
C ARG B 97 26.25 14.02 -28.78
N LEU B 98 26.72 13.03 -28.01
CA LEU B 98 26.90 11.69 -28.56
C LEU B 98 25.59 11.11 -29.06
N GLU B 99 24.51 11.27 -28.29
CA GLU B 99 23.20 10.77 -28.69
C GLU B 99 22.70 11.46 -29.95
N THR B 100 22.92 12.78 -30.07
CA THR B 100 22.57 13.48 -31.29
C THR B 100 23.32 12.91 -32.50
N LEU B 101 24.61 12.63 -32.34
CA LEU B 101 25.39 12.06 -33.44
C LEU B 101 24.85 10.69 -33.84
N ASP B 102 24.45 9.88 -32.87
CA ASP B 102 24.01 8.51 -33.13
C ASP B 102 22.55 8.43 -33.62
N THR B 103 21.68 9.33 -33.16
CA THR B 103 20.25 9.25 -33.49
C THR B 103 19.78 10.28 -34.51
N GLY B 104 20.49 11.40 -34.68
CA GLY B 104 19.96 12.47 -35.49
C GLY B 104 18.99 13.40 -34.79
N LYS B 105 18.73 13.19 -33.53
CA LYS B 105 17.82 14.08 -32.82
C LYS B 105 18.54 15.39 -32.47
N PRO B 106 17.85 16.53 -32.57
CA PRO B 106 18.50 17.81 -32.28
C PRO B 106 19.01 17.87 -30.85
N LEU B 107 20.14 18.56 -30.68
CA LEU B 107 20.69 18.78 -29.35
C LEU B 107 19.70 19.55 -28.48
N SER B 108 18.86 20.39 -29.09
CA SER B 108 17.84 21.06 -28.30
C SER B 108 16.95 20.06 -27.58
N GLU B 109 16.81 18.85 -28.14
CA GLU B 109 16.06 17.80 -27.47
C GLU B 109 16.94 16.99 -26.53
N THR B 110 18.06 16.49 -27.04
CA THR B 110 18.82 15.49 -26.29
C THR B 110 19.40 16.06 -25.01
N ALA B 111 19.85 17.31 -25.03
CA ALA B 111 20.46 17.91 -23.84
C ALA B 111 19.42 18.32 -22.80
N ALA B 112 18.15 18.37 -23.18
CA ALA B 112 17.10 18.80 -22.28
C ALA B 112 16.20 17.66 -21.82
N VAL B 113 16.16 16.53 -22.53
CA VAL B 113 15.21 15.48 -22.25
C VAL B 113 15.88 14.13 -21.98
N ASP B 114 16.68 13.66 -22.94
CA ASP B 114 17.10 12.26 -22.95
C ASP B 114 17.82 11.86 -21.67
N ILE B 115 18.94 12.51 -21.36
CA ILE B 115 19.66 12.15 -20.14
C ILE B 115 18.94 12.69 -18.92
N VAL B 116 18.29 13.85 -19.04
CA VAL B 116 17.61 14.47 -17.90
C VAL B 116 16.52 13.56 -17.36
N THR B 117 15.63 13.07 -18.24
CA THR B 117 14.55 12.22 -17.77
C THR B 117 15.02 10.79 -17.52
N GLY B 118 16.08 10.34 -18.22
CA GLY B 118 16.64 9.04 -17.87
C GLY B 118 17.20 9.05 -16.47
N ALA B 119 17.99 10.07 -16.14
CA ALA B 119 18.54 10.22 -14.80
C ALA B 119 17.46 10.49 -13.76
N ASP B 120 16.37 11.18 -14.12
CA ASP B 120 15.27 11.37 -13.17
C ASP B 120 14.76 10.03 -12.66
N VAL B 121 14.62 9.06 -13.56
CA VAL B 121 14.09 7.75 -13.20
C VAL B 121 15.07 6.98 -12.32
N LEU B 122 16.37 7.08 -12.62
CA LEU B 122 17.35 6.40 -11.79
C LEU B 122 17.39 7.01 -10.38
N GLU B 123 17.33 8.34 -10.31
CA GLU B 123 17.27 9.05 -9.03
C GLU B 123 16.04 8.63 -8.24
N TYR B 124 14.89 8.56 -8.92
CA TYR B 124 13.65 8.16 -8.27
C TYR B 124 13.80 6.80 -7.64
N TYR B 125 14.25 5.81 -8.41
CA TYR B 125 14.29 4.45 -7.88
C TYR B 125 15.38 4.26 -6.83
N ALA B 126 16.51 4.99 -6.94
CA ALA B 126 17.53 4.87 -5.91
C ALA B 126 16.95 5.13 -4.54
N GLY B 127 16.11 6.17 -4.42
CA GLY B 127 15.54 6.53 -3.15
C GLY B 127 14.46 5.59 -2.65
N LEU B 128 13.85 4.80 -3.54
CA LEU B 128 12.80 3.87 -3.14
C LEU B 128 13.32 2.50 -2.69
N ILE B 129 14.59 2.19 -2.89
CA ILE B 129 15.11 0.86 -2.54
C ILE B 129 14.76 0.51 -1.09
N PRO B 130 14.93 1.43 -0.12
CA PRO B 130 14.62 1.06 1.28
C PRO B 130 13.15 0.83 1.56
N ALA B 131 12.26 1.30 0.70
CA ALA B 131 10.84 1.10 0.87
C ALA B 131 10.33 -0.19 0.26
N LEU B 132 11.18 -0.96 -0.41
CA LEU B 132 10.77 -2.23 -1.00
C LEU B 132 10.53 -3.24 0.13
N GLU B 133 9.28 -3.65 0.33
CA GLU B 133 8.88 -4.42 1.49
C GLU B 133 7.98 -5.58 1.08
N GLY B 134 8.10 -6.67 1.83
CA GLY B 134 7.12 -7.74 1.78
C GLY B 134 5.98 -7.47 2.74
N SER B 135 5.20 -8.53 3.00
CA SER B 135 4.01 -8.44 3.84
CA SER B 135 4.01 -8.43 3.84
C SER B 135 4.06 -9.49 4.94
N GLN B 136 3.16 -9.32 5.93
CA GLN B 136 2.94 -10.31 6.99
C GLN B 136 1.44 -10.46 7.18
N ILE B 137 0.97 -11.71 7.22
CA ILE B 137 -0.45 -12.06 7.25
C ILE B 137 -0.67 -13.03 8.40
N PRO B 138 -1.38 -12.66 9.46
CA PRO B 138 -1.69 -13.63 10.53
C PRO B 138 -2.84 -14.54 10.11
N LEU B 139 -2.67 -15.84 10.33
CA LEU B 139 -3.74 -16.80 10.04
C LEU B 139 -4.54 -17.18 11.28
N ARG B 140 -3.84 -17.40 12.37
CA ARG B 140 -4.40 -17.84 13.64
C ARG B 140 -3.28 -17.64 14.65
N ASP B 141 -3.60 -17.83 15.93
CA ASP B 141 -2.58 -17.61 16.94
C ASP B 141 -1.33 -18.45 16.68
N SER B 142 -1.49 -19.64 16.11
CA SER B 142 -0.40 -20.59 15.95
C SER B 142 0.24 -20.59 14.55
N SER B 143 -0.11 -19.66 13.67
CA SER B 143 0.51 -19.68 12.35
C SER B 143 0.35 -18.33 11.68
N PHE B 144 1.42 -17.91 10.99
CA PHE B 144 1.39 -16.69 10.20
C PHE B 144 2.17 -16.92 8.92
N VAL B 145 1.99 -15.99 7.98
CA VAL B 145 2.64 -15.95 6.68
C VAL B 145 3.40 -14.64 6.56
N TYR B 146 4.60 -14.69 6.01
CA TYR B 146 5.25 -13.45 5.59
C TYR B 146 5.81 -13.66 4.19
N THR B 147 5.96 -12.55 3.46
CA THR B 147 6.46 -12.59 2.09
C THR B 147 7.76 -11.83 1.95
N ARG B 148 8.59 -12.29 1.03
CA ARG B 148 9.79 -11.61 0.60
C ARG B 148 9.65 -11.22 -0.86
N ARG B 149 10.14 -10.02 -1.19
CA ARG B 149 10.27 -9.53 -2.56
C ARG B 149 11.71 -9.80 -2.95
N GLU B 150 11.92 -10.93 -3.60
CA GLU B 150 13.27 -11.34 -3.94
C GLU B 150 13.63 -10.89 -5.36
N PRO B 151 14.92 -10.64 -5.59
CA PRO B 151 15.36 -10.34 -6.96
C PRO B 151 15.03 -11.49 -7.90
N LEU B 152 14.73 -11.16 -9.15
CA LEU B 152 14.59 -12.19 -10.18
C LEU B 152 15.90 -12.89 -10.46
N GLY B 153 17.02 -12.17 -10.34
CA GLY B 153 18.34 -12.69 -10.67
C GLY B 153 19.02 -11.89 -11.78
N VAL B 154 19.18 -12.50 -12.95
CA VAL B 154 19.72 -11.84 -14.13
C VAL B 154 18.56 -11.54 -15.07
N VAL B 155 18.42 -10.28 -15.45
CA VAL B 155 17.36 -9.86 -16.36
C VAL B 155 18.02 -9.25 -17.59
N ALA B 156 17.28 -9.21 -18.69
CA ALA B 156 17.80 -8.68 -19.95
C ALA B 156 16.91 -7.55 -20.41
N GLY B 157 17.53 -6.45 -20.82
CA GLY B 157 16.82 -5.34 -21.45
C GLY B 157 17.25 -5.21 -22.90
N ILE B 158 16.25 -5.04 -23.77
CA ILE B 158 16.51 -4.86 -25.20
C ILE B 158 15.96 -3.50 -25.58
N GLY B 159 16.86 -2.58 -25.94
CA GLY B 159 16.46 -1.22 -26.21
C GLY B 159 16.08 -0.95 -27.66
N ALA B 160 15.45 0.19 -27.87
CA ALA B 160 15.12 0.72 -29.17
C ALA B 160 16.04 1.90 -29.47
N TRP B 161 15.91 2.43 -30.69
CA TRP B 161 16.87 3.42 -31.18
C TRP B 161 16.41 4.85 -31.06
N ASN B 162 15.14 5.11 -30.71
CA ASN B 162 14.72 6.51 -30.70
C ASN B 162 15.19 7.25 -29.44
N TYR B 163 15.20 6.59 -28.27
CA TYR B 163 15.68 7.20 -27.02
C TYR B 163 16.68 6.27 -26.35
N PRO B 164 17.86 6.13 -26.92
CA PRO B 164 18.77 5.04 -26.50
C PRO B 164 19.17 5.07 -25.03
N ILE B 165 19.71 6.19 -24.55
CA ILE B 165 20.20 6.19 -23.17
C ILE B 165 19.02 6.23 -22.20
N GLN B 166 17.96 6.96 -22.55
CA GLN B 166 16.78 7.01 -21.69
C GLN B 166 16.18 5.62 -21.50
N ILE B 167 16.05 4.84 -22.58
CA ILE B 167 15.49 3.49 -22.45
C ILE B 167 16.40 2.62 -21.58
N ALA B 168 17.70 2.75 -21.78
CA ALA B 168 18.65 1.98 -20.97
C ALA B 168 18.52 2.34 -19.49
N LEU B 169 18.26 3.60 -19.18
CA LEU B 169 18.09 3.99 -17.78
C LEU B 169 16.74 3.54 -17.25
N TRP B 170 15.67 3.67 -18.05
CA TRP B 170 14.35 3.29 -17.58
C TRP B 170 14.26 1.79 -17.36
N LYS B 171 15.06 1.00 -18.08
CA LYS B 171 15.09 -0.43 -17.82
C LYS B 171 16.06 -0.81 -16.71
N SER B 172 17.29 -0.28 -16.74
CA SER B 172 18.27 -0.70 -15.74
C SER B 172 17.97 -0.13 -14.34
N ALA B 173 17.38 1.07 -14.24
CA ALA B 173 17.17 1.65 -12.91
C ALA B 173 16.26 0.82 -12.01
N PRO B 174 15.04 0.47 -12.42
CA PRO B 174 14.25 -0.40 -11.52
C PRO B 174 14.84 -1.78 -11.37
N ALA B 175 15.44 -2.32 -12.44
CA ALA B 175 16.02 -3.66 -12.34
C ALA B 175 17.15 -3.70 -11.32
N LEU B 176 18.08 -2.75 -11.39
CA LEU B 176 19.16 -2.69 -10.41
C LEU B 176 18.65 -2.33 -9.02
N ALA B 177 17.70 -1.40 -8.93
CA ALA B 177 17.20 -1.00 -7.62
C ALA B 177 16.54 -2.16 -6.89
N ALA B 178 15.98 -3.10 -7.62
CA ALA B 178 15.34 -4.27 -7.05
C ALA B 178 16.31 -5.39 -6.73
N GLY B 179 17.59 -5.19 -6.99
CA GLY B 179 18.61 -6.18 -6.65
C GLY B 179 19.02 -7.12 -7.75
N ASN B 180 18.61 -6.89 -8.99
CA ASN B 180 19.01 -7.74 -10.10
C ASN B 180 20.27 -7.22 -10.77
N ALA B 181 20.85 -8.08 -11.59
CA ALA B 181 21.81 -7.67 -12.60
C ALA B 181 21.09 -7.64 -13.94
N MET B 182 21.44 -6.66 -14.77
CA MET B 182 20.85 -6.55 -16.10
C MET B 182 21.92 -6.64 -17.18
N ILE B 183 21.66 -7.45 -18.19
CA ILE B 183 22.39 -7.44 -19.45
C ILE B 183 21.56 -6.64 -20.45
N PHE B 184 22.10 -5.55 -20.95
CA PHE B 184 21.39 -4.65 -21.84
C PHE B 184 21.91 -4.77 -23.26
N LYS B 185 21.01 -4.98 -24.21
CA LYS B 185 21.36 -4.96 -25.63
C LYS B 185 20.81 -3.70 -26.29
N PRO B 186 21.63 -2.72 -26.66
CA PRO B 186 21.10 -1.56 -27.37
C PRO B 186 20.73 -1.92 -28.80
N SER B 187 19.94 -1.05 -29.42
CA SER B 187 19.66 -1.19 -30.84
C SER B 187 20.94 -1.07 -31.66
N GLU B 188 21.05 -1.91 -32.69
CA GLU B 188 22.18 -1.83 -33.61
C GLU B 188 22.27 -0.48 -34.30
N VAL B 189 21.15 0.25 -34.41
CA VAL B 189 21.17 1.59 -34.96
C VAL B 189 21.91 2.56 -34.05
N THR B 190 21.80 2.38 -32.73
CA THR B 190 22.22 3.38 -31.74
C THR B 190 22.87 2.73 -30.53
N PRO B 191 24.06 2.14 -30.70
CA PRO B 191 24.70 1.44 -29.57
C PRO B 191 25.61 2.27 -28.68
N LEU B 192 25.92 3.51 -29.03
CA LEU B 192 27.08 4.16 -28.42
C LEU B 192 26.83 4.60 -26.96
N THR B 193 25.69 5.24 -26.69
CA THR B 193 25.49 5.79 -25.35
C THR B 193 25.33 4.70 -24.29
N ALA B 194 24.81 3.53 -24.67
CA ALA B 194 24.65 2.45 -23.70
C ALA B 194 26.01 2.02 -23.12
N LEU B 195 27.04 2.04 -23.96
CA LEU B 195 28.39 1.67 -23.51
C LEU B 195 28.96 2.73 -22.58
N LYS B 196 28.67 4.01 -22.83
CA LYS B 196 29.04 5.06 -21.88
C LYS B 196 28.38 4.85 -20.52
N LEU B 197 27.10 4.47 -20.53
CA LEU B 197 26.38 4.27 -19.27
C LEU B 197 27.04 3.18 -18.44
N ALA B 198 27.50 2.11 -19.09
CA ALA B 198 28.17 1.04 -18.37
C ALA B 198 29.41 1.55 -17.64
N GLU B 199 30.21 2.39 -18.31
CA GLU B 199 31.36 2.96 -17.60
C GLU B 199 30.92 3.87 -16.45
N ILE B 200 29.86 4.64 -16.66
CA ILE B 200 29.39 5.53 -15.60
C ILE B 200 28.94 4.71 -14.39
N TYR B 201 28.20 3.63 -14.62
CA TYR B 201 27.79 2.79 -13.50
C TYR B 201 29.01 2.27 -12.73
N ARG B 202 30.03 1.80 -13.44
CA ARG B 202 31.22 1.29 -12.74
C ARG B 202 31.90 2.39 -11.93
N GLU B 203 32.01 3.59 -12.50
CA GLU B 203 32.63 4.72 -11.81
C GLU B 203 31.88 5.05 -10.53
N ALA B 204 30.57 4.86 -10.52
CA ALA B 204 29.75 5.13 -9.36
C ALA B 204 29.87 4.04 -8.30
N GLY B 205 30.50 2.91 -8.62
CA GLY B 205 30.66 1.83 -7.67
C GLY B 205 29.78 0.63 -7.91
N LEU B 206 29.06 0.58 -9.00
CA LEU B 206 28.27 -0.61 -9.28
C LEU B 206 29.19 -1.82 -9.38
N PRO B 207 28.91 -2.91 -8.66
CA PRO B 207 29.78 -4.09 -8.75
C PRO B 207 29.86 -4.63 -10.17
N ASP B 208 31.05 -5.14 -10.49
CA ASP B 208 31.31 -5.73 -11.80
C ASP B 208 30.31 -6.83 -12.13
N GLY B 209 29.76 -6.76 -13.35
CA GLY B 209 28.80 -7.74 -13.80
C GLY B 209 27.35 -7.36 -13.64
N VAL B 210 27.05 -6.32 -12.85
CA VAL B 210 25.65 -5.97 -12.59
C VAL B 210 25.00 -5.26 -13.76
N PHE B 211 25.77 -4.55 -14.57
CA PHE B 211 25.28 -3.95 -15.81
C PHE B 211 26.30 -4.22 -16.90
N ASN B 212 25.97 -5.20 -17.75
CA ASN B 212 26.76 -5.57 -18.91
C ASN B 212 26.03 -5.13 -20.16
N VAL B 213 26.77 -4.68 -21.16
CA VAL B 213 26.20 -4.18 -22.41
C VAL B 213 26.77 -4.98 -23.57
N LEU B 214 25.87 -5.58 -24.36
CA LEU B 214 26.21 -6.44 -25.49
C LEU B 214 25.62 -5.84 -26.77
N PRO B 215 26.36 -5.00 -27.47
CA PRO B 215 25.88 -4.56 -28.79
C PRO B 215 25.76 -5.74 -29.76
N GLY B 216 24.85 -5.61 -30.71
CA GLY B 216 24.69 -6.65 -31.71
C GLY B 216 23.36 -6.52 -32.44
N ILE B 217 23.07 -7.57 -33.22
CA ILE B 217 21.90 -7.64 -34.09
C ILE B 217 20.80 -8.38 -33.38
N GLY B 218 19.55 -7.99 -33.67
CA GLY B 218 18.42 -8.61 -33.02
C GLY B 218 18.31 -10.10 -33.29
N ALA B 219 18.55 -10.49 -34.55
CA ALA B 219 18.43 -11.89 -34.94
C ALA B 219 19.48 -12.79 -34.29
N GLU B 220 20.60 -12.23 -33.81
CA GLU B 220 21.59 -13.04 -33.11
C GLU B 220 21.66 -12.64 -31.64
N THR B 221 22.15 -11.45 -31.31
CA THR B 221 22.37 -11.12 -29.90
C THR B 221 21.02 -11.00 -29.17
N GLY B 222 20.03 -10.36 -29.78
CA GLY B 222 18.73 -10.27 -29.14
C GLY B 222 18.12 -11.63 -28.88
N GLN B 223 18.15 -12.49 -29.90
CA GLN B 223 17.55 -13.80 -29.76
C GLN B 223 18.30 -14.65 -28.77
N TYR B 224 19.63 -14.52 -28.71
CA TYR B 224 20.39 -15.34 -27.77
C TYR B 224 20.01 -15.03 -26.34
N LEU B 225 19.75 -13.75 -26.03
CA LEU B 225 19.34 -13.38 -24.68
C LEU B 225 17.93 -13.92 -24.38
N THR B 226 17.00 -13.78 -25.33
CA THR B 226 15.63 -14.24 -25.09
C THR B 226 15.57 -15.75 -24.89
N GLU B 227 16.57 -16.47 -25.36
CA GLU B 227 16.59 -17.92 -25.29
C GLU B 227 17.34 -18.47 -24.09
N HIS B 228 18.15 -17.64 -23.43
CA HIS B 228 19.11 -18.17 -22.45
C HIS B 228 18.38 -18.74 -21.24
N PRO B 229 18.73 -19.93 -20.79
CA PRO B 229 17.98 -20.54 -19.67
C PRO B 229 18.15 -19.81 -18.34
N ASP B 230 19.21 -19.03 -18.14
CA ASP B 230 19.51 -18.42 -16.84
C ASP B 230 19.16 -16.94 -16.78
N ILE B 231 18.42 -16.44 -17.75
CA ILE B 231 17.86 -15.10 -17.69
C ILE B 231 16.41 -15.25 -17.28
N ALA B 232 16.01 -14.51 -16.24
CA ALA B 232 14.71 -14.70 -15.60
C ALA B 232 13.62 -13.80 -16.15
N LYS B 233 13.99 -12.69 -16.78
CA LYS B 233 13.01 -11.73 -17.29
C LYS B 233 13.60 -11.02 -18.48
N ILE B 234 12.73 -10.70 -19.43
CA ILE B 234 13.09 -9.92 -20.60
C ILE B 234 12.25 -8.65 -20.57
N SER B 235 12.89 -7.49 -20.75
CA SER B 235 12.19 -6.24 -20.93
C SER B 235 12.52 -5.69 -22.32
N PHE B 236 11.51 -5.54 -23.18
CA PHE B 236 11.74 -5.20 -24.57
C PHE B 236 10.99 -3.93 -24.97
N THR B 237 11.68 -3.01 -25.61
CA THR B 237 11.07 -1.84 -26.23
C THR B 237 11.32 -1.90 -27.73
N GLY B 238 10.26 -1.76 -28.52
CA GLY B 238 10.42 -1.82 -29.96
C GLY B 238 9.07 -1.87 -30.68
N GLY B 239 9.09 -2.43 -31.90
CA GLY B 239 7.88 -2.50 -32.70
C GLY B 239 6.96 -3.65 -32.30
N VAL B 240 5.69 -3.47 -32.66
CA VAL B 240 4.67 -4.46 -32.28
C VAL B 240 5.03 -5.83 -32.84
N ALA B 241 5.46 -5.88 -34.11
CA ALA B 241 5.76 -7.15 -34.75
C ALA B 241 6.93 -7.86 -34.09
N SER B 242 8.04 -7.13 -33.85
CA SER B 242 9.17 -7.71 -33.14
C SER B 242 8.79 -8.15 -31.72
N GLY B 243 7.88 -7.40 -31.09
CA GLY B 243 7.48 -7.77 -29.73
C GLY B 243 6.90 -9.17 -29.67
N LYS B 244 5.96 -9.47 -30.58
CA LYS B 244 5.35 -10.80 -30.57
C LYS B 244 6.42 -11.88 -30.71
N LYS B 245 7.45 -11.64 -31.52
CA LYS B 245 8.50 -12.62 -31.70
C LYS B 245 9.34 -12.77 -30.44
N VAL B 246 9.70 -11.64 -29.81
CA VAL B 246 10.48 -11.70 -28.59
C VAL B 246 9.71 -12.46 -27.50
N MET B 247 8.44 -12.10 -27.31
CA MET B 247 7.64 -12.71 -26.26
C MET B 247 7.47 -14.20 -26.50
N ALA B 248 7.34 -14.60 -27.76
CA ALA B 248 7.22 -16.02 -28.08
C ALA B 248 8.50 -16.80 -27.77
N ASN B 249 9.67 -16.30 -28.21
CA ASN B 249 10.92 -17.01 -27.93
C ASN B 249 11.23 -17.04 -26.44
N SER B 250 10.81 -16.01 -25.70
CA SER B 250 11.05 -16.01 -24.27
C SER B 250 10.26 -17.11 -23.58
N ALA B 251 9.05 -17.38 -24.06
CA ALA B 251 8.25 -18.44 -23.48
C ALA B 251 8.74 -19.82 -23.90
N ALA B 252 9.07 -19.98 -25.19
CA ALA B 252 9.42 -21.29 -25.72
C ALA B 252 10.66 -21.87 -25.06
N SER B 253 11.59 -21.02 -24.61
CA SER B 253 12.86 -21.49 -24.07
C SER B 253 12.79 -21.81 -22.58
N SER B 254 12.48 -20.81 -21.73
CA SER B 254 12.53 -21.03 -20.29
C SER B 254 11.39 -20.32 -19.54
N LEU B 255 10.31 -19.95 -20.22
CA LEU B 255 9.15 -19.34 -19.57
C LEU B 255 9.55 -18.12 -18.74
N LYS B 256 10.16 -17.14 -19.40
CA LYS B 256 10.63 -15.93 -18.75
C LYS B 256 9.48 -14.95 -18.52
N GLU B 257 9.59 -14.19 -17.45
CA GLU B 257 8.76 -13.00 -17.29
C GLU B 257 9.07 -12.01 -18.41
N VAL B 258 8.06 -11.24 -18.80
CA VAL B 258 8.18 -10.33 -19.93
C VAL B 258 7.54 -8.98 -19.61
N THR B 259 8.20 -7.92 -20.10
CA THR B 259 7.65 -6.57 -20.16
C THR B 259 7.88 -6.07 -21.57
N MET B 260 6.87 -5.43 -22.17
CA MET B 260 6.98 -4.95 -23.54
C MET B 260 6.37 -3.58 -23.68
N GLU B 261 7.14 -2.65 -24.22
CA GLU B 261 6.73 -1.30 -24.57
C GLU B 261 6.80 -1.19 -26.10
N LEU B 262 5.66 -1.27 -26.74
CA LEU B 262 5.58 -1.30 -28.20
C LEU B 262 5.01 0.03 -28.71
N GLY B 263 4.72 0.08 -30.00
CA GLY B 263 4.25 1.32 -30.57
C GLY B 263 2.78 1.55 -30.32
N GLY B 264 2.29 2.63 -30.92
CA GLY B 264 0.89 2.98 -30.84
C GLY B 264 0.40 3.74 -32.06
N LYS B 265 -0.90 4.02 -32.03
CA LYS B 265 -1.56 4.93 -32.96
C LYS B 265 -2.48 5.84 -32.13
N SER B 266 -1.85 6.53 -31.20
CA SER B 266 -2.59 7.15 -30.11
C SER B 266 -3.47 8.28 -30.62
N PRO B 267 -4.70 8.41 -30.10
CA PRO B 267 -5.57 9.50 -30.55
C PRO B 267 -5.44 10.74 -29.67
N LEU B 268 -5.53 11.88 -30.33
CA LEU B 268 -5.66 13.19 -29.68
C LEU B 268 -7.04 13.74 -30.03
N ILE B 269 -7.90 13.90 -29.04
CA ILE B 269 -9.28 14.33 -29.26
C ILE B 269 -9.40 15.80 -28.90
N ILE B 270 -9.67 16.62 -29.89
CA ILE B 270 -9.91 18.05 -29.67
C ILE B 270 -11.42 18.24 -29.51
N ALA B 271 -11.82 18.77 -28.36
CA ALA B 271 -13.23 18.96 -28.03
C ALA B 271 -13.77 20.23 -28.65
N GLU B 272 -15.11 20.30 -28.72
CA GLU B 272 -15.79 21.43 -29.36
C GLU B 272 -15.61 22.75 -28.60
N ASP B 273 -15.26 22.72 -27.31
CA ASP B 273 -15.03 23.91 -26.54
C ASP B 273 -13.55 24.23 -26.37
N ALA B 274 -12.69 23.58 -27.15
CA ALA B 274 -11.26 23.75 -26.98
C ALA B 274 -10.78 25.03 -27.66
N ASN B 275 -9.80 25.66 -27.04
CA ASN B 275 -9.09 26.75 -27.67
C ASN B 275 -8.18 26.18 -28.74
N LEU B 276 -8.33 26.65 -29.99
CA LEU B 276 -7.69 25.99 -31.12
C LEU B 276 -6.20 26.26 -31.20
N ASP B 277 -5.72 27.38 -30.63
CA ASP B 277 -4.28 27.58 -30.55
C ASP B 277 -3.63 26.55 -29.62
N LEU B 278 -4.26 26.29 -28.47
CA LEU B 278 -3.75 25.27 -27.55
C LEU B 278 -3.79 23.91 -28.21
N ALA B 279 -4.92 23.57 -28.84
CA ALA B 279 -5.04 22.31 -29.55
C ALA B 279 -3.95 22.18 -30.60
N ALA B 280 -3.71 23.23 -31.39
CA ALA B 280 -2.68 23.12 -32.42
C ALA B 280 -1.29 22.95 -31.80
N ASP B 281 -0.99 23.66 -30.71
CA ASP B 281 0.31 23.50 -30.05
C ASP B 281 0.48 22.08 -29.51
N ILE B 282 -0.58 21.52 -28.93
CA ILE B 282 -0.51 20.14 -28.45
C ILE B 282 -0.34 19.17 -29.62
N ALA B 283 -1.09 19.35 -30.70
CA ALA B 283 -0.95 18.46 -31.85
C ALA B 283 0.46 18.52 -32.43
N MET B 284 1.05 19.72 -32.48
CA MET B 284 2.41 19.86 -32.98
C MET B 284 3.39 19.05 -32.12
N MET B 285 3.34 19.27 -30.80
CA MET B 285 4.23 18.53 -29.91
C MET B 285 3.92 17.04 -29.91
N ALA B 286 2.68 16.66 -30.23
CA ALA B 286 2.32 15.26 -30.26
C ALA B 286 2.70 14.55 -31.55
N ASN B 287 3.22 15.28 -32.56
CA ASN B 287 3.49 14.66 -33.85
C ASN B 287 4.91 14.84 -34.35
N PHE B 288 5.54 15.97 -34.04
CA PHE B 288 6.79 16.36 -34.70
C PHE B 288 8.00 16.43 -33.78
N TYR B 289 7.85 16.10 -32.51
CA TYR B 289 9.01 15.98 -31.63
C TYR B 289 9.80 14.74 -32.02
N SER B 290 11.13 14.83 -31.92
CA SER B 290 12.03 13.76 -32.38
C SER B 290 11.70 13.32 -33.80
N SER B 291 11.23 14.26 -34.63
CA SER B 291 10.86 13.99 -36.02
C SER B 291 9.80 12.90 -36.13
N GLY B 292 8.88 12.84 -35.17
CA GLY B 292 7.80 11.88 -35.21
C GLY B 292 8.17 10.48 -34.76
N GLN B 293 9.38 10.29 -34.24
CA GLN B 293 9.87 8.96 -33.86
C GLN B 293 9.68 8.73 -32.36
N VAL B 294 8.42 8.81 -31.93
CA VAL B 294 8.06 8.63 -30.54
C VAL B 294 6.87 7.69 -30.47
N CYS B 295 6.96 6.65 -29.66
CA CYS B 295 5.89 5.66 -29.61
C CYS B 295 4.56 6.24 -29.18
N THR B 296 4.57 7.24 -28.27
CA THR B 296 3.34 7.79 -27.70
C THR B 296 2.72 8.89 -28.54
N ASN B 297 3.22 9.14 -29.75
CA ASN B 297 2.77 10.29 -30.54
C ASN B 297 1.28 10.20 -30.89
N GLY B 298 0.62 11.36 -30.86
CA GLY B 298 -0.79 11.52 -31.19
C GLY B 298 -1.03 11.75 -32.67
N THR B 299 -0.86 10.68 -33.43
CA THR B 299 -0.86 10.75 -34.87
C THR B 299 -2.24 10.70 -35.50
N ARG B 300 -3.26 10.40 -34.72
CA ARG B 300 -4.65 10.51 -35.16
C ARG B 300 -5.24 11.68 -34.38
N VAL B 301 -5.38 12.81 -35.05
CA VAL B 301 -5.90 14.03 -34.44
C VAL B 301 -7.35 14.19 -34.85
N PHE B 302 -8.25 14.03 -33.88
CA PHE B 302 -9.69 14.13 -34.13
C PHE B 302 -10.13 15.56 -33.85
N VAL B 303 -10.71 16.20 -34.86
CA VAL B 303 -11.10 17.59 -34.75
C VAL B 303 -12.59 17.69 -35.07
N PRO B 304 -13.36 18.50 -34.34
CA PRO B 304 -14.77 18.70 -34.71
C PRO B 304 -14.87 19.25 -36.13
N ALA B 305 -15.90 18.79 -36.84
CA ALA B 305 -16.06 19.23 -38.24
C ALA B 305 -16.12 20.76 -38.35
N LYS B 306 -16.82 21.41 -37.42
CA LYS B 306 -16.99 22.86 -37.51
C LYS B 306 -15.67 23.64 -37.32
N PHE B 307 -14.65 23.04 -36.72
CA PHE B 307 -13.38 23.68 -36.46
C PHE B 307 -12.27 23.16 -37.37
N LYS B 308 -12.58 22.21 -38.24
CA LYS B 308 -11.54 21.54 -39.00
C LYS B 308 -10.75 22.56 -39.83
N ALA B 309 -11.45 23.43 -40.56
CA ALA B 309 -10.76 24.36 -41.46
C ALA B 309 -9.84 25.28 -40.68
N GLU B 310 -10.33 25.85 -39.58
CA GLU B 310 -9.47 26.74 -38.79
C GLU B 310 -8.31 25.97 -38.16
N PHE B 311 -8.55 24.75 -37.69
CA PHE B 311 -7.46 23.98 -37.10
C PHE B 311 -6.37 23.70 -38.13
N GLU B 312 -6.79 23.33 -39.34
CA GLU B 312 -5.84 23.11 -40.43
C GLU B 312 -4.95 24.32 -40.65
N HIS B 313 -5.57 25.51 -40.66
CA HIS B 313 -4.83 26.75 -40.81
C HIS B 313 -3.80 26.95 -39.70
N LYS B 314 -4.18 26.67 -38.45
CA LYS B 314 -3.25 26.87 -37.35
C LYS B 314 -2.12 25.85 -37.36
N ILE B 315 -2.40 24.62 -37.77
CA ILE B 315 -1.33 23.64 -37.92
C ILE B 315 -0.34 24.07 -38.99
N LEU B 316 -0.84 24.50 -40.15
CA LEU B 316 0.06 24.87 -41.24
C LEU B 316 0.96 26.02 -40.82
N GLU B 317 0.40 27.00 -40.10
CA GLU B 317 1.19 28.12 -39.62
C GLU B 317 2.32 27.65 -38.70
N ARG B 318 2.04 26.71 -37.78
CA ARG B 318 3.08 26.25 -36.87
C ARG B 318 4.08 25.33 -37.58
N VAL B 319 3.62 24.54 -38.56
CA VAL B 319 4.55 23.73 -39.34
C VAL B 319 5.57 24.59 -40.05
N GLY B 320 5.15 25.78 -40.52
CA GLY B 320 6.05 26.69 -41.20
C GLY B 320 7.19 27.20 -40.34
N ARG B 321 7.01 27.22 -39.01
CA ARG B 321 8.05 27.64 -38.09
C ARG B 321 9.07 26.56 -37.79
N ILE B 322 8.80 25.31 -38.19
CA ILE B 322 9.73 24.24 -37.88
C ILE B 322 11.09 24.55 -38.49
N ARG B 323 12.13 24.35 -37.70
CA ARG B 323 13.49 24.75 -38.07
C ARG B 323 14.36 23.50 -38.14
N ALA B 324 14.53 23.01 -39.36
CA ALA B 324 15.48 21.95 -39.64
C ALA B 324 16.81 22.58 -40.01
N GLY B 325 17.90 21.91 -39.66
CA GLY B 325 19.23 22.43 -39.93
C GLY B 325 20.28 21.72 -39.08
N ASP B 326 21.39 22.42 -38.85
CA ASP B 326 22.49 21.90 -38.04
C ASP B 326 21.96 21.46 -36.67
N LEU B 327 22.19 20.19 -36.34
CA LEU B 327 21.60 19.58 -35.14
C LEU B 327 22.24 20.08 -33.85
N PHE B 328 23.38 20.75 -33.91
CA PHE B 328 24.03 21.33 -32.74
C PHE B 328 23.70 22.80 -32.57
N ALA B 329 22.90 23.38 -33.47
CA ALA B 329 22.48 24.77 -33.32
C ALA B 329 21.27 24.87 -32.39
N ASP B 330 21.25 25.92 -31.57
CA ASP B 330 20.22 26.05 -30.54
C ASP B 330 18.81 26.11 -31.13
N ASP B 331 18.67 26.81 -32.26
CA ASP B 331 17.34 27.02 -32.82
C ASP B 331 16.85 25.85 -33.66
N THR B 332 17.69 24.84 -33.93
CA THR B 332 17.19 23.68 -34.65
C THR B 332 16.26 22.87 -33.75
N ASN B 333 15.04 22.62 -34.23
CA ASN B 333 14.08 21.82 -33.47
C ASN B 333 13.55 20.64 -34.27
N PHE B 334 14.20 20.30 -35.37
CA PHE B 334 13.75 19.21 -36.22
C PHE B 334 14.98 18.57 -36.84
N GLY B 335 15.06 17.24 -36.76
CA GLY B 335 16.20 16.51 -37.25
C GLY B 335 15.83 15.50 -38.32
N PRO B 336 16.83 14.82 -38.87
CA PRO B 336 16.57 13.72 -39.79
C PRO B 336 16.02 12.51 -39.04
N LEU B 337 15.55 11.55 -39.82
CA LEU B 337 15.18 10.25 -39.27
C LEU B 337 16.44 9.46 -38.94
N VAL B 338 16.26 8.42 -38.12
CA VAL B 338 17.40 7.74 -37.52
C VAL B 338 18.27 7.02 -38.55
N SER B 339 17.72 6.66 -39.71
CA SER B 339 18.44 5.85 -40.68
C SER B 339 17.78 6.02 -42.04
N PHE B 340 18.51 5.63 -43.08
CA PHE B 340 17.99 5.75 -44.46
C PHE B 340 16.96 4.66 -44.74
N PRO B 341 17.14 3.42 -44.29
CA PRO B 341 16.06 2.44 -44.45
C PRO B 341 14.77 2.86 -43.77
N HIS B 342 14.85 3.49 -42.60
CA HIS B 342 13.61 3.91 -41.94
C HIS B 342 12.93 5.02 -42.74
N ARG B 343 13.70 5.96 -43.27
CA ARG B 343 13.08 6.97 -44.13
C ARG B 343 12.34 6.33 -45.30
N GLN B 344 12.89 5.24 -45.87
CA GLN B 344 12.20 4.58 -46.97
C GLN B 344 10.83 4.07 -46.54
N ASN B 345 10.75 3.47 -45.34
CA ASN B 345 9.45 3.01 -44.83
C ASN B 345 8.48 4.17 -44.63
N VAL B 346 8.97 5.27 -44.06
CA VAL B 346 8.09 6.42 -43.84
C VAL B 346 7.59 6.94 -45.19
N LEU B 347 8.46 6.92 -46.20
CA LEU B 347 8.05 7.38 -47.53
C LEU B 347 7.02 6.46 -48.18
N ARG B 348 7.09 5.14 -47.93
CA ARG B 348 6.04 4.26 -48.45
C ARG B 348 4.68 4.59 -47.84
N TYR B 349 4.65 4.87 -46.54
CA TYR B 349 3.40 5.24 -45.89
C TYR B 349 2.86 6.54 -46.44
N ILE B 350 3.73 7.52 -46.66
CA ILE B 350 3.29 8.79 -47.21
C ILE B 350 2.69 8.59 -48.60
N GLU B 351 3.32 7.74 -49.41
CA GLU B 351 2.79 7.47 -50.75
C GLU B 351 1.43 6.78 -50.68
N SER B 352 1.24 5.86 -49.73
CA SER B 352 -0.08 5.25 -49.53
C SER B 352 -1.12 6.30 -49.15
N GLY B 353 -0.73 7.30 -48.36
CA GLY B 353 -1.66 8.35 -48.01
C GLY B 353 -2.17 9.08 -49.24
N LYS B 354 -1.27 9.41 -50.17
CA LYS B 354 -1.67 10.07 -51.41
C LYS B 354 -2.56 9.15 -52.24
N SER B 355 -2.14 7.90 -52.41
CA SER B 355 -2.83 7.02 -53.34
C SER B 355 -4.21 6.63 -52.83
N GLU B 356 -4.40 6.62 -51.52
CA GLU B 356 -5.68 6.25 -50.94
C GLU B 356 -6.62 7.45 -50.80
N GLY B 357 -6.22 8.63 -51.28
CA GLY B 357 -7.11 9.75 -51.35
C GLY B 357 -7.09 10.72 -50.19
N ALA B 358 -6.19 10.55 -49.22
CA ALA B 358 -6.02 11.59 -48.20
C ALA B 358 -5.43 12.84 -48.83
N ARG B 359 -5.81 14.00 -48.30
CA ARG B 359 -5.36 15.28 -48.85
C ARG B 359 -4.07 15.73 -48.15
N LEU B 360 -3.03 15.95 -48.95
CA LEU B 360 -1.75 16.41 -48.47
C LEU B 360 -1.81 17.92 -48.24
N LEU B 361 -1.63 18.34 -46.99
CA LEU B 361 -1.58 19.76 -46.68
C LEU B 361 -0.16 20.32 -46.73
N CYS B 362 0.84 19.52 -46.36
CA CYS B 362 2.22 19.97 -46.42
C CYS B 362 3.16 18.77 -46.35
N GLY B 363 4.40 19.01 -46.74
CA GLY B 363 5.39 17.95 -46.71
C GLY B 363 5.10 16.91 -47.78
N GLY B 364 5.40 15.66 -47.44
CA GLY B 364 5.18 14.54 -48.33
C GLY B 364 6.41 14.06 -49.08
N ASP B 365 7.54 14.73 -48.93
CA ASP B 365 8.76 14.36 -49.64
C ASP B 365 9.95 14.56 -48.70
N VAL B 366 11.10 14.06 -49.14
CA VAL B 366 12.36 14.30 -48.44
C VAL B 366 12.74 15.77 -48.56
N LEU B 367 13.63 16.20 -47.67
CA LEU B 367 14.26 17.50 -47.80
C LEU B 367 15.52 17.37 -48.66
N LYS B 368 15.74 18.36 -49.53
CA LYS B 368 16.88 18.35 -50.45
C LYS B 368 17.62 19.69 -50.39
N GLY B 369 18.87 19.66 -50.83
CA GLY B 369 19.72 20.83 -50.83
C GLY B 369 20.91 20.67 -49.90
N GLU B 370 21.80 21.66 -49.96
CA GLU B 370 23.00 21.61 -49.13
C GLU B 370 22.59 21.46 -47.67
N GLY B 371 23.20 20.49 -46.99
CA GLY B 371 22.87 20.19 -45.62
C GLY B 371 21.77 19.17 -45.44
N PHE B 372 21.12 18.72 -46.51
CA PHE B 372 20.06 17.74 -46.38
C PHE B 372 20.28 16.51 -47.25
N ASP B 373 21.03 16.67 -48.36
CA ASP B 373 21.11 15.57 -49.33
C ASP B 373 21.76 14.33 -48.75
N ASN B 374 22.67 14.49 -47.81
CA ASN B 374 23.33 13.35 -47.19
C ASN B 374 22.69 12.91 -45.87
N GLY B 375 21.58 13.51 -45.48
CA GLY B 375 20.89 13.09 -44.27
C GLY B 375 19.53 12.46 -44.57
N ALA B 376 19.00 11.72 -43.61
CA ALA B 376 17.77 10.95 -43.83
C ALA B 376 16.55 11.80 -43.51
N TRP B 377 16.45 12.93 -44.20
CA TRP B 377 15.44 13.93 -43.89
C TRP B 377 14.12 13.63 -44.59
N VAL B 378 13.03 13.78 -43.85
CA VAL B 378 11.67 13.83 -44.37
C VAL B 378 11.01 15.12 -43.89
N ALA B 379 10.32 15.79 -44.79
CA ALA B 379 9.65 17.04 -44.40
C ALA B 379 8.49 16.77 -43.43
N PRO B 380 8.23 17.70 -42.52
CA PRO B 380 7.02 17.59 -41.68
C PRO B 380 5.77 17.51 -42.55
N THR B 381 4.98 16.47 -42.33
CA THR B 381 3.90 16.09 -43.23
C THR B 381 2.58 16.03 -42.49
N VAL B 382 1.55 16.61 -43.10
CA VAL B 382 0.20 16.63 -42.56
C VAL B 382 -0.76 16.20 -43.64
N PHE B 383 -1.59 15.21 -43.33
CA PHE B 383 -2.71 14.79 -44.15
C PHE B 383 -4.01 15.17 -43.47
N THR B 384 -5.02 15.52 -44.27
CA THR B 384 -6.34 15.77 -43.72
C THR B 384 -7.37 15.05 -44.58
N ASP B 385 -8.65 15.22 -44.22
CA ASP B 385 -9.74 14.46 -44.85
C ASP B 385 -9.47 12.96 -44.76
N CYS B 386 -8.88 12.53 -43.64
CA CYS B 386 -8.53 11.13 -43.46
C CYS B 386 -9.74 10.34 -42.97
N THR B 387 -9.72 9.04 -43.26
CA THR B 387 -10.80 8.14 -42.87
C THR B 387 -10.21 6.92 -42.17
N ASP B 388 -11.07 6.25 -41.40
CA ASP B 388 -10.58 5.24 -40.47
C ASP B 388 -10.00 4.02 -41.17
N ASP B 389 -10.27 3.84 -42.47
CA ASP B 389 -9.80 2.67 -43.20
C ASP B 389 -8.43 2.86 -43.84
N MET B 390 -7.89 4.09 -43.85
CA MET B 390 -6.64 4.36 -44.53
C MET B 390 -5.45 3.73 -43.81
N THR B 391 -4.44 3.34 -44.59
CA THR B 391 -3.24 2.73 -44.02
C THR B 391 -2.52 3.68 -43.07
N ILE B 392 -2.43 4.96 -43.44
CA ILE B 392 -1.74 5.93 -42.60
C ILE B 392 -2.50 6.18 -41.30
N VAL B 393 -3.80 5.91 -41.27
CA VAL B 393 -4.58 6.07 -40.05
C VAL B 393 -4.52 4.83 -39.18
N ARG B 394 -4.33 3.65 -39.78
CA ARG B 394 -4.41 2.40 -39.04
C ARG B 394 -3.06 1.92 -38.52
N GLU B 395 -1.96 2.31 -39.15
CA GLU B 395 -0.66 1.72 -38.85
C GLU B 395 0.28 2.80 -38.36
N GLU B 396 1.15 2.42 -37.43
CA GLU B 396 2.16 3.32 -36.93
C GLU B 396 3.22 3.57 -37.99
N ILE B 397 3.49 4.84 -38.25
CA ILE B 397 4.49 5.24 -39.25
C ILE B 397 5.86 5.48 -38.62
N PHE B 398 5.88 6.05 -37.42
CA PHE B 398 7.12 6.39 -36.73
C PHE B 398 7.92 7.40 -37.55
N GLY B 399 7.21 8.30 -38.18
CA GLY B 399 7.80 9.40 -38.89
C GLY B 399 6.94 10.63 -38.65
N PRO B 400 7.35 11.75 -39.22
CA PRO B 400 6.65 13.03 -39.00
C PRO B 400 5.43 13.18 -39.92
N VAL B 401 4.37 12.45 -39.58
CA VAL B 401 3.16 12.37 -40.40
C VAL B 401 1.93 12.43 -39.51
N MET B 402 1.23 13.57 -39.53
CA MET B 402 0.01 13.80 -38.77
C MET B 402 -1.20 13.51 -39.65
N SER B 403 -2.18 12.80 -39.10
CA SER B 403 -3.45 12.52 -39.75
C SER B 403 -4.56 13.25 -39.01
N ILE B 404 -5.28 14.11 -39.71
CA ILE B 404 -6.38 14.87 -39.12
C ILE B 404 -7.70 14.22 -39.55
N LEU B 405 -8.55 13.92 -38.59
CA LEU B 405 -9.83 13.29 -38.86
C LEU B 405 -10.94 14.15 -38.27
N SER B 406 -12.00 14.32 -39.04
CA SER B 406 -13.14 15.10 -38.60
CA SER B 406 -13.13 15.10 -38.57
C SER B 406 -14.11 14.20 -37.83
N TYR B 407 -14.83 14.80 -36.88
CA TYR B 407 -15.86 14.06 -36.16
C TYR B 407 -17.01 14.99 -35.79
N ASP B 408 -18.15 14.39 -35.46
CA ASP B 408 -19.38 15.12 -35.19
C ASP B 408 -19.84 15.11 -33.74
N ASP B 409 -19.66 14.00 -33.00
CA ASP B 409 -20.15 13.95 -31.63
C ASP B 409 -19.24 13.10 -30.75
N GLU B 410 -19.40 13.28 -29.44
CA GLU B 410 -18.49 12.67 -28.47
C GLU B 410 -18.55 11.14 -28.52
N ALA B 411 -19.74 10.57 -28.55
CA ALA B 411 -19.83 9.11 -28.59
C ALA B 411 -19.10 8.56 -29.79
N GLU B 412 -19.23 9.24 -30.94
CA GLU B 412 -18.59 8.80 -32.17
C GLU B 412 -17.08 8.82 -32.02
N VAL B 413 -16.53 9.93 -31.51
CA VAL B 413 -15.09 10.04 -31.48
C VAL B 413 -14.49 9.04 -30.50
N ILE B 414 -15.19 8.74 -29.40
CA ILE B 414 -14.69 7.74 -28.46
C ILE B 414 -14.61 6.38 -29.13
N ARG B 415 -15.68 5.97 -29.80
CA ARG B 415 -15.68 4.69 -30.49
C ARG B 415 -14.53 4.62 -31.48
N ARG B 416 -14.36 5.67 -32.28
CA ARG B 416 -13.34 5.66 -33.32
C ARG B 416 -11.94 5.72 -32.70
N ALA B 417 -11.77 6.47 -31.61
CA ALA B 417 -10.48 6.51 -30.92
C ALA B 417 -10.09 5.12 -30.43
N ASN B 418 -11.06 4.35 -29.93
CA ASN B 418 -10.84 3.02 -29.36
C ASN B 418 -10.80 1.90 -30.39
N ALA B 419 -11.19 2.17 -31.64
CA ALA B 419 -11.31 1.11 -32.65
C ALA B 419 -9.95 0.89 -33.30
N THR B 420 -9.06 0.28 -32.53
CA THR B 420 -7.69 0.03 -32.95
C THR B 420 -7.15 -1.10 -32.08
N GLU B 421 -6.18 -1.82 -32.63
CA GLU B 421 -5.46 -2.80 -31.85
C GLU B 421 -4.42 -2.18 -30.91
N TYR B 422 -4.03 -0.94 -31.19
CA TYR B 422 -3.09 -0.21 -30.35
C TYR B 422 -3.78 0.34 -29.11
N GLY B 423 -2.99 0.59 -28.08
CA GLY B 423 -3.50 1.13 -26.85
C GLY B 423 -2.52 1.93 -26.01
N LEU B 424 -1.54 2.60 -26.60
CA LEU B 424 -0.45 3.13 -25.80
C LEU B 424 -0.86 4.41 -25.05
N ALA B 425 -1.19 5.47 -25.78
CA ALA B 425 -1.50 6.75 -25.17
C ALA B 425 -2.79 7.33 -25.76
N ALA B 426 -3.23 8.44 -25.17
CA ALA B 426 -4.38 9.17 -25.69
C ALA B 426 -4.39 10.52 -24.98
N GLY B 427 -5.20 11.43 -25.51
CA GLY B 427 -5.32 12.73 -24.85
C GLY B 427 -6.56 13.45 -25.29
N VAL B 428 -6.97 14.41 -24.46
CA VAL B 428 -8.14 15.23 -24.75
C VAL B 428 -7.78 16.67 -24.44
N VAL B 429 -8.28 17.59 -25.26
CA VAL B 429 -8.12 19.03 -25.08
C VAL B 429 -9.51 19.58 -24.84
N THR B 430 -9.76 20.07 -23.61
CA THR B 430 -11.04 20.63 -23.22
C THR B 430 -10.88 21.39 -21.91
N PRO B 431 -11.50 22.56 -21.77
CA PRO B 431 -11.51 23.25 -20.48
C PRO B 431 -12.60 22.77 -19.54
N ASP B 432 -13.48 21.87 -19.99
CA ASP B 432 -14.64 21.45 -19.23
C ASP B 432 -14.26 20.29 -18.31
N LEU B 433 -14.59 20.45 -17.02
CA LEU B 433 -14.26 19.44 -16.02
C LEU B 433 -14.89 18.09 -16.35
N ASN B 434 -16.19 18.07 -16.60
CA ASN B 434 -16.88 16.80 -16.81
C ASN B 434 -16.43 16.15 -18.11
N ARG B 435 -16.30 16.93 -19.17
CA ARG B 435 -15.88 16.35 -20.44
C ARG B 435 -14.49 15.73 -20.34
N ALA B 436 -13.57 16.40 -19.62
CA ALA B 436 -12.20 15.89 -19.60
C ALA B 436 -12.13 14.53 -18.95
N HIS B 437 -12.67 14.40 -17.73
CA HIS B 437 -12.60 13.11 -17.05
C HIS B 437 -13.50 12.09 -17.73
N ARG B 438 -14.69 12.52 -18.16
CA ARG B 438 -15.64 11.58 -18.75
C ARG B 438 -15.05 10.92 -19.98
N ILE B 439 -14.44 11.70 -20.87
CA ILE B 439 -13.87 11.15 -22.08
C ILE B 439 -12.67 10.28 -21.75
N ILE B 440 -11.78 10.78 -20.89
CA ILE B 440 -10.54 10.04 -20.62
C ILE B 440 -10.85 8.69 -20.01
N HIS B 441 -11.86 8.63 -19.14
CA HIS B 441 -12.16 7.36 -18.48
C HIS B 441 -12.61 6.31 -19.47
N GLN B 442 -13.14 6.71 -20.62
CA GLN B 442 -13.61 5.76 -21.61
C GLN B 442 -12.56 5.36 -22.62
N LEU B 443 -11.41 6.02 -22.67
CA LEU B 443 -10.41 5.70 -23.69
C LEU B 443 -9.58 4.50 -23.26
N GLU B 444 -9.27 3.64 -24.22
CA GLU B 444 -8.57 2.38 -23.95
C GLU B 444 -7.08 2.55 -24.18
N ALA B 445 -6.42 3.22 -23.24
CA ALA B 445 -4.99 3.48 -23.36
C ALA B 445 -4.42 3.62 -21.97
N GLY B 446 -3.14 3.27 -21.84
CA GLY B 446 -2.51 3.31 -20.52
C GLY B 446 -1.97 4.67 -20.10
N ILE B 447 -1.75 5.57 -21.05
CA ILE B 447 -1.13 6.88 -20.84
C ILE B 447 -2.09 7.93 -21.40
N CYS B 448 -2.66 8.77 -20.53
CA CYS B 448 -3.66 9.73 -20.98
C CYS B 448 -3.31 11.14 -20.53
N TRP B 449 -3.36 12.08 -21.46
CA TRP B 449 -2.99 13.46 -21.18
C TRP B 449 -4.17 14.38 -21.39
N ILE B 450 -4.42 15.25 -20.42
CA ILE B 450 -5.48 16.25 -20.51
C ILE B 450 -4.82 17.61 -20.67
N ASN B 451 -5.06 18.26 -21.80
CA ASN B 451 -4.54 19.59 -22.08
C ASN B 451 -3.02 19.63 -22.03
N SER B 452 -2.40 18.55 -22.49
CA SER B 452 -0.95 18.48 -22.61
CA SER B 452 -0.95 18.45 -22.57
C SER B 452 -0.62 17.23 -23.43
N TRP B 453 0.68 16.97 -23.59
CA TRP B 453 1.15 15.78 -24.28
C TRP B 453 2.61 15.58 -23.94
N GLY B 454 3.01 14.31 -23.76
CA GLY B 454 4.40 13.91 -23.77
C GLY B 454 5.07 13.75 -22.41
N GLU B 455 4.59 14.43 -21.38
CA GLU B 455 5.28 14.40 -20.08
C GLU B 455 5.13 13.03 -19.44
N SER B 456 6.24 12.46 -18.97
CA SER B 456 6.26 11.10 -18.42
C SER B 456 7.00 11.09 -17.09
N PRO B 457 6.37 11.57 -16.02
CA PRO B 457 7.06 11.67 -14.72
C PRO B 457 7.52 10.31 -14.19
N ALA B 458 8.66 10.32 -13.49
CA ALA B 458 9.20 9.07 -12.97
C ALA B 458 8.19 8.33 -12.11
N GLU B 459 7.30 9.06 -11.43
CA GLU B 459 6.31 8.47 -10.52
C GLU B 459 5.17 7.80 -11.27
N MET B 460 5.03 8.06 -12.56
CA MET B 460 3.83 7.70 -13.29
C MET B 460 4.03 6.41 -14.06
N PRO B 461 3.35 5.33 -13.72
CA PRO B 461 3.45 4.10 -14.55
C PRO B 461 2.96 4.39 -15.95
N VAL B 462 3.71 3.90 -16.95
CA VAL B 462 3.39 4.11 -18.36
C VAL B 462 3.54 2.79 -19.14
N GLY B 463 2.57 2.51 -19.99
CA GLY B 463 2.60 1.32 -20.81
C GLY B 463 1.30 1.18 -21.55
N GLY B 464 1.22 0.13 -22.35
CA GLY B 464 0.16 -0.01 -23.34
C GLY B 464 -0.97 -0.95 -22.99
N TYR B 465 -2.17 -0.60 -23.45
CA TYR B 465 -3.26 -1.56 -23.59
C TYR B 465 -3.08 -2.37 -24.86
N LYS B 466 -3.74 -3.54 -24.91
CA LYS B 466 -3.91 -4.36 -26.12
C LYS B 466 -2.56 -4.65 -26.75
N HIS B 467 -2.35 -4.34 -28.03
CA HIS B 467 -1.13 -4.72 -28.71
C HIS B 467 0.02 -3.76 -28.41
N SER B 468 -0.22 -2.70 -27.64
CA SER B 468 0.86 -1.76 -27.38
C SER B 468 1.76 -2.17 -26.22
N GLY B 469 1.43 -3.20 -25.45
CA GLY B 469 2.41 -3.59 -24.45
C GLY B 469 1.90 -4.61 -23.45
N ILE B 470 2.86 -5.09 -22.66
CA ILE B 470 2.65 -5.94 -21.50
C ILE B 470 3.41 -5.31 -20.36
N GLY B 471 2.75 -5.15 -19.22
CA GLY B 471 3.43 -4.56 -18.08
C GLY B 471 3.60 -3.05 -18.22
N ARG B 472 4.42 -2.51 -17.33
CA ARG B 472 4.56 -1.07 -17.22
C ARG B 472 6.01 -0.71 -16.89
N GLU B 473 6.32 0.56 -17.10
CA GLU B 473 7.57 1.17 -16.68
C GLU B 473 7.29 2.40 -15.83
N ASN B 474 8.26 2.73 -14.98
CA ASN B 474 8.19 3.86 -14.04
C ASN B 474 7.16 3.59 -12.94
N GLY B 475 7.10 4.46 -11.94
CA GLY B 475 6.23 4.26 -10.79
C GLY B 475 6.75 3.21 -9.82
N VAL B 476 6.10 3.18 -8.65
CA VAL B 476 6.45 2.19 -7.62
CA VAL B 476 6.46 2.20 -7.63
C VAL B 476 6.20 0.78 -8.13
N MET B 477 5.14 0.60 -8.91
CA MET B 477 4.79 -0.76 -9.31
C MET B 477 5.89 -1.40 -10.16
N THR B 478 6.66 -0.61 -10.90
CA THR B 478 7.68 -1.23 -11.74
C THR B 478 8.88 -1.72 -10.90
N LEU B 479 9.20 -1.07 -9.79
CA LEU B 479 10.21 -1.62 -8.88
C LEU B 479 9.80 -3.00 -8.37
N GLN B 480 8.52 -3.15 -7.98
CA GLN B 480 8.04 -4.44 -7.50
C GLN B 480 8.01 -5.50 -8.60
N SER B 481 7.69 -5.11 -9.83
CA SER B 481 7.64 -6.06 -10.93
C SER B 481 9.02 -6.59 -11.31
N TYR B 482 10.10 -5.99 -10.80
CA TYR B 482 11.44 -6.56 -10.98
C TYR B 482 11.86 -7.41 -9.78
N THR B 483 10.92 -7.74 -8.89
CA THR B 483 11.13 -8.76 -7.88
C THR B 483 10.09 -9.85 -8.05
N GLN B 484 10.33 -10.98 -7.38
CA GLN B 484 9.36 -12.06 -7.31
C GLN B 484 8.97 -12.33 -5.87
N VAL B 485 7.70 -12.66 -5.67
CA VAL B 485 7.17 -12.83 -4.34
C VAL B 485 7.44 -14.26 -3.90
N LYS B 486 7.99 -14.41 -2.71
CA LYS B 486 8.08 -15.69 -2.02
C LYS B 486 7.17 -15.60 -0.81
N SER B 487 6.20 -16.52 -0.72
CA SER B 487 5.32 -16.61 0.43
C SER B 487 5.81 -17.70 1.38
N ILE B 488 5.87 -17.38 2.66
CA ILE B 488 6.41 -18.29 3.68
C ILE B 488 5.40 -18.45 4.80
N GLN B 489 4.94 -19.68 5.02
CA GLN B 489 4.08 -19.98 6.17
C GLN B 489 4.89 -20.60 7.29
N VAL B 490 4.81 -20.00 8.46
CA VAL B 490 5.35 -20.57 9.70
C VAL B 490 4.20 -21.23 10.44
N GLU B 491 4.25 -22.54 10.52
CA GLU B 491 3.26 -23.33 11.24
C GLU B 491 3.88 -23.71 12.58
N MET B 492 3.37 -23.10 13.65
CA MET B 492 3.84 -23.36 15.01
C MET B 492 2.95 -24.35 15.78
N GLY B 493 1.80 -24.72 15.24
CA GLY B 493 0.94 -25.72 15.83
C GLY B 493 1.31 -27.09 15.33
N PRO B 494 0.75 -28.13 15.96
CA PRO B 494 1.06 -29.51 15.53
C PRO B 494 0.42 -29.84 14.19
N PHE B 495 1.24 -30.35 13.28
CA PHE B 495 0.75 -30.69 11.95
C PHE B 495 -0.03 -31.98 11.97
N GLN B 496 -1.17 -32.01 11.27
CA GLN B 496 -2.10 -33.14 11.29
C GLN B 496 -2.10 -33.82 9.93
N SER B 497 -1.76 -35.10 9.92
CA SER B 497 -1.78 -35.90 8.72
C SER B 497 -3.02 -36.77 8.74
N ILE B 498 -3.69 -36.89 7.58
CA ILE B 498 -4.82 -37.79 7.45
C ILE B 498 -4.39 -39.24 7.23
N PHE B 499 -3.09 -39.50 7.11
CA PHE B 499 -2.58 -40.84 6.84
C PHE B 499 -2.02 -41.45 8.12
N ARG C 12 33.64 28.94 28.69
CA ARG C 12 32.25 29.11 28.26
C ARG C 12 32.18 29.73 26.86
N MET C 13 31.36 29.14 26.01
CA MET C 13 31.18 29.62 24.64
C MET C 13 30.50 30.97 24.68
N ALA C 14 30.35 31.60 23.52
CA ALA C 14 29.57 32.84 23.49
C ALA C 14 28.11 32.51 23.78
N GLU C 15 27.38 33.51 24.29
CA GLU C 15 25.98 33.31 24.59
C GLU C 15 25.25 32.77 23.36
N GLN C 16 24.59 31.62 23.52
CA GLN C 16 23.95 30.95 22.41
C GLN C 16 22.60 31.58 22.13
N GLN C 17 22.35 31.89 20.86
CA GLN C 17 21.13 32.57 20.45
C GLN C 17 20.12 31.60 19.86
N LEU C 18 18.95 32.12 19.56
CA LEU C 18 17.92 31.38 18.86
C LEU C 18 18.28 31.26 17.37
N TYR C 19 17.65 30.30 16.70
CA TYR C 19 17.78 30.16 15.25
C TYR C 19 16.41 30.34 14.62
N ILE C 20 16.19 31.47 13.95
CA ILE C 20 14.93 31.79 13.31
C ILE C 20 15.20 32.32 11.90
N HIS C 21 14.54 31.71 10.91
CA HIS C 21 14.57 32.17 9.52
C HIS C 21 15.99 32.21 8.94
N GLY C 22 16.72 31.10 9.08
CA GLY C 22 18.02 30.99 8.45
C GLY C 22 19.15 31.76 9.12
N LYS C 23 18.94 32.26 10.34
CA LYS C 23 20.00 33.00 11.01
C LYS C 23 19.83 32.88 12.52
N PHE C 24 20.96 33.05 13.22
CA PHE C 24 20.94 33.20 14.66
C PHE C 24 20.40 34.57 15.02
N VAL C 25 19.62 34.64 16.10
CA VAL C 25 18.94 35.88 16.44
C VAL C 25 18.78 35.96 17.96
N ALA C 26 18.89 37.18 18.48
CA ALA C 26 18.79 37.40 19.92
C ALA C 26 17.36 37.19 20.40
N ALA C 27 17.23 36.51 21.53
CA ALA C 27 15.93 36.36 22.17
C ALA C 27 15.47 37.68 22.78
N THR C 28 14.15 37.88 22.78
CA THR C 28 13.53 39.05 23.37
C THR C 28 12.98 38.75 24.76
N SER C 29 13.24 37.56 25.29
CA SER C 29 12.71 37.19 26.58
C SER C 29 13.50 37.79 27.74
N GLY C 30 14.76 38.09 27.53
CA GLY C 30 15.62 38.51 28.62
C GLY C 30 16.03 37.42 29.57
N LYS C 31 15.78 36.16 29.25
CA LYS C 31 16.05 35.05 30.15
C LYS C 31 17.08 34.12 29.50
N THR C 32 17.86 33.44 30.35
CA THR C 32 18.89 32.54 29.89
C THR C 32 18.94 31.33 30.79
N PHE C 33 19.64 30.29 30.34
CA PHE C 33 19.94 29.13 31.17
C PHE C 33 21.31 28.60 30.78
N GLU C 34 21.83 27.71 31.61
CA GLU C 34 23.17 27.17 31.44
C GLU C 34 23.12 25.67 31.21
N THR C 35 24.02 25.17 30.38
CA THR C 35 24.21 23.74 30.22
C THR C 35 25.57 23.36 30.78
N ILE C 36 25.59 22.28 31.54
CA ILE C 36 26.74 21.85 32.32
C ILE C 36 27.36 20.63 31.66
N ASN C 37 28.68 20.60 31.63
CA ASN C 37 29.37 19.39 31.24
C ASN C 37 29.26 18.38 32.38
N PRO C 38 28.58 17.25 32.20
CA PRO C 38 28.37 16.33 33.33
C PRO C 38 29.63 15.65 33.79
N ALA C 39 30.72 15.74 33.05
CA ALA C 39 31.95 15.07 33.47
C ALA C 39 32.83 15.94 34.34
N THR C 40 32.61 17.26 34.32
CA THR C 40 33.42 18.20 35.06
C THR C 40 32.62 19.15 35.96
N GLY C 41 31.32 19.34 35.69
CA GLY C 41 30.53 20.31 36.39
C GLY C 41 30.63 21.72 35.87
N GLU C 42 31.50 21.97 34.89
CA GLU C 42 31.70 23.31 34.36
C GLU C 42 30.55 23.70 33.44
N VAL C 43 30.31 25.00 33.35
CA VAL C 43 29.35 25.54 32.41
C VAL C 43 29.90 25.43 31.00
N LEU C 44 29.18 24.69 30.14
CA LEU C 44 29.54 24.65 28.72
C LEU C 44 29.17 25.96 28.03
N ALA C 45 27.98 26.49 28.29
CA ALA C 45 27.53 27.70 27.63
C ALA C 45 26.31 28.25 28.32
N THR C 46 26.10 29.55 28.12
CA THR C 46 24.88 30.27 28.48
C THR C 46 23.99 30.32 27.25
N VAL C 47 22.72 29.97 27.41
CA VAL C 47 21.81 29.80 26.29
C VAL C 47 20.60 30.71 26.48
N GLN C 48 20.27 31.45 25.42
CA GLN C 48 19.08 32.29 25.44
C GLN C 48 17.82 31.44 25.36
N ALA C 49 16.77 31.89 26.06
CA ALA C 49 15.51 31.18 26.16
C ALA C 49 14.43 31.91 25.37
N ALA C 50 13.71 31.18 24.52
CA ALA C 50 12.70 31.79 23.67
C ALA C 50 11.45 32.19 24.46
N GLY C 51 11.06 33.46 24.31
CA GLY C 51 9.85 33.96 24.95
C GLY C 51 8.62 33.75 24.09
N ARG C 52 7.49 34.23 24.60
CA ARG C 52 6.23 34.06 23.90
C ARG C 52 6.27 34.79 22.57
N GLU C 53 6.85 36.01 22.58
CA GLU C 53 6.98 36.77 21.33
C GLU C 53 7.97 36.12 20.37
N ASP C 54 9.01 35.48 20.90
CA ASP C 54 9.96 34.74 20.07
C ASP C 54 9.30 33.54 19.38
N VAL C 55 8.41 32.85 20.10
CA VAL C 55 7.69 31.71 19.54
C VAL C 55 6.78 32.16 18.41
N ASP C 56 6.06 33.27 18.60
CA ASP C 56 5.20 33.77 17.53
C ASP C 56 6.02 34.15 16.30
N ARG C 57 7.17 34.79 16.52
CA ARG C 57 8.04 35.16 15.41
CA ARG C 57 8.04 35.16 15.41
C ARG C 57 8.51 33.91 14.67
N ALA C 58 8.93 32.90 15.40
CA ALA C 58 9.37 31.64 14.79
C ALA C 58 8.26 30.99 13.98
N VAL C 59 7.01 31.09 14.44
CA VAL C 59 5.89 30.48 13.72
C VAL C 59 5.65 31.20 12.40
N LYS C 60 5.68 32.53 12.41
CA LYS C 60 5.44 33.28 11.18
C LYS C 60 6.56 33.03 10.19
N SER C 61 7.80 32.93 10.69
CA SER C 61 8.92 32.51 9.85
C SER C 61 8.65 31.14 9.25
N ALA C 62 8.20 30.20 10.07
CA ALA C 62 7.97 28.84 9.60
C ALA C 62 6.86 28.77 8.57
N GLN C 63 5.81 29.58 8.75
CA GLN C 63 4.72 29.56 7.78
C GLN C 63 5.21 30.01 6.41
N GLN C 64 6.02 31.07 6.38
CA GLN C 64 6.56 31.57 5.11
C GLN C 64 7.50 30.54 4.47
N GLY C 65 8.37 29.92 5.26
CA GLY C 65 9.25 28.91 4.70
C GLY C 65 8.51 27.69 4.19
N GLN C 66 7.51 27.24 4.94
CA GLN C 66 6.80 26.04 4.55
C GLN C 66 6.15 26.20 3.18
N LYS C 67 5.67 27.41 2.86
CA LYS C 67 5.06 27.60 1.55
C LYS C 67 6.06 27.45 0.40
N VAL C 68 7.25 28.02 0.55
CA VAL C 68 8.30 27.84 -0.44
C VAL C 68 8.67 26.35 -0.55
N TRP C 69 8.94 25.73 0.60
CA TRP C 69 9.36 24.34 0.62
C TRP C 69 8.34 23.44 -0.06
N ALA C 70 7.06 23.64 0.28
CA ALA C 70 6.04 22.77 -0.25
C ALA C 70 5.84 23.02 -1.73
N ALA C 71 6.10 24.23 -2.20
CA ALA C 71 5.90 24.50 -3.61
C ALA C 71 6.99 23.90 -4.49
N MET C 72 8.15 23.58 -3.91
CA MET C 72 9.19 22.90 -4.67
C MET C 72 8.71 21.52 -5.13
N SER C 73 9.43 20.96 -6.08
CA SER C 73 9.15 19.59 -6.47
C SER C 73 9.60 18.60 -5.39
N ALA C 74 9.05 17.40 -5.47
CA ALA C 74 9.42 16.37 -4.52
C ALA C 74 10.91 16.06 -4.61
N MET C 75 11.44 15.92 -5.83
CA MET C 75 12.85 15.56 -5.99
C MET C 75 13.76 16.72 -5.58
N ALA C 76 13.29 17.96 -5.74
CA ALA C 76 14.06 19.10 -5.24
C ALA C 76 14.18 19.06 -3.73
N ARG C 77 13.08 18.72 -3.02
CA ARG C 77 13.18 18.56 -1.57
C ARG C 77 14.09 17.40 -1.21
N SER C 78 13.99 16.29 -1.94
CA SER C 78 14.87 15.15 -1.68
CA SER C 78 14.87 15.15 -1.68
C SER C 78 16.34 15.54 -1.81
N ARG C 79 16.69 16.32 -2.84
CA ARG C 79 18.10 16.65 -3.03
C ARG C 79 18.63 17.47 -1.86
N ILE C 80 17.83 18.42 -1.36
CA ILE C 80 18.28 19.27 -0.26
C ILE C 80 18.51 18.44 0.99
N LEU C 81 17.59 17.54 1.31
CA LEU C 81 17.79 16.71 2.50
C LEU C 81 19.00 15.81 2.33
N ARG C 82 19.27 15.35 1.10
CA ARG C 82 20.44 14.50 0.86
CA ARG C 82 20.43 14.51 0.86
C ARG C 82 21.74 15.26 1.07
N LYS C 83 21.76 16.55 0.71
CA LYS C 83 22.93 17.38 0.98
C LYS C 83 23.12 17.56 2.48
N ALA C 84 22.02 17.67 3.23
CA ALA C 84 22.14 17.69 4.67
C ALA C 84 22.77 16.40 5.18
N VAL C 85 22.38 15.28 4.59
CA VAL C 85 22.99 14.00 4.96
C VAL C 85 24.49 14.04 4.74
N ASP C 86 24.93 14.50 3.55
CA ASP C 86 26.36 14.49 3.24
C ASP C 86 27.14 15.36 4.22
N ILE C 87 26.59 16.52 4.58
CA ILE C 87 27.26 17.36 5.56
C ILE C 87 27.34 16.64 6.91
N LEU C 88 26.26 15.96 7.31
CA LEU C 88 26.28 15.29 8.61
C LEU C 88 27.33 14.19 8.66
N ARG C 89 27.47 13.43 7.56
CA ARG C 89 28.48 12.38 7.50
C ARG C 89 29.89 12.96 7.62
N GLU C 90 30.13 14.08 6.93
CA GLU C 90 31.44 14.71 6.95
C GLU C 90 31.77 15.32 8.31
N ARG C 91 30.78 15.89 8.99
CA ARG C 91 30.99 16.51 10.30
C ARG C 91 30.69 15.57 11.47
N ASN C 92 30.70 14.25 11.21
CA ASN C 92 30.28 13.31 12.24
C ASN C 92 31.10 13.48 13.51
N ASP C 93 32.43 13.50 13.37
CA ASP C 93 33.31 13.49 14.56
C ASP C 93 33.22 14.81 15.33
N GLU C 94 33.16 15.94 14.61
CA GLU C 94 32.97 17.22 15.27
C GLU C 94 31.66 17.25 16.06
N LEU C 95 30.56 16.81 15.43
CA LEU C 95 29.27 16.83 16.12
C LEU C 95 29.27 15.84 17.28
N ALA C 96 29.87 14.67 17.10
CA ALA C 96 29.91 13.67 18.15
C ALA C 96 30.63 14.22 19.37
N ARG C 97 31.75 14.94 19.16
CA ARG C 97 32.49 15.49 20.29
C ARG C 97 31.64 16.50 21.05
N LEU C 98 30.95 17.38 20.32
CA LEU C 98 30.04 18.31 21.00
C LEU C 98 28.96 17.56 21.77
N GLU C 99 28.41 16.50 21.17
CA GLU C 99 27.36 15.75 21.85
C GLU C 99 27.89 15.12 23.13
N THR C 100 29.11 14.60 23.11
CA THR C 100 29.74 14.04 24.30
C THR C 100 29.90 15.09 25.40
N LEU C 101 30.34 16.29 25.03
CA LEU C 101 30.49 17.34 26.04
C LEU C 101 29.16 17.69 26.68
N ASP C 102 28.08 17.72 25.90
CA ASP C 102 26.77 18.15 26.39
C ASP C 102 26.05 17.07 27.18
N THR C 103 26.21 15.80 26.79
CA THR C 103 25.43 14.69 27.35
C THR C 103 26.23 13.83 28.33
N GLY C 104 27.55 13.80 28.21
CA GLY C 104 28.35 12.88 28.98
C GLY C 104 28.47 11.49 28.38
N LYS C 105 27.90 11.26 27.22
CA LYS C 105 28.01 9.94 26.59
C LYS C 105 29.39 9.77 25.97
N PRO C 106 29.98 8.57 26.08
CA PRO C 106 31.32 8.36 25.52
C PRO C 106 31.37 8.62 24.03
N LEU C 107 32.51 9.16 23.59
CA LEU C 107 32.73 9.36 22.16
C LEU C 107 32.64 8.05 21.39
N SER C 108 33.01 6.94 22.04
CA SER C 108 32.85 5.63 21.43
C SER C 108 31.40 5.37 21.04
N GLU C 109 30.45 5.97 21.75
CA GLU C 109 29.04 5.88 21.38
C GLU C 109 28.64 6.97 20.40
N THR C 110 28.92 8.24 20.74
CA THR C 110 28.36 9.36 19.99
C THR C 110 28.89 9.39 18.57
N ALA C 111 30.16 9.03 18.39
CA ALA C 111 30.74 9.05 17.06
C ALA C 111 30.30 7.88 16.20
N ALA C 112 29.75 6.81 16.80
CA ALA C 112 29.33 5.64 16.05
C ALA C 112 27.82 5.49 15.95
N VAL C 113 27.04 6.20 16.77
CA VAL C 113 25.59 5.97 16.80
C VAL C 113 24.77 7.23 16.56
N ASP C 114 25.01 8.27 17.37
CA ASP C 114 24.09 9.40 17.44
C ASP C 114 23.87 10.07 16.10
N ILE C 115 24.94 10.58 15.49
CA ILE C 115 24.79 11.26 14.21
C ILE C 115 24.56 10.23 13.10
N VAL C 116 25.20 9.06 13.21
CA VAL C 116 25.08 8.05 12.16
C VAL C 116 23.63 7.60 12.00
N THR C 117 22.96 7.27 13.11
CA THR C 117 21.59 6.80 13.01
C THR C 117 20.62 7.96 12.77
N GLY C 118 20.95 9.16 13.24
CA GLY C 118 20.13 10.31 12.89
C GLY C 118 20.16 10.58 11.40
N ALA C 119 21.36 10.61 10.82
CA ALA C 119 21.47 10.82 9.39
C ALA C 119 20.89 9.65 8.59
N ASP C 120 20.96 8.41 9.11
CA ASP C 120 20.34 7.30 8.39
C ASP C 120 18.87 7.55 8.19
N VAL C 121 18.19 8.10 9.21
CA VAL C 121 16.76 8.34 9.09
C VAL C 121 16.50 9.48 8.10
N LEU C 122 17.33 10.52 8.14
CA LEU C 122 17.12 11.61 7.20
C LEU C 122 17.34 11.13 5.76
N GLU C 123 18.38 10.32 5.55
CA GLU C 123 18.66 9.76 4.24
C GLU C 123 17.49 8.93 3.76
N TYR C 124 16.95 8.11 4.65
CA TYR C 124 15.80 7.27 4.33
C TYR C 124 14.62 8.11 3.85
N TYR C 125 14.24 9.14 4.61
CA TYR C 125 13.06 9.91 4.23
C TYR C 125 13.31 10.78 3.00
N ALA C 126 14.55 11.27 2.81
CA ALA C 126 14.87 12.00 1.60
C ALA C 126 14.49 11.21 0.37
N GLY C 127 14.77 9.91 0.38
CA GLY C 127 14.49 9.07 -0.77
C GLY C 127 13.03 8.73 -0.95
N LEU C 128 12.23 8.78 0.11
CA LEU C 128 10.82 8.41 0.03
C LEU C 128 9.89 9.53 -0.39
N ILE C 129 10.37 10.79 -0.41
CA ILE C 129 9.48 11.91 -0.74
C ILE C 129 8.75 11.68 -2.04
N PRO C 130 9.38 11.21 -3.13
CA PRO C 130 8.63 11.03 -4.38
C PRO C 130 7.60 9.93 -4.34
N ALA C 131 7.68 9.02 -3.36
CA ALA C 131 6.70 7.94 -3.24
C ALA C 131 5.49 8.32 -2.41
N LEU C 132 5.47 9.51 -1.81
CA LEU C 132 4.31 9.95 -1.04
C LEU C 132 3.15 10.21 -1.99
N GLU C 133 2.11 9.39 -1.89
CA GLU C 133 1.04 9.36 -2.86
C GLU C 133 -0.31 9.33 -2.15
N GLY C 134 -1.29 9.96 -2.79
CA GLY C 134 -2.68 9.79 -2.43
C GLY C 134 -3.27 8.61 -3.16
N SER C 135 -4.60 8.57 -3.16
CA SER C 135 -5.35 7.45 -3.71
CA SER C 135 -5.32 7.45 -3.75
C SER C 135 -6.44 7.97 -4.64
N GLN C 136 -6.98 7.08 -5.45
CA GLN C 136 -8.12 7.37 -6.30
C GLN C 136 -9.11 6.23 -6.16
N ILE C 137 -10.39 6.59 -6.04
CA ILE C 137 -11.45 5.62 -5.75
C ILE C 137 -12.60 5.87 -6.71
N PRO C 138 -12.93 4.96 -7.62
CA PRO C 138 -14.11 5.14 -8.46
C PRO C 138 -15.38 4.82 -7.68
N LEU C 139 -16.38 5.68 -7.80
CA LEU C 139 -17.68 5.42 -7.18
C LEU C 139 -18.67 4.86 -8.18
N ARG C 140 -18.72 5.47 -9.36
CA ARG C 140 -19.62 5.14 -10.44
C ARG C 140 -19.07 5.88 -11.67
N ASP C 141 -19.65 5.61 -12.83
CA ASP C 141 -19.13 6.23 -14.04
C ASP C 141 -19.14 7.75 -13.93
N SER C 142 -20.10 8.33 -13.23
CA SER C 142 -20.25 9.78 -13.20
C SER C 142 -19.62 10.43 -11.96
N SER C 143 -18.89 9.68 -11.14
CA SER C 143 -18.24 10.31 -10.00
C SER C 143 -17.05 9.50 -9.49
N PHE C 144 -16.00 10.20 -9.07
CA PHE C 144 -14.86 9.56 -8.43
C PHE C 144 -14.31 10.44 -7.31
N VAL C 145 -13.48 9.82 -6.47
CA VAL C 145 -12.82 10.45 -5.34
C VAL C 145 -11.32 10.32 -5.54
N TYR C 146 -10.58 11.36 -5.20
CA TYR C 146 -9.14 11.22 -5.06
C TYR C 146 -8.71 11.94 -3.79
N THR C 147 -7.59 11.47 -3.24
CA THR C 147 -7.08 12.04 -2.01
C THR C 147 -5.70 12.61 -2.26
N ARG C 148 -5.41 13.66 -1.49
CA ARG C 148 -4.10 14.29 -1.38
C ARG C 148 -3.57 14.11 0.03
N ARG C 149 -2.28 13.85 0.14
CA ARG C 149 -1.58 13.85 1.41
C ARG C 149 -0.88 15.20 1.51
N GLU C 150 -1.55 16.14 2.18
CA GLU C 150 -1.10 17.52 2.27
C GLU C 150 -0.27 17.73 3.54
N PRO C 151 0.66 18.69 3.51
CA PRO C 151 1.40 19.00 4.73
C PRO C 151 0.46 19.51 5.81
N LEU C 152 0.83 19.21 7.05
CA LEU C 152 0.10 19.80 8.18
C LEU C 152 0.31 21.29 8.25
N GLY C 153 1.46 21.78 7.79
CA GLY C 153 1.80 23.18 7.89
C GLY C 153 3.02 23.37 8.76
N VAL C 154 2.81 23.93 9.94
CA VAL C 154 3.88 24.13 10.92
C VAL C 154 3.70 23.13 12.05
N VAL C 155 4.73 22.37 12.32
CA VAL C 155 4.75 21.38 13.39
C VAL C 155 5.85 21.73 14.37
N ALA C 156 5.72 21.23 15.59
CA ALA C 156 6.69 21.48 16.65
C ALA C 156 7.20 20.15 17.19
N GLY C 157 8.51 20.04 17.30
CA GLY C 157 9.15 18.90 17.92
C GLY C 157 9.78 19.36 19.23
N ILE C 158 9.63 18.56 20.25
CA ILE C 158 10.18 18.84 21.56
C ILE C 158 11.07 17.67 21.92
N GLY C 159 12.40 17.93 22.03
CA GLY C 159 13.36 16.87 22.24
C GLY C 159 13.65 16.56 23.71
N ALA C 160 14.27 15.40 23.92
CA ALA C 160 14.81 14.92 25.18
C ALA C 160 16.33 15.01 25.17
N TRP C 161 16.95 14.66 26.28
CA TRP C 161 18.38 14.91 26.44
C TRP C 161 19.27 13.69 26.20
N ASN C 162 18.74 12.49 26.10
CA ASN C 162 19.64 11.34 26.02
C ASN C 162 20.25 11.20 24.64
N TYR C 163 19.50 11.50 23.58
CA TYR C 163 20.00 11.45 22.20
C TYR C 163 19.62 12.75 21.51
N PRO C 164 20.27 13.86 21.86
CA PRO C 164 19.79 15.17 21.39
C PRO C 164 19.72 15.30 19.87
N ILE C 165 20.84 15.06 19.18
CA ILE C 165 20.82 15.32 17.72
C ILE C 165 20.03 14.22 17.00
N GLN C 166 20.13 12.98 17.49
CA GLN C 166 19.38 11.89 16.88
C GLN C 166 17.88 12.15 16.95
N ILE C 167 17.40 12.59 18.13
CA ILE C 167 15.97 12.86 18.27
C ILE C 167 15.56 14.00 17.34
N ALA C 168 16.35 15.06 17.28
CA ALA C 168 16.03 16.16 16.39
C ALA C 168 15.95 15.71 14.93
N LEU C 169 16.81 14.75 14.53
CA LEU C 169 16.74 14.25 13.17
C LEU C 169 15.53 13.34 12.95
N TRP C 170 15.23 12.48 13.94
CA TRP C 170 14.13 11.55 13.82
C TRP C 170 12.79 12.25 13.75
N LYS C 171 12.68 13.44 14.35
CA LYS C 171 11.48 14.25 14.25
C LYS C 171 11.49 15.13 13.01
N SER C 172 12.61 15.81 12.77
CA SER C 172 12.65 16.78 11.67
C SER C 172 12.66 16.09 10.31
N ALA C 173 13.27 14.91 10.20
CA ALA C 173 13.37 14.27 8.89
C ALA C 173 12.01 13.94 8.29
N PRO C 174 11.11 13.20 8.96
CA PRO C 174 9.80 12.96 8.33
C PRO C 174 8.99 14.23 8.21
N ALA C 175 9.12 15.13 9.18
CA ALA C 175 8.35 16.37 9.14
C ALA C 175 8.70 17.17 7.90
N LEU C 176 10.00 17.39 7.66
CA LEU C 176 10.44 18.13 6.48
C LEU C 176 10.13 17.37 5.18
N ALA C 177 10.33 16.04 5.19
CA ALA C 177 10.11 15.24 4.00
C ALA C 177 8.65 15.27 3.56
N ALA C 178 7.73 15.47 4.50
CA ALA C 178 6.30 15.52 4.20
C ALA C 178 5.83 16.90 3.78
N GLY C 179 6.75 17.86 3.69
CA GLY C 179 6.44 19.19 3.24
C GLY C 179 6.15 20.21 4.33
N ASN C 180 6.42 19.87 5.58
CA ASN C 180 6.19 20.80 6.68
C ASN C 180 7.43 21.61 7.02
N ALA C 181 7.23 22.67 7.80
CA ALA C 181 8.29 23.32 8.55
C ALA C 181 8.17 22.91 10.01
N MET C 182 9.29 22.72 10.68
CA MET C 182 9.30 22.32 12.08
C MET C 182 10.04 23.37 12.90
N ILE C 183 9.44 23.73 14.03
CA ILE C 183 10.10 24.48 15.10
C ILE C 183 10.49 23.46 16.17
N PHE C 184 11.79 23.32 16.42
CA PHE C 184 12.30 22.32 17.33
C PHE C 184 12.80 22.99 18.61
N LYS C 185 12.32 22.51 19.75
CA LYS C 185 12.81 22.94 21.05
C LYS C 185 13.63 21.81 21.64
N PRO C 186 14.95 21.92 21.69
CA PRO C 186 15.75 20.89 22.35
C PRO C 186 15.55 20.94 23.86
N SER C 187 15.96 19.86 24.51
CA SER C 187 15.99 19.82 25.97
C SER C 187 16.94 20.87 26.52
N GLU C 188 16.52 21.53 27.61
CA GLU C 188 17.37 22.51 28.27
C GLU C 188 18.68 21.90 28.78
N VAL C 189 18.70 20.59 29.05
CA VAL C 189 19.93 19.94 29.48
C VAL C 189 20.96 19.91 28.36
N THR C 190 20.52 19.77 27.11
CA THR C 190 21.40 19.50 25.98
C THR C 190 20.95 20.27 24.75
N PRO C 191 21.09 21.59 24.76
CA PRO C 191 20.58 22.40 23.65
C PRO C 191 21.53 22.62 22.48
N LEU C 192 22.79 22.19 22.61
CA LEU C 192 23.81 22.69 21.69
C LEU C 192 23.75 22.05 20.31
N THR C 193 23.60 20.72 20.21
CA THR C 193 23.73 20.11 18.89
C THR C 193 22.58 20.49 17.96
N ALA C 194 21.40 20.80 18.49
CA ALA C 194 20.28 21.21 17.65
C ALA C 194 20.56 22.54 16.97
N LEU C 195 21.29 23.44 17.61
CA LEU C 195 21.62 24.70 16.97
C LEU C 195 22.57 24.45 15.80
N LYS C 196 23.53 23.53 15.96
CA LYS C 196 24.38 23.14 14.85
C LYS C 196 23.57 22.52 13.72
N LEU C 197 22.59 21.68 14.05
CA LEU C 197 21.78 21.05 13.00
C LEU C 197 21.07 22.11 12.16
N ALA C 198 20.58 23.17 12.81
CA ALA C 198 19.90 24.23 12.09
C ALA C 198 20.81 24.88 11.05
N GLU C 199 22.06 25.14 11.40
CA GLU C 199 22.99 25.70 10.43
C GLU C 199 23.25 24.72 9.28
N ILE C 200 23.38 23.43 9.60
CA ILE C 200 23.65 22.45 8.56
C ILE C 200 22.51 22.41 7.56
N TYR C 201 21.27 22.41 8.04
CA TYR C 201 20.11 22.40 7.15
C TYR C 201 20.14 23.61 6.23
N ARG C 202 20.40 24.81 6.79
CA ARG C 202 20.46 25.98 5.93
C ARG C 202 21.57 25.85 4.90
N GLU C 203 22.75 25.37 5.32
CA GLU C 203 23.85 25.17 4.41
C GLU C 203 23.50 24.19 3.29
N ALA C 204 22.62 23.23 3.56
CA ALA C 204 22.21 22.29 2.53
C ALA C 204 21.20 22.90 1.56
N GLY C 205 20.69 24.09 1.84
CA GLY C 205 19.70 24.71 0.98
C GLY C 205 18.29 24.70 1.51
N LEU C 206 18.08 24.28 2.74
CA LEU C 206 16.73 24.33 3.30
C LEU C 206 16.25 25.77 3.31
N PRO C 207 15.05 26.06 2.80
CA PRO C 207 14.58 27.45 2.81
C PRO C 207 14.51 28.02 4.22
N ASP C 208 14.77 29.32 4.33
CA ASP C 208 14.69 29.97 5.63
C ASP C 208 13.31 29.76 6.26
N GLY C 209 13.30 29.42 7.54
CA GLY C 209 12.10 29.24 8.29
C GLY C 209 11.64 27.81 8.43
N VAL C 210 12.16 26.91 7.60
CA VAL C 210 11.62 25.55 7.59
C VAL C 210 12.07 24.73 8.80
N PHE C 211 13.25 25.03 9.35
CA PHE C 211 13.72 24.42 10.60
C PHE C 211 14.26 25.54 11.47
N ASN C 212 13.47 25.91 12.47
CA ASN C 212 13.84 26.89 13.49
C ASN C 212 14.07 26.19 14.82
N VAL C 213 15.05 26.65 15.58
CA VAL C 213 15.40 26.03 16.84
C VAL C 213 15.25 27.04 17.95
N LEU C 214 14.41 26.71 18.94
CA LEU C 214 14.12 27.60 20.07
C LEU C 214 14.53 26.93 21.36
N PRO C 215 15.76 27.14 21.82
CA PRO C 215 16.13 26.64 23.15
C PRO C 215 15.27 27.29 24.21
N GLY C 216 15.08 26.57 25.32
CA GLY C 216 14.34 27.11 26.43
C GLY C 216 13.93 26.04 27.42
N ILE C 217 13.07 26.44 28.35
CA ILE C 217 12.58 25.58 29.43
C ILE C 217 11.20 25.04 29.07
N GLY C 218 10.90 23.84 29.56
CA GLY C 218 9.61 23.24 29.27
C GLY C 218 8.45 24.06 29.80
N ALA C 219 8.58 24.59 31.02
CA ALA C 219 7.48 25.35 31.61
C ALA C 219 7.15 26.63 30.86
N GLU C 220 8.11 27.18 30.09
CA GLU C 220 7.84 28.38 29.32
C GLU C 220 7.90 28.12 27.81
N THR C 221 9.08 27.82 27.25
CA THR C 221 9.20 27.76 25.80
C THR C 221 8.40 26.59 25.25
N GLY C 222 8.54 25.42 25.88
CA GLY C 222 7.77 24.27 25.44
C GLY C 222 6.28 24.52 25.50
N GLN C 223 5.82 25.17 26.58
CA GLN C 223 4.40 25.43 26.74
C GLN C 223 3.91 26.45 25.71
N TYR C 224 4.74 27.43 25.34
CA TYR C 224 4.34 28.41 24.33
C TYR C 224 4.09 27.73 22.99
N LEU C 225 4.89 26.71 22.67
CA LEU C 225 4.70 25.96 21.43
C LEU C 225 3.43 25.13 21.49
N THR C 226 3.19 24.44 22.61
CA THR C 226 2.01 23.59 22.70
C THR C 226 0.73 24.41 22.64
N GLU C 227 0.79 25.69 22.99
CA GLU C 227 -0.40 26.54 23.04
C GLU C 227 -0.63 27.32 21.76
N HIS C 228 0.36 27.44 20.89
CA HIS C 228 0.25 28.40 19.81
C HIS C 228 -0.88 27.99 18.86
N PRO C 229 -1.77 28.91 18.51
CA PRO C 229 -2.94 28.53 17.69
C PRO C 229 -2.60 28.06 16.28
N ASP C 230 -1.43 28.40 15.73
CA ASP C 230 -1.10 28.11 14.34
C ASP C 230 -0.14 26.93 14.17
N ILE C 231 0.12 26.18 15.23
CA ILE C 231 0.92 24.97 15.12
C ILE C 231 -0.02 23.78 15.06
N ALA C 232 0.19 22.94 14.06
CA ALA C 232 -0.78 21.89 13.75
C ALA C 232 -0.48 20.57 14.42
N LYS C 233 0.75 20.34 14.85
CA LYS C 233 1.12 19.06 15.44
C LYS C 233 2.27 19.27 16.43
N ILE C 234 2.25 18.50 17.51
CA ILE C 234 3.35 18.44 18.47
C ILE C 234 3.88 17.02 18.47
N SER C 235 5.18 16.88 18.36
CA SER C 235 5.85 15.60 18.53
C SER C 235 6.78 15.72 19.72
N PHE C 236 6.55 14.90 20.75
CA PHE C 236 7.22 15.03 22.03
C PHE C 236 7.92 13.72 22.40
N THR C 237 9.19 13.82 22.77
CA THR C 237 9.93 12.72 23.37
C THR C 237 10.31 13.16 24.78
N GLY C 238 10.02 12.31 25.77
CA GLY C 238 10.29 12.66 27.15
C GLY C 238 9.69 11.66 28.12
N GLY C 239 9.44 12.15 29.35
CA GLY C 239 8.90 11.30 30.39
C GLY C 239 7.40 11.15 30.31
N VAL C 240 6.92 10.07 30.96
CA VAL C 240 5.49 9.76 30.95
C VAL C 240 4.69 10.89 31.55
N ALA C 241 5.13 11.43 32.69
CA ALA C 241 4.37 12.49 33.35
C ALA C 241 4.35 13.76 32.52
N SER C 242 5.51 14.21 32.04
CA SER C 242 5.56 15.41 31.20
C SER C 242 4.77 15.22 29.91
N GLY C 243 4.74 14.01 29.36
CA GLY C 243 3.94 13.77 28.18
C GLY C 243 2.47 14.05 28.43
N LYS C 244 1.94 13.56 29.56
CA LYS C 244 0.52 13.77 29.84
C LYS C 244 0.19 15.26 29.88
N LYS C 245 1.11 16.06 30.42
CA LYS C 245 0.90 17.51 30.46
C LYS C 245 0.95 18.11 29.05
N VAL C 246 1.94 17.72 28.24
CA VAL C 246 2.05 18.27 26.89
C VAL C 246 0.80 17.94 26.08
N MET C 247 0.39 16.68 26.10
CA MET C 247 -0.76 16.27 25.30
C MET C 247 -2.02 17.03 25.75
N ALA C 248 -2.17 17.25 27.06
CA ALA C 248 -3.32 17.97 27.60
C ALA C 248 -3.32 19.44 27.19
N ASN C 249 -2.17 20.12 27.31
CA ASN C 249 -2.10 21.52 26.92
C ASN C 249 -2.27 21.68 25.40
N SER C 250 -1.81 20.68 24.63
CA SER C 250 -1.96 20.72 23.19
C SER C 250 -3.42 20.61 22.79
N ALA C 251 -4.21 19.86 23.56
CA ALA C 251 -5.63 19.73 23.27
C ALA C 251 -6.37 20.99 23.66
N ALA C 252 -6.08 21.54 24.85
CA ALA C 252 -6.84 22.66 25.38
C ALA C 252 -6.71 23.91 24.54
N SER C 253 -5.58 24.08 23.85
CA SER C 253 -5.34 25.31 23.11
C SER C 253 -5.93 25.28 21.70
N SER C 254 -5.47 24.34 20.84
CA SER C 254 -5.90 24.34 19.44
C SER C 254 -6.13 22.94 18.86
N LEU C 255 -6.26 21.92 19.69
CA LEU C 255 -6.56 20.57 19.21
C LEU C 255 -5.53 20.11 18.19
N LYS C 256 -4.27 20.08 18.62
CA LYS C 256 -3.19 19.67 17.75
C LYS C 256 -3.14 18.15 17.62
N GLU C 257 -2.71 17.69 16.45
CA GLU C 257 -2.27 16.31 16.32
C GLU C 257 -1.07 16.09 17.24
N VAL C 258 -0.92 14.87 17.75
CA VAL C 258 0.07 14.56 18.77
C VAL C 258 0.79 13.26 18.46
N THR C 259 2.10 13.26 18.72
CA THR C 259 2.94 12.07 18.74
C THR C 259 3.75 12.12 20.02
N MET C 260 3.86 10.98 20.73
CA MET C 260 4.57 10.94 22.00
C MET C 260 5.40 9.67 22.08
N GLU C 261 6.70 9.84 22.33
CA GLU C 261 7.62 8.75 22.59
C GLU C 261 8.07 8.92 24.04
N LEU C 262 7.55 8.10 24.94
CA LEU C 262 7.81 8.22 26.36
C LEU C 262 8.71 7.05 26.81
N GLY C 263 8.89 6.92 28.12
CA GLY C 263 9.74 5.88 28.65
C GLY C 263 9.07 4.52 28.67
N GLY C 264 9.78 3.56 29.25
CA GLY C 264 9.29 2.20 29.38
C GLY C 264 9.87 1.48 30.59
N LYS C 265 9.39 0.25 30.79
CA LYS C 265 9.96 -0.68 31.75
C LYS C 265 10.06 -2.04 31.06
N SER C 266 10.81 -2.06 29.97
CA SER C 266 10.69 -3.15 29.02
C SER C 266 11.26 -4.46 29.59
N PRO C 267 10.58 -5.58 29.34
CA PRO C 267 11.09 -6.86 29.80
C PRO C 267 11.97 -7.57 28.78
N LEU C 268 13.02 -8.22 29.28
CA LEU C 268 13.87 -9.13 28.52
C LEU C 268 13.62 -10.53 29.06
N ILE C 269 13.04 -11.40 28.25
CA ILE C 269 12.67 -12.74 28.71
C ILE C 269 13.74 -13.72 28.25
N ILE C 270 14.39 -14.37 29.21
CA ILE C 270 15.36 -15.43 28.93
C ILE C 270 14.63 -16.76 28.99
N ALA C 271 14.63 -17.48 27.87
CA ALA C 271 13.90 -18.73 27.83
C ALA C 271 14.70 -19.87 28.47
N GLU C 272 13.99 -20.95 28.80
CA GLU C 272 14.63 -22.06 29.47
C GLU C 272 15.64 -22.78 28.60
N ASP C 273 15.57 -22.60 27.28
CA ASP C 273 16.53 -23.19 26.36
C ASP C 273 17.57 -22.19 25.87
N ALA C 274 17.69 -21.04 26.54
CA ALA C 274 18.59 -20.00 26.06
C ALA C 274 20.02 -20.27 26.50
N ASN C 275 20.96 -19.94 25.62
CA ASN C 275 22.38 -19.91 25.98
C ASN C 275 22.64 -18.70 26.87
N LEU C 276 23.20 -18.94 28.06
CA LEU C 276 23.30 -17.87 29.05
C LEU C 276 24.39 -16.86 28.74
N ASP C 277 25.42 -17.23 27.96
CA ASP C 277 26.38 -16.21 27.53
C ASP C 277 25.72 -15.20 26.60
N LEU C 278 24.92 -15.68 25.66
CA LEU C 278 24.18 -14.78 24.77
C LEU C 278 23.17 -13.95 25.54
N ALA C 279 22.40 -14.58 26.42
CA ALA C 279 21.43 -13.86 27.24
C ALA C 279 22.09 -12.78 28.09
N ALA C 280 23.23 -13.10 28.70
CA ALA C 280 23.94 -12.11 29.52
C ALA C 280 24.48 -10.96 28.67
N ASP C 281 25.00 -11.26 27.47
CA ASP C 281 25.45 -10.20 26.57
C ASP C 281 24.29 -9.28 26.15
N ILE C 282 23.13 -9.87 25.86
CA ILE C 282 21.98 -9.05 25.49
C ILE C 282 21.53 -8.21 26.67
N ALA C 283 21.49 -8.79 27.87
CA ALA C 283 21.08 -8.06 29.06
C ALA C 283 22.00 -6.88 29.33
N MET C 284 23.30 -7.06 29.13
CA MET C 284 24.24 -5.96 29.32
C MET C 284 23.94 -4.81 28.35
N MET C 285 23.82 -5.13 27.06
CA MET C 285 23.52 -4.09 26.07
C MET C 285 22.14 -3.49 26.29
N ALA C 286 21.23 -4.24 26.91
CA ALA C 286 19.90 -3.68 27.15
C ALA C 286 19.85 -2.80 28.39
N ASN C 287 20.95 -2.70 29.16
CA ASN C 287 20.89 -1.97 30.43
C ASN C 287 21.95 -0.89 30.63
N PHE C 288 23.14 -1.08 30.07
CA PHE C 288 24.26 -0.21 30.43
C PHE C 288 24.80 0.60 29.25
N TYR C 289 24.21 0.48 28.07
CA TYR C 289 24.57 1.39 26.98
C TYR C 289 24.05 2.78 27.32
N SER C 290 24.83 3.80 26.99
CA SER C 290 24.51 5.18 27.37
C SER C 290 24.23 5.31 28.87
N SER C 291 24.93 4.52 29.67
CA SER C 291 24.80 4.55 31.13
C SER C 291 23.35 4.36 31.57
N GLY C 292 22.59 3.54 30.86
CA GLY C 292 21.21 3.27 31.23
C GLY C 292 20.20 4.34 30.84
N GLN C 293 20.60 5.36 30.09
CA GLN C 293 19.69 6.46 29.75
C GLN C 293 19.09 6.24 28.36
N VAL C 294 18.37 5.13 28.21
CA VAL C 294 17.72 4.75 26.95
C VAL C 294 16.29 4.30 27.25
N CYS C 295 15.31 4.88 26.56
CA CYS C 295 13.91 4.60 26.85
C CYS C 295 13.57 3.14 26.66
N THR C 296 14.20 2.48 25.69
CA THR C 296 13.93 1.11 25.27
C THR C 296 14.65 0.04 26.09
N ASN C 297 15.36 0.42 27.15
CA ASN C 297 16.19 -0.53 27.87
C ASN C 297 15.39 -1.65 28.51
N GLY C 298 15.97 -2.85 28.47
CA GLY C 298 15.36 -4.03 29.07
C GLY C 298 15.70 -4.16 30.54
N THR C 299 15.09 -3.30 31.35
CA THR C 299 15.46 -3.15 32.75
C THR C 299 14.82 -4.18 33.67
N ARG C 300 13.89 -4.97 33.18
CA ARG C 300 13.33 -6.12 33.89
C ARG C 300 13.80 -7.35 33.12
N VAL C 301 14.79 -8.04 33.67
CA VAL C 301 15.37 -9.22 33.05
C VAL C 301 14.80 -10.44 33.76
N PHE C 302 13.97 -11.20 33.05
CA PHE C 302 13.34 -12.39 33.60
C PHE C 302 14.20 -13.61 33.28
N VAL C 303 14.63 -14.33 34.31
CA VAL C 303 15.49 -15.47 34.11
C VAL C 303 14.86 -16.70 34.77
N PRO C 304 14.91 -17.87 34.15
CA PRO C 304 14.36 -19.07 34.81
C PRO C 304 15.06 -19.38 36.11
N ALA C 305 14.29 -19.83 37.10
CA ALA C 305 14.85 -20.13 38.41
C ALA C 305 16.04 -21.07 38.31
N LYS C 306 15.94 -22.10 37.47
CA LYS C 306 17.03 -23.06 37.38
C LYS C 306 18.33 -22.46 36.85
N PHE C 307 18.28 -21.30 36.18
CA PHE C 307 19.46 -20.65 35.60
C PHE C 307 19.91 -19.41 36.36
N LYS C 308 19.16 -18.97 37.37
CA LYS C 308 19.37 -17.63 37.92
C LYS C 308 20.78 -17.48 38.48
N ALA C 309 21.24 -18.44 39.27
CA ALA C 309 22.53 -18.35 39.92
C ALA C 309 23.66 -18.24 38.88
N GLU C 310 23.63 -19.10 37.86
CA GLU C 310 24.64 -19.03 36.82
C GLU C 310 24.56 -17.70 36.07
N PHE C 311 23.34 -17.23 35.77
CA PHE C 311 23.20 -15.97 35.06
C PHE C 311 23.78 -14.80 35.86
N GLU C 312 23.51 -14.76 37.17
CA GLU C 312 24.08 -13.70 38.00
C GLU C 312 25.59 -13.68 37.88
N HIS C 313 26.24 -14.85 37.93
CA HIS C 313 27.69 -14.89 37.79
C HIS C 313 28.12 -14.34 36.42
N LYS C 314 27.41 -14.70 35.37
CA LYS C 314 27.80 -14.17 34.06
C LYS C 314 27.63 -12.66 34.01
N ILE C 315 26.58 -12.12 34.65
CA ILE C 315 26.42 -10.67 34.68
C ILE C 315 27.59 -10.02 35.42
N LEU C 316 27.97 -10.57 36.58
CA LEU C 316 29.03 -9.96 37.38
C LEU C 316 30.35 -9.91 36.62
N GLU C 317 30.70 -10.98 35.92
CA GLU C 317 31.93 -10.97 35.11
C GLU C 317 31.90 -9.84 34.09
N ARG C 318 30.78 -9.67 33.40
CA ARG C 318 30.70 -8.67 32.34
C ARG C 318 30.60 -7.26 32.89
N VAL C 319 30.00 -7.09 34.07
CA VAL C 319 30.00 -5.77 34.70
C VAL C 319 31.42 -5.34 35.02
N GLY C 320 32.25 -6.29 35.47
CA GLY C 320 33.65 -5.98 35.75
C GLY C 320 34.43 -5.52 34.54
N ARG C 321 33.98 -5.87 33.34
CA ARG C 321 34.65 -5.42 32.13
C ARG C 321 34.27 -4.01 31.73
N ILE C 322 33.26 -3.42 32.37
CA ILE C 322 32.86 -2.07 31.99
C ILE C 322 34.02 -1.12 32.29
N ARG C 323 34.30 -0.24 31.33
CA ARG C 323 35.47 0.62 31.35
C ARG C 323 34.98 2.07 31.37
N ALA C 324 34.91 2.63 32.57
CA ALA C 324 34.60 4.03 32.79
C ALA C 324 35.88 4.85 32.83
N GLY C 325 35.80 6.08 32.33
CA GLY C 325 36.96 6.96 32.33
C GLY C 325 36.74 8.14 31.39
N ASP C 326 37.85 8.70 30.93
CA ASP C 326 37.81 9.84 30.01
C ASP C 326 36.89 9.54 28.83
N LEU C 327 35.93 10.44 28.60
CA LEU C 327 34.93 10.18 27.57
C LEU C 327 35.47 10.27 26.14
N PHE C 328 36.66 10.86 25.95
CA PHE C 328 37.29 10.94 24.64
C PHE C 328 38.33 9.84 24.41
N ALA C 329 38.48 8.93 25.37
CA ALA C 329 39.38 7.80 25.21
C ALA C 329 38.70 6.67 24.45
N ASP C 330 39.48 5.97 23.63
CA ASP C 330 38.92 4.93 22.77
C ASP C 330 38.30 3.80 23.56
N ASP C 331 38.93 3.42 24.67
CA ASP C 331 38.48 2.26 25.43
C ASP C 331 37.34 2.56 26.40
N THR C 332 37.01 3.82 26.65
CA THR C 332 35.90 4.11 27.55
C THR C 332 34.57 3.71 26.89
N ASN C 333 33.76 2.91 27.60
CA ASN C 333 32.45 2.52 27.08
C ASN C 333 31.33 2.82 28.08
N PHE C 334 31.60 3.65 29.08
CA PHE C 334 30.61 3.97 30.11
C PHE C 334 30.85 5.40 30.57
N GLY C 335 29.78 6.20 30.63
CA GLY C 335 29.91 7.59 30.98
C GLY C 335 29.13 7.96 32.22
N PRO C 336 29.29 9.21 32.66
CA PRO C 336 28.46 9.71 33.76
C PRO C 336 27.05 9.93 33.26
N LEU C 337 26.16 10.20 34.21
CA LEU C 337 24.80 10.57 33.87
C LEU C 337 24.75 12.00 33.32
N VAL C 338 23.64 12.34 32.67
CA VAL C 338 23.55 13.57 31.88
C VAL C 338 23.64 14.82 32.75
N SER C 339 23.33 14.72 34.04
CA SER C 339 23.29 15.89 34.92
C SER C 339 23.38 15.43 36.36
N PHE C 340 23.71 16.37 37.24
CA PHE C 340 23.82 16.03 38.65
C PHE C 340 22.45 15.83 39.30
N PRO C 341 21.44 16.66 39.01
CA PRO C 341 20.10 16.37 39.54
C PRO C 341 19.59 15.00 39.12
N HIS C 342 19.88 14.58 37.89
CA HIS C 342 19.44 13.27 37.44
C HIS C 342 20.15 12.17 38.21
N ARG C 343 21.44 12.35 38.50
CA ARG C 343 22.13 11.36 39.33
C ARG C 343 21.42 11.20 40.67
N GLN C 344 20.97 12.30 41.26
CA GLN C 344 20.30 12.21 42.55
C GLN C 344 19.04 11.38 42.48
N ASN C 345 18.26 11.54 41.41
CA ASN C 345 17.06 10.71 41.27
C ASN C 345 17.42 9.24 41.14
N VAL C 346 18.47 8.92 40.36
CA VAL C 346 18.84 7.53 40.18
C VAL C 346 19.29 6.93 41.51
N LEU C 347 20.01 7.71 42.32
CA LEU C 347 20.44 7.21 43.63
C LEU C 347 19.26 6.98 44.56
N ARG C 348 18.22 7.80 44.46
CA ARG C 348 17.05 7.59 45.29
C ARG C 348 16.37 6.27 44.93
N TYR C 349 16.33 5.93 43.64
CA TYR C 349 15.80 4.64 43.23
C TYR C 349 16.64 3.51 43.78
N ILE C 350 17.95 3.67 43.77
CA ILE C 350 18.85 2.64 44.28
C ILE C 350 18.61 2.42 45.77
N GLU C 351 18.44 3.50 46.53
CA GLU C 351 18.14 3.36 47.96
C GLU C 351 16.79 2.69 48.16
N SER C 352 15.81 3.03 47.32
CA SER C 352 14.52 2.36 47.41
C SER C 352 14.67 0.86 47.22
N GLY C 353 15.53 0.44 46.29
CA GLY C 353 15.79 -0.98 46.12
C GLY C 353 16.35 -1.63 47.37
N LYS C 354 17.33 -0.97 47.99
CA LYS C 354 17.87 -1.50 49.23
C LYS C 354 16.82 -1.52 50.32
N SER C 355 16.05 -0.45 50.47
CA SER C 355 15.11 -0.37 51.58
C SER C 355 14.00 -1.40 51.46
N GLU C 356 13.66 -1.79 50.23
CA GLU C 356 12.61 -2.78 50.00
C GLU C 356 13.17 -4.20 49.94
N GLY C 357 14.47 -4.38 50.15
CA GLY C 357 15.00 -5.71 50.34
C GLY C 357 15.53 -6.40 49.09
N ALA C 358 15.60 -5.71 47.96
CA ALA C 358 16.24 -6.28 46.79
C ALA C 358 17.72 -6.49 47.08
N ARG C 359 18.27 -7.56 46.52
CA ARG C 359 19.66 -7.91 46.82
C ARG C 359 20.58 -7.21 45.84
N LEU C 360 21.51 -6.43 46.37
CA LEU C 360 22.45 -5.70 45.55
C LEU C 360 23.54 -6.67 45.11
N LEU C 361 23.62 -6.91 43.81
CA LEU C 361 24.63 -7.81 43.26
C LEU C 361 25.93 -7.09 42.96
N CYS C 362 25.84 -5.85 42.48
CA CYS C 362 27.04 -5.05 42.24
C CYS C 362 26.62 -3.61 42.08
N GLY C 363 27.61 -2.72 42.21
CA GLY C 363 27.36 -1.30 42.10
C GLY C 363 26.56 -0.77 43.28
N GLY C 364 25.73 0.24 42.99
CA GLY C 364 24.87 0.85 43.98
C GLY C 364 25.37 2.17 44.54
N ASP C 365 26.53 2.65 44.11
CA ASP C 365 27.08 3.88 44.65
C ASP C 365 27.68 4.72 43.54
N VAL C 366 27.99 5.97 43.86
CA VAL C 366 28.72 6.80 42.94
C VAL C 366 30.14 6.26 42.76
N LEU C 367 30.77 6.64 41.66
CA LEU C 367 32.18 6.36 41.43
C LEU C 367 33.01 7.49 42.05
N LYS C 368 34.14 7.14 42.61
CA LYS C 368 34.99 8.07 43.34
C LYS C 368 36.42 7.96 42.82
N GLY C 369 37.19 9.02 43.06
CA GLY C 369 38.59 9.07 42.67
C GLY C 369 38.85 10.14 41.63
N GLU C 370 40.14 10.31 41.33
CA GLU C 370 40.56 11.30 40.35
C GLU C 370 39.89 10.99 39.02
N GLY C 371 39.26 12.01 38.42
CA GLY C 371 38.53 11.84 37.19
C GLY C 371 37.08 11.45 37.35
N PHE C 372 36.63 11.22 38.59
CA PHE C 372 35.25 10.82 38.82
C PHE C 372 34.55 11.74 39.82
N ASP C 373 35.34 12.36 40.72
CA ASP C 373 34.73 13.12 41.81
C ASP C 373 33.93 14.32 41.30
N ASN C 374 34.31 14.87 40.15
CA ASN C 374 33.65 16.04 39.58
C ASN C 374 32.62 15.70 38.52
N GLY C 375 32.36 14.41 38.27
CA GLY C 375 31.34 14.02 37.31
C GLY C 375 30.16 13.35 37.96
N ALA C 376 29.04 13.26 37.24
CA ALA C 376 27.80 12.71 37.80
C ALA C 376 27.71 11.20 37.57
N TRP C 377 28.73 10.51 38.09
CA TRP C 377 28.90 9.08 37.84
C TRP C 377 28.08 8.23 38.81
N VAL C 378 27.44 7.22 38.26
CA VAL C 378 26.82 6.15 39.03
C VAL C 378 27.41 4.83 38.58
N ALA C 379 27.73 3.97 39.54
CA ALA C 379 28.30 2.68 39.20
C ALA C 379 27.25 1.82 38.49
N PRO C 380 27.68 0.97 37.55
CA PRO C 380 26.75 -0.02 36.97
C PRO C 380 26.20 -0.88 38.08
N THR C 381 24.88 -0.95 38.16
CA THR C 381 24.21 -1.48 39.34
C THR C 381 23.25 -2.59 38.94
N VAL C 382 23.29 -3.68 39.69
CA VAL C 382 22.43 -4.82 39.42
C VAL C 382 21.76 -5.25 40.72
N PHE C 383 20.44 -5.33 40.69
CA PHE C 383 19.68 -5.89 41.79
C PHE C 383 19.15 -7.24 41.34
N THR C 384 19.08 -8.19 42.27
CA THR C 384 18.49 -9.49 41.98
C THR C 384 17.55 -9.87 43.12
N ASP C 385 16.95 -11.06 43.02
CA ASP C 385 15.86 -11.47 43.90
C ASP C 385 14.72 -10.46 43.86
N CYS C 386 14.48 -9.84 42.70
CA CYS C 386 13.48 -8.78 42.60
C CYS C 386 12.08 -9.37 42.40
N THR C 387 11.08 -8.58 42.81
CA THR C 387 9.68 -8.96 42.74
C THR C 387 8.90 -7.86 42.05
N ASP C 388 7.72 -8.24 41.55
CA ASP C 388 6.96 -7.39 40.67
C ASP C 388 6.42 -6.14 41.34
N ASP C 389 6.38 -6.10 42.68
CA ASP C 389 5.82 -4.97 43.39
C ASP C 389 6.85 -3.92 43.78
N MET C 390 8.14 -4.20 43.61
CA MET C 390 9.17 -3.29 44.06
C MET C 390 9.17 -2.02 43.23
N THR C 391 9.54 -0.91 43.87
CA THR C 391 9.57 0.35 43.14
C THR C 391 10.54 0.31 41.97
N ILE C 392 11.73 -0.28 42.17
CA ILE C 392 12.70 -0.33 41.09
C ILE C 392 12.22 -1.23 39.96
N VAL C 393 11.31 -2.16 40.24
CA VAL C 393 10.79 -3.00 39.17
C VAL C 393 9.62 -2.32 38.45
N ARG C 394 8.90 -1.45 39.13
CA ARG C 394 7.69 -0.86 38.57
C ARG C 394 7.91 0.44 37.83
N GLU C 395 8.96 1.19 38.18
CA GLU C 395 9.15 2.55 37.69
C GLU C 395 10.42 2.65 36.87
N GLU C 396 10.36 3.50 35.84
CA GLU C 396 11.53 3.74 35.02
C GLU C 396 12.57 4.54 35.79
N ILE C 397 13.79 4.04 35.84
CA ILE C 397 14.86 4.71 36.55
C ILE C 397 15.67 5.60 35.62
N PHE C 398 15.89 5.17 34.38
CA PHE C 398 16.66 5.92 33.41
C PHE C 398 18.07 6.12 33.93
N GLY C 399 18.58 5.07 34.56
CA GLY C 399 19.94 5.00 35.02
C GLY C 399 20.48 3.60 34.84
N PRO C 400 21.73 3.42 35.19
CA PRO C 400 22.37 2.09 35.00
C PRO C 400 22.00 1.12 36.11
N VAL C 401 20.75 0.64 36.07
CA VAL C 401 20.20 -0.21 37.14
C VAL C 401 19.39 -1.35 36.55
N MET C 402 19.95 -2.55 36.59
CA MET C 402 19.29 -3.76 36.09
C MET C 402 18.57 -4.47 37.22
N SER C 403 17.34 -4.92 36.95
CA SER C 403 16.55 -5.70 37.90
C SER C 403 16.36 -7.10 37.34
N ILE C 404 16.80 -8.10 38.10
CA ILE C 404 16.72 -9.51 37.73
C ILE C 404 15.60 -10.17 38.49
N LEU C 405 14.69 -10.83 37.78
CA LEU C 405 13.53 -11.48 38.34
C LEU C 405 13.50 -12.95 37.92
N SER C 406 13.31 -13.84 38.89
CA SER C 406 13.17 -15.26 38.63
CA SER C 406 13.16 -15.25 38.61
C SER C 406 11.74 -15.58 38.19
N TYR C 407 11.60 -16.64 37.38
CA TYR C 407 10.29 -17.13 36.99
C TYR C 407 10.37 -18.64 36.79
N ASP C 408 9.19 -19.26 36.72
CA ASP C 408 9.10 -20.72 36.62
C ASP C 408 8.57 -21.22 35.28
N ASP C 409 7.58 -20.56 34.66
CA ASP C 409 6.97 -21.11 33.44
C ASP C 409 6.59 -20.01 32.46
N GLU C 410 6.37 -20.43 31.20
CA GLU C 410 6.19 -19.48 30.11
C GLU C 410 4.95 -18.61 30.31
N ALA C 411 3.82 -19.23 30.65
CA ALA C 411 2.59 -18.46 30.85
C ALA C 411 2.77 -17.40 31.94
N GLU C 412 3.43 -17.77 33.04
CA GLU C 412 3.66 -16.81 34.11
C GLU C 412 4.48 -15.63 33.63
N VAL C 413 5.58 -15.90 32.91
CA VAL C 413 6.48 -14.80 32.55
C VAL C 413 5.77 -13.85 31.59
N ILE C 414 4.89 -14.37 30.74
CA ILE C 414 4.17 -13.47 29.83
C ILE C 414 3.23 -12.57 30.60
N ARG C 415 2.50 -13.13 31.57
N ARG C 415 2.49 -13.12 31.56
CA ARG C 415 1.61 -12.33 32.42
CA ARG C 415 1.61 -12.31 32.40
C ARG C 415 2.38 -11.23 33.13
C ARG C 415 2.40 -11.21 33.10
N ARG C 416 3.55 -11.57 33.69
CA ARG C 416 4.31 -10.60 34.46
C ARG C 416 4.95 -9.56 33.56
N ALA C 417 5.44 -9.98 32.39
CA ALA C 417 6.01 -9.03 31.44
C ALA C 417 4.99 -7.97 31.05
N ASN C 418 3.73 -8.39 30.86
CA ASN C 418 2.67 -7.52 30.40
C ASN C 418 1.98 -6.73 31.50
N ALA C 419 2.20 -7.08 32.77
CA ALA C 419 1.45 -6.46 33.88
C ALA C 419 2.13 -5.15 34.28
N THR C 420 1.95 -4.14 33.40
CA THR C 420 2.56 -2.83 33.60
C THR C 420 1.81 -1.85 32.73
N GLU C 421 1.83 -0.58 33.14
CA GLU C 421 1.29 0.48 32.30
C GLU C 421 2.23 0.86 31.15
N TYR C 422 3.51 0.52 31.27
CA TYR C 422 4.45 0.78 30.19
C TYR C 422 4.27 -0.25 29.07
N GLY C 423 4.69 0.14 27.88
CA GLY C 423 4.54 -0.75 26.75
C GLY C 423 5.53 -0.53 25.63
N LEU C 424 6.74 -0.06 25.92
CA LEU C 424 7.59 0.44 24.84
C LEU C 424 8.24 -0.70 24.08
N ALA C 425 9.07 -1.49 24.77
CA ALA C 425 9.88 -2.50 24.13
C ALA C 425 9.79 -3.85 24.86
N ALA C 426 10.30 -4.88 24.21
CA ALA C 426 10.38 -6.18 24.86
C ALA C 426 11.36 -7.04 24.07
N GLY C 427 11.78 -8.15 24.68
CA GLY C 427 12.65 -9.07 23.96
C GLY C 427 12.65 -10.45 24.56
N VAL C 428 13.01 -11.43 23.74
CA VAL C 428 13.09 -12.81 24.16
C VAL C 428 14.39 -13.39 23.62
N VAL C 429 15.01 -14.27 24.42
CA VAL C 429 16.22 -14.99 24.03
C VAL C 429 15.87 -16.46 23.97
N THR C 430 15.89 -17.04 22.76
CA THR C 430 15.56 -18.46 22.59
C THR C 430 15.97 -18.93 21.20
N PRO C 431 16.54 -20.12 21.06
CA PRO C 431 16.83 -20.66 19.72
C PRO C 431 15.65 -21.34 19.06
N ASP C 432 14.54 -21.47 19.78
CA ASP C 432 13.41 -22.25 19.30
C ASP C 432 12.50 -21.40 18.43
N LEU C 433 12.21 -21.89 17.23
CA LEU C 433 11.36 -21.17 16.28
C LEU C 433 10.00 -20.88 16.88
N ASN C 434 9.33 -21.90 17.40
CA ASN C 434 7.97 -21.72 17.90
C ASN C 434 7.94 -20.83 19.14
N ARG C 435 8.87 -21.02 20.07
CA ARG C 435 8.86 -20.24 21.29
C ARG C 435 9.09 -18.76 21.02
N ALA C 436 10.01 -18.45 20.10
CA ALA C 436 10.34 -17.05 19.84
C ALA C 436 9.14 -16.28 19.31
N HIS C 437 8.50 -16.81 18.27
CA HIS C 437 7.34 -16.10 17.70
C HIS C 437 6.14 -16.18 18.65
N ARG C 438 5.94 -17.34 19.28
CA ARG C 438 4.79 -17.52 20.16
C ARG C 438 4.80 -16.49 21.28
N ILE C 439 5.95 -16.30 21.94
CA ILE C 439 6.03 -15.37 23.04
C ILE C 439 5.92 -13.93 22.56
N ILE C 440 6.66 -13.58 21.51
CA ILE C 440 6.68 -12.18 21.08
C ILE C 440 5.28 -11.74 20.70
N HIS C 441 4.53 -12.63 20.04
CA HIS C 441 3.20 -12.25 19.59
C HIS C 441 2.29 -11.92 20.76
N GLN C 442 2.59 -12.45 21.96
CA GLN C 442 1.76 -12.21 23.13
C GLN C 442 2.21 -11.02 23.98
N LEU C 443 3.38 -10.45 23.73
CA LEU C 443 3.86 -9.35 24.55
C LEU C 443 3.23 -8.04 24.10
N GLU C 444 2.92 -7.18 25.07
CA GLU C 444 2.21 -5.92 24.80
C GLU C 444 3.23 -4.79 24.69
N ALA C 445 3.93 -4.75 23.56
CA ALA C 445 4.95 -3.75 23.33
C ALA C 445 5.07 -3.50 21.83
N GLY C 446 5.48 -2.29 21.46
CA GLY C 446 5.60 -1.91 20.05
C GLY C 446 6.91 -2.26 19.39
N ILE C 447 7.95 -2.52 20.19
CA ILE C 447 9.31 -2.78 19.72
C ILE C 447 9.77 -4.08 20.35
N CYS C 448 9.97 -5.11 19.53
CA CYS C 448 10.29 -6.45 20.03
C CYS C 448 11.53 -6.99 19.36
N TRP C 449 12.46 -7.48 20.17
CA TRP C 449 13.72 -8.03 19.69
C TRP C 449 13.82 -9.52 20.02
N ILE C 450 14.21 -10.31 19.02
CA ILE C 450 14.46 -11.72 19.23
C ILE C 450 15.96 -11.96 19.12
N ASN C 451 16.56 -12.41 20.23
CA ASN C 451 17.98 -12.74 20.29
C ASN C 451 18.84 -11.54 19.93
N SER C 452 18.45 -10.37 20.43
CA SER C 452 19.20 -9.14 20.22
CA SER C 452 19.21 -9.15 20.22
C SER C 452 18.55 -8.05 21.06
N TRP C 453 19.11 -6.84 20.97
CA TRP C 453 18.49 -5.69 21.62
C TRP C 453 19.01 -4.43 20.97
N GLY C 454 18.14 -3.44 20.79
CA GLY C 454 18.55 -2.07 20.58
C GLY C 454 18.53 -1.57 19.15
N GLU C 455 18.65 -2.45 18.16
CA GLU C 455 18.77 -1.97 16.79
C GLU C 455 17.43 -1.39 16.31
N SER C 456 17.47 -0.17 15.75
CA SER C 456 16.25 0.54 15.36
C SER C 456 16.40 1.07 13.93
N PRO C 457 16.29 0.20 12.94
CA PRO C 457 16.49 0.63 11.54
C PRO C 457 15.48 1.69 11.11
N ALA C 458 15.93 2.54 10.19
CA ALA C 458 15.09 3.63 9.70
C ALA C 458 13.76 3.12 9.15
N GLU C 459 13.75 1.89 8.64
CA GLU C 459 12.54 1.29 8.05
C GLU C 459 11.54 0.79 9.09
N MET C 460 11.95 0.67 10.35
CA MET C 460 11.15 -0.03 11.35
C MET C 460 10.37 0.98 12.19
N PRO C 461 9.04 1.01 12.12
CA PRO C 461 8.29 1.88 13.03
C PRO C 461 8.53 1.50 14.48
N VAL C 462 8.72 2.51 15.32
CA VAL C 462 8.99 2.31 16.74
C VAL C 462 8.14 3.26 17.56
N GLY C 463 7.56 2.73 18.62
CA GLY C 463 6.78 3.54 19.54
C GLY C 463 6.09 2.63 20.53
N GLY C 464 5.37 3.25 21.45
CA GLY C 464 4.89 2.58 22.63
C GLY C 464 3.42 2.20 22.62
N TYR C 465 3.12 1.06 23.26
CA TYR C 465 1.80 0.74 23.73
C TYR C 465 1.51 1.46 25.04
N LYS C 466 0.21 1.56 25.37
CA LYS C 466 -0.31 1.98 26.68
C LYS C 466 0.30 3.33 27.04
N HIS C 467 0.92 3.48 28.22
CA HIS C 467 1.43 4.77 28.65
C HIS C 467 2.77 5.11 28.03
N SER C 468 3.36 4.21 27.26
CA SER C 468 4.67 4.51 26.70
C SER C 468 4.60 5.37 25.45
N GLY C 469 3.41 5.59 24.87
CA GLY C 469 3.40 6.54 23.77
C GLY C 469 2.12 6.59 22.97
N ILE C 470 2.11 7.57 22.07
CA ILE C 470 1.07 7.80 21.08
C ILE C 470 1.78 7.88 19.75
N GLY C 471 1.31 7.12 18.77
CA GLY C 471 1.92 7.17 17.46
C GLY C 471 3.25 6.43 17.39
N ARG C 472 3.93 6.66 16.28
CA ARG C 472 5.16 5.96 15.94
C ARG C 472 6.14 6.93 15.31
N GLU C 473 7.40 6.51 15.30
CA GLU C 473 8.47 7.17 14.58
C GLU C 473 9.13 6.15 13.65
N ASN C 474 9.73 6.67 12.57
CA ASN C 474 10.43 5.87 11.57
C ASN C 474 9.47 5.00 10.77
N GLY C 475 9.98 4.39 9.71
CA GLY C 475 9.15 3.65 8.80
C GLY C 475 8.35 4.56 7.88
N VAL C 476 7.76 3.95 6.85
CA VAL C 476 6.97 4.70 5.87
CA VAL C 476 6.98 4.72 5.88
C VAL C 476 5.79 5.37 6.55
N MET C 477 5.21 4.70 7.55
CA MET C 477 3.98 5.21 8.15
C MET C 477 4.21 6.57 8.81
N THR C 478 5.43 6.83 9.28
CA THR C 478 5.67 8.10 9.96
C THR C 478 5.75 9.25 8.97
N LEU C 479 6.24 8.99 7.75
CA LEU C 479 6.14 10.01 6.71
C LEU C 479 4.68 10.36 6.46
N GLN C 480 3.81 9.36 6.41
CA GLN C 480 2.38 9.63 6.19
C GLN C 480 1.76 10.35 7.37
N SER C 481 2.16 10.01 8.60
CA SER C 481 1.56 10.67 9.75
C SER C 481 1.93 12.14 9.87
N TYR C 482 2.91 12.62 9.10
CA TYR C 482 3.20 14.04 9.02
C TYR C 482 2.48 14.73 7.85
N THR C 483 1.50 14.06 7.25
CA THR C 483 0.59 14.68 6.32
C THR C 483 -0.83 14.51 6.84
N GLN C 484 -1.74 15.29 6.27
CA GLN C 484 -3.16 15.12 6.55
C GLN C 484 -3.88 14.81 5.24
N VAL C 485 -4.86 13.94 5.33
CA VAL C 485 -5.58 13.46 4.17
C VAL C 485 -6.69 14.42 3.82
N LYS C 486 -6.73 14.83 2.55
CA LYS C 486 -7.84 15.58 1.99
C LYS C 486 -8.53 14.70 0.95
N SER C 487 -9.82 14.44 1.17
CA SER C 487 -10.64 13.68 0.22
C SER C 487 -11.43 14.66 -0.65
N ILE C 488 -11.41 14.42 -1.96
CA ILE C 488 -12.03 15.28 -2.95
C ILE C 488 -12.95 14.42 -3.82
N GLN C 489 -14.24 14.73 -3.82
CA GLN C 489 -15.17 14.06 -4.72
C GLN C 489 -15.43 14.95 -5.93
N VAL C 490 -15.25 14.38 -7.11
CA VAL C 490 -15.64 15.01 -8.36
C VAL C 490 -16.98 14.41 -8.75
N GLU C 491 -18.03 15.22 -8.73
CA GLU C 491 -19.37 14.79 -9.15
C GLU C 491 -19.63 15.37 -10.53
N MET C 492 -19.62 14.51 -11.55
CA MET C 492 -19.89 14.89 -12.92
C MET C 492 -21.35 14.68 -13.28
N GLY C 493 -22.14 14.10 -12.38
CA GLY C 493 -23.54 13.91 -12.63
C GLY C 493 -24.34 15.10 -12.19
N PRO C 494 -25.62 15.15 -12.57
CA PRO C 494 -26.48 16.24 -12.11
C PRO C 494 -26.80 16.05 -10.63
N PHE C 495 -26.58 17.10 -9.85
CA PHE C 495 -26.82 17.07 -8.42
C PHE C 495 -28.29 17.20 -8.12
N GLN C 496 -28.78 16.37 -7.19
CA GLN C 496 -30.20 16.32 -6.86
C GLN C 496 -30.42 16.87 -5.46
N SER C 497 -31.26 17.89 -5.37
CA SER C 497 -31.71 18.48 -4.13
C SER C 497 -33.12 18.00 -3.83
N ILE C 498 -33.37 17.63 -2.57
CA ILE C 498 -34.72 17.24 -2.15
C ILE C 498 -35.62 18.43 -1.89
N PHE C 499 -35.09 19.65 -2.01
CA PHE C 499 -35.84 20.87 -1.73
C PHE C 499 -36.34 21.50 -3.03
N MET D 13 -25.55 -39.48 -17.93
CA MET D 13 -26.22 -38.24 -17.55
C MET D 13 -26.70 -37.59 -18.84
N ALA D 14 -27.32 -36.43 -18.74
CA ALA D 14 -27.70 -35.69 -19.94
C ALA D 14 -26.45 -35.20 -20.69
N GLU D 15 -26.58 -35.09 -22.02
CA GLU D 15 -25.49 -34.56 -22.83
C GLU D 15 -25.14 -33.14 -22.38
N GLN D 16 -23.89 -32.92 -22.01
CA GLN D 16 -23.48 -31.65 -21.43
C GLN D 16 -23.19 -30.64 -22.53
N GLN D 17 -23.75 -29.44 -22.37
CA GLN D 17 -23.67 -28.39 -23.37
C GLN D 17 -22.66 -27.32 -22.96
N LEU D 18 -22.43 -26.35 -23.86
CA LEU D 18 -21.70 -25.14 -23.52
C LEU D 18 -22.58 -24.20 -22.70
N TYR D 19 -21.96 -23.29 -21.97
CA TYR D 19 -22.68 -22.28 -21.21
C TYR D 19 -22.29 -20.89 -21.69
N ILE D 20 -23.19 -20.23 -22.41
CA ILE D 20 -22.90 -18.91 -22.97
C ILE D 20 -24.07 -17.99 -22.67
N HIS D 21 -23.75 -16.86 -22.05
CA HIS D 21 -24.72 -15.81 -21.78
C HIS D 21 -25.90 -16.31 -20.95
N GLY D 22 -25.57 -17.00 -19.84
CA GLY D 22 -26.60 -17.32 -18.88
C GLY D 22 -27.52 -18.47 -19.25
N LYS D 23 -27.13 -19.30 -20.21
CA LYS D 23 -27.93 -20.47 -20.58
C LYS D 23 -27.02 -21.54 -21.17
N PHE D 24 -27.46 -22.78 -21.04
CA PHE D 24 -26.81 -23.86 -21.77
C PHE D 24 -27.17 -23.77 -23.26
N VAL D 25 -26.22 -24.07 -24.12
CA VAL D 25 -26.44 -23.89 -25.55
C VAL D 25 -25.64 -24.96 -26.29
N ALA D 26 -26.19 -25.41 -27.41
CA ALA D 26 -25.51 -26.40 -28.22
C ALA D 26 -24.26 -25.82 -28.86
N ALA D 27 -23.18 -26.59 -28.85
CA ALA D 27 -21.97 -26.21 -29.55
C ALA D 27 -22.20 -26.23 -31.05
N THR D 28 -21.49 -25.36 -31.75
CA THR D 28 -21.57 -25.30 -33.20
C THR D 28 -20.43 -26.05 -33.85
N SER D 29 -19.64 -26.79 -33.08
CA SER D 29 -18.54 -27.51 -33.66
C SER D 29 -18.99 -28.79 -34.35
N GLY D 30 -20.12 -29.35 -33.93
CA GLY D 30 -20.52 -30.66 -34.39
C GLY D 30 -19.70 -31.79 -33.79
N LYS D 31 -18.85 -31.48 -32.81
CA LYS D 31 -17.90 -32.41 -32.22
C LYS D 31 -18.22 -32.58 -30.73
N THR D 32 -17.89 -33.77 -30.21
CA THR D 32 -18.09 -34.10 -28.81
C THR D 32 -16.89 -34.90 -28.32
N PHE D 33 -16.80 -35.03 -27.01
CA PHE D 33 -15.81 -35.88 -26.35
C PHE D 33 -16.45 -36.51 -25.12
N GLU D 34 -15.81 -37.55 -24.59
CA GLU D 34 -16.34 -38.29 -23.47
C GLU D 34 -15.42 -38.11 -22.28
N THR D 35 -16.01 -38.00 -21.09
CA THR D 35 -15.26 -37.99 -19.84
C THR D 35 -15.54 -39.31 -19.11
N ILE D 36 -14.47 -39.95 -18.63
CA ILE D 36 -14.53 -41.29 -18.08
C ILE D 36 -14.49 -41.21 -16.57
N ASN D 37 -15.29 -42.04 -15.91
CA ASN D 37 -15.17 -42.21 -14.47
C ASN D 37 -13.90 -43.02 -14.20
N PRO D 38 -12.90 -42.47 -13.50
CA PRO D 38 -11.63 -43.20 -13.34
C PRO D 38 -11.72 -44.43 -12.46
N ALA D 39 -12.80 -44.59 -11.68
CA ALA D 39 -12.92 -45.74 -10.80
C ALA D 39 -13.60 -46.94 -11.46
N THR D 40 -14.36 -46.75 -12.53
CA THR D 40 -15.10 -47.82 -13.17
C THR D 40 -14.74 -47.99 -14.65
N GLY D 41 -14.16 -46.97 -15.28
CA GLY D 41 -13.90 -47.02 -16.70
C GLY D 41 -15.08 -46.67 -17.55
N GLU D 42 -16.25 -46.46 -16.96
CA GLU D 42 -17.47 -46.13 -17.68
C GLU D 42 -17.48 -44.66 -18.08
N VAL D 43 -18.20 -44.36 -19.16
CA VAL D 43 -18.41 -42.99 -19.59
C VAL D 43 -19.36 -42.31 -18.61
N LEU D 44 -18.91 -41.21 -17.98
CA LEU D 44 -19.81 -40.42 -17.15
C LEU D 44 -20.77 -39.60 -17.99
N ALA D 45 -20.29 -38.97 -19.05
CA ALA D 45 -21.14 -38.09 -19.85
C ALA D 45 -20.46 -37.76 -21.16
N THR D 46 -21.28 -37.41 -22.14
CA THR D 46 -20.80 -36.86 -23.40
C THR D 46 -20.96 -35.35 -23.38
N VAL D 47 -19.89 -34.64 -23.74
CA VAL D 47 -19.81 -33.19 -23.60
C VAL D 47 -19.56 -32.56 -24.95
N GLN D 48 -20.33 -31.54 -25.29
CA GLN D 48 -20.13 -30.81 -26.54
C GLN D 48 -18.86 -29.93 -26.45
N ALA D 49 -18.15 -29.83 -27.56
CA ALA D 49 -16.85 -29.17 -27.64
C ALA D 49 -16.98 -27.84 -28.36
N ALA D 50 -16.44 -26.79 -27.77
CA ALA D 50 -16.58 -25.46 -28.36
C ALA D 50 -15.64 -25.31 -29.55
N GLY D 51 -16.21 -24.92 -30.69
CA GLY D 51 -15.43 -24.66 -31.88
C GLY D 51 -15.01 -23.20 -31.94
N ARG D 52 -14.37 -22.85 -33.06
CA ARG D 52 -13.90 -21.48 -33.22
C ARG D 52 -15.06 -20.49 -33.18
N GLU D 53 -16.19 -20.86 -33.80
CA GLU D 53 -17.35 -19.99 -33.79
C GLU D 53 -17.95 -19.88 -32.39
N ASP D 54 -17.94 -20.96 -31.62
CA ASP D 54 -18.43 -20.90 -30.25
C ASP D 54 -17.60 -19.95 -29.41
N VAL D 55 -16.28 -19.95 -29.61
CA VAL D 55 -15.43 -19.05 -28.86
C VAL D 55 -15.78 -17.60 -29.20
N ASP D 56 -15.98 -17.31 -30.48
CA ASP D 56 -16.34 -15.96 -30.86
C ASP D 56 -17.69 -15.54 -30.26
N ARG D 57 -18.63 -16.48 -30.16
CA ARG D 57 -19.90 -16.19 -29.49
C ARG D 57 -19.69 -15.89 -28.02
N ALA D 58 -18.90 -16.73 -27.34
CA ALA D 58 -18.62 -16.49 -25.93
C ALA D 58 -17.97 -15.13 -25.72
N VAL D 59 -17.06 -14.73 -26.61
CA VAL D 59 -16.36 -13.47 -26.41
C VAL D 59 -17.32 -12.29 -26.56
N LYS D 60 -18.18 -12.32 -27.58
CA LYS D 60 -19.13 -11.22 -27.73
C LYS D 60 -20.14 -11.20 -26.60
N SER D 61 -20.56 -12.37 -26.13
CA SER D 61 -21.41 -12.42 -24.94
C SER D 61 -20.69 -11.80 -23.75
N ALA D 62 -19.40 -12.15 -23.57
CA ALA D 62 -18.62 -11.62 -22.47
C ALA D 62 -18.46 -10.11 -22.57
N GLN D 63 -18.26 -9.59 -23.77
CA GLN D 63 -18.09 -8.16 -23.92
C GLN D 63 -19.33 -7.41 -23.47
N GLN D 64 -20.51 -7.92 -23.83
CA GLN D 64 -21.76 -7.32 -23.40
C GLN D 64 -21.94 -7.42 -21.88
N GLY D 65 -21.69 -8.59 -21.30
CA GLY D 65 -21.86 -8.74 -19.86
C GLY D 65 -20.87 -7.92 -19.05
N GLN D 66 -19.62 -7.85 -19.50
CA GLN D 66 -18.61 -7.16 -18.72
C GLN D 66 -18.98 -5.69 -18.54
N LYS D 67 -19.61 -5.08 -19.56
CA LYS D 67 -20.00 -3.68 -19.42
C LYS D 67 -21.07 -3.51 -18.34
N VAL D 68 -22.06 -4.39 -18.33
CA VAL D 68 -23.05 -4.36 -17.26
C VAL D 68 -22.37 -4.55 -15.91
N TRP D 69 -21.52 -5.57 -15.81
CA TRP D 69 -20.84 -5.90 -14.57
C TRP D 69 -19.99 -4.72 -14.08
N ALA D 70 -19.20 -4.13 -14.97
CA ALA D 70 -18.26 -3.08 -14.55
C ALA D 70 -18.99 -1.78 -14.19
N ALA D 71 -20.16 -1.54 -14.76
CA ALA D 71 -20.91 -0.33 -14.45
C ALA D 71 -21.62 -0.41 -13.09
N MET D 72 -21.78 -1.60 -12.54
CA MET D 72 -22.33 -1.70 -11.20
C MET D 72 -21.39 -1.05 -10.19
N SER D 73 -21.91 -0.78 -9.00
CA SER D 73 -21.06 -0.34 -7.91
C SER D 73 -20.16 -1.48 -7.42
N ALA D 74 -19.08 -1.13 -6.74
CA ALA D 74 -18.19 -2.14 -6.19
C ALA D 74 -18.91 -3.04 -5.20
N MET D 75 -19.71 -2.44 -4.30
CA MET D 75 -20.44 -3.26 -3.33
C MET D 75 -21.53 -4.09 -4.02
N ALA D 76 -22.11 -3.59 -5.11
CA ALA D 76 -23.07 -4.42 -5.84
C ALA D 76 -22.40 -5.69 -6.36
N ARG D 77 -21.18 -5.55 -6.91
CA ARG D 77 -20.45 -6.73 -7.35
C ARG D 77 -20.10 -7.63 -6.17
N SER D 78 -19.72 -7.03 -5.03
CA SER D 78 -19.36 -7.83 -3.87
CA SER D 78 -19.37 -7.83 -3.86
C SER D 78 -20.53 -8.69 -3.39
N ARG D 79 -21.72 -8.10 -3.32
CA ARG D 79 -22.87 -8.86 -2.81
C ARG D 79 -23.19 -10.05 -3.70
N ILE D 80 -23.08 -9.87 -5.01
CA ILE D 80 -23.36 -10.98 -5.92
C ILE D 80 -22.37 -12.11 -5.71
N LEU D 81 -21.08 -11.80 -5.60
CA LEU D 81 -20.09 -12.86 -5.40
C LEU D 81 -20.30 -13.56 -4.07
N ARG D 82 -20.67 -12.80 -3.02
CA ARG D 82 -20.96 -13.40 -1.72
CA ARG D 82 -20.95 -13.40 -1.72
C ARG D 82 -22.14 -14.34 -1.80
N LYS D 83 -23.15 -13.98 -2.60
CA LYS D 83 -24.30 -14.89 -2.77
C LYS D 83 -23.90 -16.18 -3.48
N ALA D 84 -22.95 -16.10 -4.41
CA ALA D 84 -22.41 -17.32 -5.00
C ALA D 84 -21.72 -18.16 -3.93
N VAL D 85 -21.01 -17.51 -3.00
CA VAL D 85 -20.36 -18.23 -1.90
C VAL D 85 -21.39 -19.00 -1.09
N ASP D 86 -22.49 -18.35 -0.71
CA ASP D 86 -23.52 -19.01 0.09
C ASP D 86 -24.10 -20.21 -0.65
N ILE D 87 -24.33 -20.07 -1.95
CA ILE D 87 -24.81 -21.21 -2.72
C ILE D 87 -23.78 -22.33 -2.69
N LEU D 88 -22.50 -21.98 -2.78
CA LEU D 88 -21.46 -23.01 -2.83
C LEU D 88 -21.37 -23.79 -1.52
N ARG D 89 -21.48 -23.09 -0.38
CA ARG D 89 -21.42 -23.76 0.90
C ARG D 89 -22.60 -24.73 1.05
N GLU D 90 -23.79 -24.29 0.65
CA GLU D 90 -24.98 -25.11 0.83
C GLU D 90 -24.96 -26.35 -0.07
N ARG D 91 -24.36 -26.26 -1.26
CA ARG D 91 -24.29 -27.37 -2.20
CA ARG D 91 -24.30 -27.39 -2.17
C ARG D 91 -22.93 -28.05 -2.18
N ASN D 92 -22.19 -27.90 -1.09
CA ASN D 92 -20.84 -28.45 -0.98
C ASN D 92 -20.83 -29.95 -1.27
N ASP D 93 -21.73 -30.69 -0.63
CA ASP D 93 -21.69 -32.15 -0.70
C ASP D 93 -22.09 -32.64 -2.09
N GLU D 94 -23.13 -32.06 -2.66
CA GLU D 94 -23.56 -32.37 -4.02
C GLU D 94 -22.43 -32.10 -5.01
N LEU D 95 -21.80 -30.93 -4.90
CA LEU D 95 -20.72 -30.60 -5.82
C LEU D 95 -19.55 -31.54 -5.63
N ALA D 96 -19.25 -31.88 -4.36
CA ALA D 96 -18.15 -32.79 -4.08
C ALA D 96 -18.39 -34.15 -4.72
N ARG D 97 -19.61 -34.67 -4.64
CA ARG D 97 -19.89 -35.98 -5.22
C ARG D 97 -19.65 -35.97 -6.72
N LEU D 98 -20.12 -34.92 -7.40
CA LEU D 98 -19.85 -34.80 -8.82
C LEU D 98 -18.35 -34.74 -9.09
N GLU D 99 -17.61 -34.00 -8.25
CA GLU D 99 -16.17 -33.89 -8.42
C GLU D 99 -15.49 -35.24 -8.28
N THR D 100 -15.91 -36.03 -7.28
CA THR D 100 -15.35 -37.37 -7.10
C THR D 100 -15.58 -38.27 -8.31
N LEU D 101 -16.79 -38.26 -8.86
CA LEU D 101 -17.06 -39.11 -10.01
C LEU D 101 -16.17 -38.74 -11.20
N ASP D 102 -15.94 -37.43 -11.38
CA ASP D 102 -15.19 -36.94 -12.53
C ASP D 102 -13.69 -37.08 -12.35
N THR D 103 -13.18 -36.95 -11.12
CA THR D 103 -11.75 -36.90 -10.86
C THR D 103 -11.17 -38.16 -10.24
N GLY D 104 -11.97 -38.94 -9.52
CA GLY D 104 -11.43 -40.06 -8.77
C GLY D 104 -10.85 -39.70 -7.42
N LYS D 105 -10.92 -38.45 -7.01
CA LYS D 105 -10.44 -38.11 -5.68
C LYS D 105 -11.48 -38.56 -4.64
N PRO D 106 -11.05 -39.10 -3.50
CA PRO D 106 -12.03 -39.56 -2.51
C PRO D 106 -12.97 -38.44 -2.08
N LEU D 107 -14.21 -38.82 -1.76
CA LEU D 107 -15.15 -37.86 -1.22
C LEU D 107 -14.63 -37.24 0.08
N SER D 108 -13.82 -37.98 0.84
CA SER D 108 -13.22 -37.42 2.06
C SER D 108 -12.39 -36.19 1.75
N GLU D 109 -11.85 -36.09 0.54
CA GLU D 109 -11.14 -34.89 0.11
C GLU D 109 -12.09 -33.88 -0.53
N THR D 110 -12.90 -34.31 -1.50
CA THR D 110 -13.64 -33.34 -2.30
C THR D 110 -14.64 -32.56 -1.45
N ALA D 111 -15.28 -33.22 -0.49
CA ALA D 111 -16.24 -32.54 0.37
C ALA D 111 -15.59 -31.62 1.40
N ALA D 112 -14.30 -31.77 1.65
CA ALA D 112 -13.63 -30.98 2.69
C ALA D 112 -12.67 -29.92 2.17
N VAL D 113 -12.21 -30.04 0.92
CA VAL D 113 -11.15 -29.18 0.40
C VAL D 113 -11.56 -28.44 -0.86
N ASP D 114 -11.99 -29.19 -1.89
CA ASP D 114 -12.15 -28.61 -3.23
C ASP D 114 -13.11 -27.41 -3.22
N ILE D 115 -14.36 -27.62 -2.82
CA ILE D 115 -15.30 -26.50 -2.83
C ILE D 115 -15.02 -25.56 -1.66
N VAL D 116 -14.59 -26.09 -0.52
CA VAL D 116 -14.38 -25.21 0.65
C VAL D 116 -13.33 -24.15 0.33
N THR D 117 -12.17 -24.56 -0.20
CA THR D 117 -11.10 -23.61 -0.44
C THR D 117 -11.32 -22.79 -1.70
N GLY D 118 -12.05 -23.34 -2.68
CA GLY D 118 -12.45 -22.51 -3.80
C GLY D 118 -13.38 -21.41 -3.36
N ALA D 119 -14.38 -21.75 -2.55
CA ALA D 119 -15.30 -20.75 -2.04
C ALA D 119 -14.61 -19.75 -1.12
N ASP D 120 -13.62 -20.21 -0.34
CA ASP D 120 -12.85 -19.29 0.52
C ASP D 120 -12.24 -18.17 -0.28
N VAL D 121 -11.69 -18.49 -1.47
CA VAL D 121 -11.02 -17.48 -2.30
C VAL D 121 -12.04 -16.55 -2.90
N LEU D 122 -13.20 -17.08 -3.32
CA LEU D 122 -14.26 -16.22 -3.84
C LEU D 122 -14.78 -15.28 -2.75
N GLU D 123 -14.96 -15.80 -1.53
CA GLU D 123 -15.35 -14.98 -0.39
C GLU D 123 -14.31 -13.89 -0.13
N TYR D 124 -13.04 -14.27 -0.13
CA TYR D 124 -11.97 -13.32 0.08
C TYR D 124 -12.02 -12.17 -0.92
N TYR D 125 -12.06 -12.49 -2.22
CA TYR D 125 -12.01 -11.42 -3.21
C TYR D 125 -13.29 -10.59 -3.21
N ALA D 126 -14.42 -11.21 -2.89
CA ALA D 126 -15.67 -10.47 -2.81
C ALA D 126 -15.52 -9.28 -1.88
N GLY D 127 -14.90 -9.49 -0.72
CA GLY D 127 -14.74 -8.43 0.27
C GLY D 127 -13.70 -7.39 -0.08
N LEU D 128 -12.74 -7.72 -0.96
CA LEU D 128 -11.71 -6.76 -1.32
C LEU D 128 -12.11 -5.82 -2.44
N ILE D 129 -13.22 -6.11 -3.16
CA ILE D 129 -13.58 -5.28 -4.31
C ILE D 129 -13.60 -3.80 -3.95
N PRO D 130 -14.23 -3.37 -2.85
CA PRO D 130 -14.27 -1.93 -2.55
C PRO D 130 -12.91 -1.35 -2.17
N ALA D 131 -11.92 -2.18 -1.86
CA ALA D 131 -10.60 -1.66 -1.52
C ALA D 131 -9.69 -1.46 -2.73
N LEU D 132 -10.13 -1.85 -3.92
CA LEU D 132 -9.35 -1.68 -5.15
C LEU D 132 -9.30 -0.19 -5.52
N GLU D 133 -8.10 0.38 -5.46
CA GLU D 133 -7.92 1.82 -5.55
C GLU D 133 -6.75 2.14 -6.45
N GLY D 134 -6.87 3.25 -7.16
CA GLY D 134 -5.76 3.85 -7.88
C GLY D 134 -4.98 4.78 -6.97
N SER D 135 -4.12 5.58 -7.58
CA SER D 135 -3.25 6.48 -6.83
CA SER D 135 -3.23 6.47 -6.85
C SER D 135 -3.41 7.90 -7.37
N GLN D 136 -2.90 8.86 -6.58
CA GLN D 136 -2.82 10.25 -7.00
C GLN D 136 -1.43 10.77 -6.66
N ILE D 137 -0.81 11.45 -7.61
CA ILE D 137 0.58 11.88 -7.46
C ILE D 137 0.63 13.36 -7.80
N PRO D 138 0.94 14.24 -6.86
CA PRO D 138 1.13 15.64 -7.22
C PRO D 138 2.47 15.84 -7.92
N LEU D 139 2.46 16.62 -8.99
CA LEU D 139 3.71 16.97 -9.67
C LEU D 139 4.19 18.36 -9.30
N ARG D 140 3.26 19.31 -9.27
CA ARG D 140 3.49 20.72 -8.97
C ARG D 140 2.12 21.33 -8.71
N ASP D 141 2.11 22.59 -8.30
CA ASP D 141 0.81 23.19 -7.98
C ASP D 141 -0.12 23.14 -9.17
N SER D 142 0.41 23.20 -10.39
CA SER D 142 -0.41 23.32 -11.59
C SER D 142 -0.65 21.99 -12.32
N SER D 143 -0.19 20.85 -11.78
CA SER D 143 -0.42 19.61 -12.49
C SER D 143 -0.35 18.44 -11.52
N PHE D 144 -1.22 17.46 -11.71
CA PHE D 144 -1.18 16.25 -10.91
C PHE D 144 -1.55 15.08 -11.80
N VAL D 145 -1.24 13.88 -11.31
CA VAL D 145 -1.51 12.62 -11.97
C VAL D 145 -2.41 11.79 -11.06
N TYR D 146 -3.39 11.12 -11.65
CA TYR D 146 -4.12 10.07 -10.95
C TYR D 146 -4.18 8.84 -11.82
N THR D 147 -4.29 7.68 -11.18
CA THR D 147 -4.36 6.40 -11.87
C THR D 147 -5.69 5.72 -11.60
N ARG D 148 -6.14 4.94 -12.59
CA ARG D 148 -7.29 4.07 -12.47
C ARG D 148 -6.83 2.63 -12.63
N ARG D 149 -7.41 1.72 -11.85
CA ARG D 149 -7.24 0.29 -12.06
C ARG D 149 -8.46 -0.21 -12.83
N GLU D 150 -8.33 -0.28 -14.12
CA GLU D 150 -9.43 -0.59 -15.01
C GLU D 150 -9.48 -2.07 -15.31
N PRO D 151 -10.67 -2.61 -15.56
CA PRO D 151 -10.73 -4.01 -15.99
C PRO D 151 -9.97 -4.21 -17.29
N LEU D 152 -9.39 -5.40 -17.42
CA LEU D 152 -8.79 -5.82 -18.69
C LEU D 152 -9.84 -6.00 -19.77
N GLY D 153 -11.06 -6.39 -19.39
CA GLY D 153 -12.13 -6.63 -20.34
C GLY D 153 -12.62 -8.07 -20.26
N VAL D 154 -12.33 -8.83 -21.30
CA VAL D 154 -12.58 -10.26 -21.35
C VAL D 154 -11.25 -10.97 -21.18
N VAL D 155 -11.19 -11.88 -20.21
CA VAL D 155 -10.04 -12.70 -19.92
C VAL D 155 -10.47 -14.15 -20.03
N ALA D 156 -9.50 -15.03 -20.22
CA ALA D 156 -9.78 -16.45 -20.36
C ALA D 156 -8.94 -17.24 -19.37
N GLY D 157 -9.58 -18.22 -18.73
CA GLY D 157 -8.91 -19.16 -17.86
C GLY D 157 -8.99 -20.57 -18.43
N ILE D 158 -7.88 -21.29 -18.33
CA ILE D 158 -7.78 -22.66 -18.79
C ILE D 158 -7.42 -23.51 -17.58
N GLY D 159 -8.31 -24.38 -17.17
CA GLY D 159 -8.14 -25.14 -15.95
C GLY D 159 -7.42 -26.46 -16.14
N ALA D 160 -6.99 -27.03 -15.03
CA ALA D 160 -6.41 -28.36 -15.03
C ALA D 160 -7.42 -29.35 -14.48
N TRP D 161 -7.06 -30.63 -14.49
CA TRP D 161 -8.03 -31.65 -14.15
C TRP D 161 -7.94 -32.12 -12.71
N ASN D 162 -6.88 -31.78 -11.99
CA ASN D 162 -6.73 -32.35 -10.65
C ASN D 162 -7.65 -31.67 -9.64
N TYR D 163 -7.87 -30.36 -9.76
CA TYR D 163 -8.77 -29.61 -8.88
C TYR D 163 -9.73 -28.78 -9.72
N PRO D 164 -10.69 -29.41 -10.40
CA PRO D 164 -11.48 -28.69 -11.42
C PRO D 164 -12.24 -27.49 -10.87
N ILE D 165 -13.05 -27.67 -9.83
CA ILE D 165 -13.88 -26.56 -9.36
C ILE D 165 -13.04 -25.53 -8.61
N GLN D 166 -12.07 -25.99 -7.83
CA GLN D 166 -11.23 -25.06 -7.10
C GLN D 166 -10.50 -24.12 -8.06
N ILE D 167 -9.86 -24.70 -9.09
CA ILE D 167 -9.13 -23.88 -10.06
C ILE D 167 -10.05 -22.91 -10.77
N ALA D 168 -11.27 -23.35 -11.11
CA ALA D 168 -12.24 -22.44 -11.72
C ALA D 168 -12.56 -21.26 -10.80
N LEU D 169 -12.65 -21.50 -9.48
CA LEU D 169 -12.92 -20.42 -8.54
C LEU D 169 -11.69 -19.53 -8.35
N TRP D 170 -10.50 -20.12 -8.25
CA TRP D 170 -9.30 -19.33 -8.02
C TRP D 170 -8.99 -18.42 -9.20
N LYS D 171 -9.40 -18.79 -10.41
CA LYS D 171 -9.18 -17.91 -11.55
C LYS D 171 -10.33 -16.92 -11.68
N SER D 172 -11.57 -17.40 -11.60
CA SER D 172 -12.73 -16.54 -11.86
C SER D 172 -12.97 -15.53 -10.75
N ALA D 173 -12.65 -15.88 -9.51
CA ALA D 173 -12.91 -14.96 -8.39
C ALA D 173 -12.15 -13.65 -8.53
N PRO D 174 -10.83 -13.64 -8.64
CA PRO D 174 -10.16 -12.36 -8.84
C PRO D 174 -10.52 -11.72 -10.20
N ALA D 175 -10.72 -12.53 -11.24
CA ALA D 175 -11.08 -11.95 -12.54
C ALA D 175 -12.40 -11.19 -12.46
N LEU D 176 -13.45 -11.83 -11.92
CA LEU D 176 -14.74 -11.15 -11.77
C LEU D 176 -14.65 -10.01 -10.76
N ALA D 177 -13.91 -10.23 -9.68
CA ALA D 177 -13.83 -9.20 -8.65
C ALA D 177 -13.18 -7.95 -9.19
N ALA D 178 -12.29 -8.12 -10.16
CA ALA D 178 -11.62 -6.97 -10.76
C ALA D 178 -12.47 -6.31 -11.83
N GLY D 179 -13.69 -6.79 -12.04
CA GLY D 179 -14.58 -6.18 -13.01
C GLY D 179 -14.52 -6.78 -14.38
N ASN D 180 -13.85 -7.91 -14.56
CA ASN D 180 -13.75 -8.54 -15.87
C ASN D 180 -14.84 -9.58 -16.04
N ALA D 181 -15.04 -9.98 -17.30
CA ALA D 181 -15.77 -11.19 -17.62
C ALA D 181 -14.74 -12.25 -17.95
N MET D 182 -15.01 -13.50 -17.56
CA MET D 182 -14.09 -14.60 -17.84
C MET D 182 -14.76 -15.68 -18.69
N ILE D 183 -14.05 -16.17 -19.69
CA ILE D 183 -14.42 -17.39 -20.40
C ILE D 183 -13.54 -18.51 -19.84
N PHE D 184 -14.15 -19.53 -19.24
CA PHE D 184 -13.40 -20.59 -18.61
C PHE D 184 -13.47 -21.87 -19.44
N LYS D 185 -12.31 -22.43 -19.76
CA LYS D 185 -12.25 -23.73 -20.39
C LYS D 185 -11.73 -24.76 -19.40
N PRO D 186 -12.57 -25.65 -18.90
CA PRO D 186 -12.06 -26.73 -18.04
C PRO D 186 -11.28 -27.75 -18.85
N SER D 187 -10.51 -28.57 -18.14
CA SER D 187 -9.86 -29.70 -18.77
C SER D 187 -10.91 -30.65 -19.35
N GLU D 188 -10.61 -31.17 -20.55
CA GLU D 188 -11.46 -32.16 -21.18
C GLU D 188 -11.62 -33.41 -20.34
N VAL D 189 -10.66 -33.68 -19.45
CA VAL D 189 -10.77 -34.82 -18.55
C VAL D 189 -11.88 -34.60 -17.53
N THR D 190 -12.06 -33.35 -17.07
CA THR D 190 -12.89 -33.05 -15.90
C THR D 190 -13.70 -31.78 -16.14
N PRO D 191 -14.70 -31.83 -17.02
CA PRO D 191 -15.47 -30.63 -17.35
C PRO D 191 -16.73 -30.35 -16.53
N LEU D 192 -17.17 -31.27 -15.67
CA LEU D 192 -18.55 -31.24 -15.21
C LEU D 192 -18.81 -30.16 -14.17
N THR D 193 -17.92 -29.99 -13.19
CA THR D 193 -18.21 -29.05 -12.12
C THR D 193 -18.16 -27.61 -12.59
N ALA D 194 -17.38 -27.33 -13.65
CA ALA D 194 -17.30 -25.95 -14.12
C ALA D 194 -18.65 -25.49 -14.63
N LEU D 195 -19.41 -26.39 -15.25
CA LEU D 195 -20.72 -26.03 -15.74
C LEU D 195 -21.68 -25.79 -14.58
N LYS D 196 -21.57 -26.58 -13.52
CA LYS D 196 -22.37 -26.30 -12.33
C LYS D 196 -22.04 -24.92 -11.79
N LEU D 197 -20.76 -24.56 -11.73
CA LEU D 197 -20.40 -23.25 -11.22
C LEU D 197 -21.07 -22.16 -12.04
N ALA D 198 -21.11 -22.33 -13.37
CA ALA D 198 -21.73 -21.32 -14.22
C ALA D 198 -23.18 -21.08 -13.83
N GLU D 199 -23.92 -22.16 -13.53
CA GLU D 199 -25.31 -22.00 -13.10
C GLU D 199 -25.36 -21.28 -11.75
N ILE D 200 -24.47 -21.64 -10.84
CA ILE D 200 -24.49 -21.04 -9.51
C ILE D 200 -24.27 -19.54 -9.63
N TYR D 201 -23.27 -19.14 -10.42
CA TYR D 201 -23.01 -17.71 -10.59
C TYR D 201 -24.24 -16.98 -11.10
N ARG D 202 -24.91 -17.55 -12.12
CA ARG D 202 -26.12 -16.91 -12.63
C ARG D 202 -27.19 -16.85 -11.56
N GLU D 203 -27.37 -17.93 -10.80
CA GLU D 203 -28.35 -17.93 -9.71
C GLU D 203 -28.03 -16.85 -8.68
N ALA D 204 -26.75 -16.55 -8.46
CA ALA D 204 -26.38 -15.50 -7.52
C ALA D 204 -26.63 -14.11 -8.06
N GLY D 205 -26.92 -13.96 -9.35
CA GLY D 205 -27.15 -12.66 -9.95
C GLY D 205 -26.03 -12.15 -10.82
N LEU D 206 -25.03 -12.95 -11.08
CA LEU D 206 -24.01 -12.53 -12.02
C LEU D 206 -24.66 -12.22 -13.36
N PRO D 207 -24.40 -11.06 -13.96
CA PRO D 207 -24.99 -10.76 -15.27
C PRO D 207 -24.60 -11.77 -16.34
N ASP D 208 -25.53 -12.02 -17.26
CA ASP D 208 -25.28 -12.94 -18.35
C ASP D 208 -24.03 -12.54 -19.10
N GLY D 209 -23.17 -13.53 -19.38
CA GLY D 209 -21.97 -13.33 -20.16
C GLY D 209 -20.72 -13.14 -19.33
N VAL D 210 -20.86 -12.86 -18.04
CA VAL D 210 -19.68 -12.54 -17.23
C VAL D 210 -18.88 -13.80 -16.93
N PHE D 211 -19.53 -14.96 -16.86
CA PHE D 211 -18.83 -16.23 -16.70
C PHE D 211 -19.43 -17.23 -17.67
N ASN D 212 -18.73 -17.46 -18.78
CA ASN D 212 -19.09 -18.46 -19.78
C ASN D 212 -18.12 -19.63 -19.67
N VAL D 213 -18.63 -20.84 -19.88
CA VAL D 213 -17.85 -22.07 -19.76
C VAL D 213 -17.88 -22.78 -21.10
N LEU D 214 -16.70 -23.03 -21.66
CA LEU D 214 -16.57 -23.67 -22.96
C LEU D 214 -15.77 -24.95 -22.82
N PRO D 215 -16.42 -26.08 -22.55
CA PRO D 215 -15.72 -27.36 -22.59
C PRO D 215 -15.16 -27.64 -23.98
N GLY D 216 -14.09 -28.43 -24.03
CA GLY D 216 -13.52 -28.80 -25.30
C GLY D 216 -12.13 -29.38 -25.12
N ILE D 217 -11.44 -29.52 -26.25
CA ILE D 217 -10.10 -30.09 -26.26
C ILE D 217 -9.10 -28.94 -26.23
N GLY D 218 -7.95 -29.18 -25.59
CA GLY D 218 -6.94 -28.14 -25.51
C GLY D 218 -6.43 -27.75 -26.87
N ALA D 219 -6.25 -28.75 -27.75
CA ALA D 219 -5.73 -28.51 -29.09
C ALA D 219 -6.65 -27.64 -29.93
N GLU D 220 -7.94 -27.59 -29.63
CA GLU D 220 -8.89 -26.77 -30.37
C GLU D 220 -9.42 -25.63 -29.51
N THR D 221 -10.23 -25.94 -28.50
CA THR D 221 -10.90 -24.88 -27.76
C THR D 221 -9.89 -23.99 -27.05
N GLY D 222 -8.88 -24.60 -26.41
CA GLY D 222 -7.85 -23.80 -25.76
C GLY D 222 -7.12 -22.90 -26.74
N GLN D 223 -6.71 -23.44 -27.87
CA GLN D 223 -5.96 -22.64 -28.82
C GLN D 223 -6.80 -21.52 -29.39
N TYR D 224 -8.11 -21.75 -29.60
CA TYR D 224 -8.96 -20.69 -30.13
C TYR D 224 -9.04 -19.52 -29.14
N LEU D 225 -9.04 -19.84 -27.84
CA LEU D 225 -9.04 -18.78 -26.84
C LEU D 225 -7.73 -18.02 -26.83
N THR D 226 -6.60 -18.73 -26.85
CA THR D 226 -5.30 -18.06 -26.82
C THR D 226 -5.06 -17.19 -28.05
N GLU D 227 -5.73 -17.48 -29.16
CA GLU D 227 -5.57 -16.74 -30.39
C GLU D 227 -6.56 -15.61 -30.56
N HIS D 228 -7.65 -15.58 -29.80
CA HIS D 228 -8.72 -14.64 -30.11
C HIS D 228 -8.26 -13.20 -29.90
N PRO D 229 -8.51 -12.31 -30.88
CA PRO D 229 -8.00 -10.93 -30.76
C PRO D 229 -8.60 -10.10 -29.65
N ASP D 230 -9.78 -10.44 -29.13
CA ASP D 230 -10.47 -9.60 -28.15
C ASP D 230 -10.39 -10.14 -26.72
N ILE D 231 -9.52 -11.13 -26.48
CA ILE D 231 -9.24 -11.62 -25.13
C ILE D 231 -7.94 -10.93 -24.67
N ALA D 232 -7.98 -10.34 -23.48
CA ALA D 232 -6.90 -9.48 -23.01
C ALA D 232 -5.88 -10.22 -22.15
N LYS D 233 -6.25 -11.36 -21.59
CA LYS D 233 -5.36 -12.12 -20.72
C LYS D 233 -5.76 -13.58 -20.77
N ILE D 234 -4.75 -14.44 -20.67
CA ILE D 234 -4.93 -15.89 -20.56
C ILE D 234 -4.33 -16.32 -19.24
N SER D 235 -5.08 -17.08 -18.45
CA SER D 235 -4.57 -17.68 -17.23
C SER D 235 -4.65 -19.18 -17.35
N PHE D 236 -3.51 -19.85 -17.27
CA PHE D 236 -3.38 -21.28 -17.56
C PHE D 236 -2.79 -22.01 -16.35
N THR D 237 -3.40 -23.12 -15.98
CA THR D 237 -2.84 -24.05 -15.00
C THR D 237 -2.63 -25.40 -15.70
N GLY D 238 -1.44 -25.97 -15.56
CA GLY D 238 -1.15 -27.24 -16.21
C GLY D 238 0.32 -27.59 -16.14
N GLY D 239 0.76 -28.45 -17.08
CA GLY D 239 2.14 -28.89 -17.09
C GLY D 239 3.07 -27.86 -17.70
N VAL D 240 4.37 -28.00 -17.37
CA VAL D 240 5.36 -27.02 -17.82
C VAL D 240 5.40 -26.94 -19.34
N ALA D 241 5.42 -28.08 -20.01
CA ALA D 241 5.53 -28.07 -21.47
C ALA D 241 4.29 -27.45 -22.10
N SER D 242 3.11 -27.84 -21.65
CA SER D 242 1.86 -27.26 -22.16
C SER D 242 1.83 -25.77 -21.92
N GLY D 243 2.38 -25.33 -20.79
CA GLY D 243 2.41 -23.91 -20.50
C GLY D 243 3.22 -23.12 -21.52
N LYS D 244 4.42 -23.61 -21.86
CA LYS D 244 5.25 -22.87 -22.82
C LYS D 244 4.52 -22.65 -24.12
N LYS D 245 3.78 -23.64 -24.59
CA LYS D 245 3.04 -23.48 -25.84
C LYS D 245 1.90 -22.47 -25.69
N VAL D 246 1.14 -22.55 -24.60
CA VAL D 246 0.05 -21.61 -24.39
C VAL D 246 0.60 -20.18 -24.39
N MET D 247 1.65 -19.94 -23.61
CA MET D 247 2.17 -18.58 -23.49
C MET D 247 2.66 -18.05 -24.83
N ALA D 248 3.31 -18.91 -25.62
CA ALA D 248 3.81 -18.51 -26.93
C ALA D 248 2.65 -18.14 -27.85
N ASN D 249 1.64 -19.01 -27.93
CA ASN D 249 0.51 -18.75 -28.83
C ASN D 249 -0.26 -17.51 -28.41
N SER D 250 -0.30 -17.21 -27.11
CA SER D 250 -0.97 -16.00 -26.65
C SER D 250 -0.18 -14.77 -27.08
N ALA D 251 1.14 -14.90 -27.16
CA ALA D 251 1.98 -13.80 -27.60
C ALA D 251 1.91 -13.60 -29.12
N ALA D 252 2.01 -14.69 -29.88
CA ALA D 252 2.07 -14.58 -31.34
C ALA D 252 0.78 -14.00 -31.92
N SER D 253 -0.35 -14.17 -31.23
CA SER D 253 -1.65 -13.78 -31.75
C SER D 253 -2.01 -12.32 -31.46
N SER D 254 -2.12 -11.94 -30.18
CA SER D 254 -2.59 -10.60 -29.84
C SER D 254 -1.86 -9.99 -28.64
N LEU D 255 -0.71 -10.52 -28.25
CA LEU D 255 0.08 -9.96 -27.17
C LEU D 255 -0.74 -9.86 -25.88
N LYS D 256 -1.26 -11.00 -25.47
CA LYS D 256 -2.07 -11.06 -24.26
C LYS D 256 -1.19 -11.03 -23.02
N GLU D 257 -1.70 -10.42 -21.96
CA GLU D 257 -1.16 -10.64 -20.62
C GLU D 257 -1.36 -12.12 -20.25
N VAL D 258 -0.42 -12.68 -19.49
CA VAL D 258 -0.42 -14.11 -19.20
C VAL D 258 -0.14 -14.37 -17.74
N THR D 259 -0.82 -15.38 -17.19
CA THR D 259 -0.51 -15.97 -15.89
C THR D 259 -0.44 -17.48 -16.06
N MET D 260 0.58 -18.09 -15.48
CA MET D 260 0.76 -19.52 -15.61
C MET D 260 1.12 -20.14 -14.26
N GLU D 261 0.34 -21.14 -13.85
CA GLU D 261 0.60 -21.95 -12.66
C GLU D 261 0.91 -23.36 -13.17
N LEU D 262 2.19 -23.71 -13.18
CA LEU D 262 2.61 -24.98 -13.78
C LEU D 262 3.06 -25.97 -12.71
N GLY D 263 3.67 -27.07 -13.15
CA GLY D 263 4.10 -28.10 -12.23
C GLY D 263 5.41 -27.76 -11.54
N GLY D 264 5.86 -28.68 -10.72
CA GLY D 264 7.09 -28.51 -9.99
C GLY D 264 7.69 -29.85 -9.62
N LYS D 265 8.88 -29.78 -9.03
CA LYS D 265 9.57 -30.91 -8.41
C LYS D 265 10.07 -30.45 -7.03
N SER D 266 9.12 -30.01 -6.22
CA SER D 266 9.40 -29.24 -5.02
C SER D 266 10.17 -30.07 -3.99
N PRO D 267 11.16 -29.47 -3.31
CA PRO D 267 11.90 -30.21 -2.29
C PRO D 267 11.36 -30.05 -0.88
N LEU D 268 11.41 -31.14 -0.12
CA LEU D 268 11.10 -31.15 1.31
C LEU D 268 12.39 -31.49 2.05
N ILE D 269 12.90 -30.52 2.81
CA ILE D 269 14.18 -30.65 3.51
C ILE D 269 13.89 -31.00 4.95
N ILE D 270 14.33 -32.17 5.37
CA ILE D 270 14.26 -32.58 6.76
C ILE D 270 15.59 -32.23 7.41
N ALA D 271 15.56 -31.38 8.43
CA ALA D 271 16.75 -30.91 9.10
C ALA D 271 17.28 -31.97 10.07
N GLU D 272 18.52 -31.75 10.51
CA GLU D 272 19.20 -32.68 11.42
C GLU D 272 18.59 -32.70 12.81
N ASP D 273 17.85 -31.67 13.20
CA ASP D 273 17.17 -31.62 14.49
C ASP D 273 15.68 -31.90 14.39
N ALA D 274 15.21 -32.42 13.26
CA ALA D 274 13.78 -32.60 13.04
C ALA D 274 13.27 -33.84 13.77
N ASN D 275 12.05 -33.74 14.29
CA ASN D 275 11.35 -34.91 14.81
C ASN D 275 10.84 -35.74 13.62
N LEU D 276 11.21 -37.01 13.58
CA LEU D 276 10.97 -37.81 12.39
C LEU D 276 9.53 -38.22 12.22
N ASP D 277 8.77 -38.30 13.32
CA ASP D 277 7.33 -38.54 13.19
C ASP D 277 6.65 -37.37 12.49
N LEU D 278 7.01 -36.14 12.88
CA LEU D 278 6.50 -34.96 12.19
C LEU D 278 7.00 -34.92 10.75
N ALA D 279 8.29 -35.20 10.53
CA ALA D 279 8.82 -35.20 9.18
C ALA D 279 8.08 -36.21 8.30
N ALA D 280 7.83 -37.40 8.83
CA ALA D 280 7.13 -38.43 8.06
C ALA D 280 5.68 -38.03 7.78
N ASP D 281 5.00 -37.41 8.75
CA ASP D 281 3.65 -36.94 8.51
C ASP D 281 3.63 -35.87 7.41
N ILE D 282 4.61 -34.96 7.44
CA ILE D 282 4.69 -33.92 6.41
C ILE D 282 5.00 -34.54 5.04
N ALA D 283 5.94 -35.49 4.99
CA ALA D 283 6.27 -36.13 3.73
C ALA D 283 5.07 -36.87 3.14
N MET D 284 4.29 -37.54 4.00
CA MET D 284 3.11 -38.24 3.52
C MET D 284 2.09 -37.29 2.91
N MET D 285 1.76 -36.21 3.65
CA MET D 285 0.80 -35.25 3.12
C MET D 285 1.33 -34.52 1.89
N ALA D 286 2.64 -34.40 1.74
CA ALA D 286 3.22 -33.74 0.59
C ALA D 286 3.31 -34.64 -0.64
N ASN D 287 2.96 -35.92 -0.52
CA ASN D 287 3.17 -36.86 -1.61
C ASN D 287 1.94 -37.65 -2.04
N PHE D 288 1.05 -37.99 -1.11
CA PHE D 288 0.00 -38.95 -1.40
C PHE D 288 -1.41 -38.37 -1.34
N TYR D 289 -1.56 -37.09 -1.05
CA TYR D 289 -2.87 -36.46 -1.15
C TYR D 289 -3.29 -36.34 -2.61
N SER D 290 -4.59 -36.49 -2.85
CA SER D 290 -5.12 -36.50 -4.23
C SER D 290 -4.35 -37.49 -5.09
N SER D 291 -3.90 -38.59 -4.46
CA SER D 291 -3.14 -39.66 -5.13
C SER D 291 -1.89 -39.12 -5.81
N GLY D 292 -1.26 -38.12 -5.20
CA GLY D 292 -0.03 -37.57 -5.75
C GLY D 292 -0.21 -36.59 -6.89
N GLN D 293 -1.44 -36.21 -7.21
CA GLN D 293 -1.72 -35.33 -8.34
C GLN D 293 -1.91 -33.88 -7.89
N VAL D 294 -0.86 -33.33 -7.26
CA VAL D 294 -0.87 -31.96 -6.76
C VAL D 294 0.42 -31.31 -7.23
N CYS D 295 0.32 -30.12 -7.84
CA CYS D 295 1.49 -29.48 -8.43
C CYS D 295 2.56 -29.15 -7.40
N THR D 296 2.15 -28.79 -6.18
CA THR D 296 3.05 -28.34 -5.14
C THR D 296 3.67 -29.48 -4.34
N ASN D 297 3.46 -30.71 -4.77
CA ASN D 297 3.89 -31.84 -3.94
C ASN D 297 5.41 -31.85 -3.75
N GLY D 298 5.84 -32.22 -2.54
CA GLY D 298 7.23 -32.32 -2.19
C GLY D 298 7.78 -33.68 -2.57
N THR D 299 7.99 -33.89 -3.87
CA THR D 299 8.32 -35.21 -4.40
C THR D 299 9.80 -35.52 -4.27
N ARG D 300 10.63 -34.56 -3.90
CA ARG D 300 12.02 -34.81 -3.54
C ARG D 300 12.14 -34.58 -2.04
N VAL D 301 12.25 -35.66 -1.29
CA VAL D 301 12.35 -35.61 0.17
C VAL D 301 13.81 -35.78 0.53
N PHE D 302 14.43 -34.73 1.04
CA PHE D 302 15.83 -34.76 1.45
C PHE D 302 15.90 -35.08 2.93
N VAL D 303 16.59 -36.15 3.27
CA VAL D 303 16.68 -36.59 4.67
C VAL D 303 18.16 -36.70 5.04
N PRO D 304 18.56 -36.32 6.24
CA PRO D 304 19.96 -36.53 6.64
C PRO D 304 20.31 -38.01 6.58
N ALA D 305 21.54 -38.30 6.15
CA ALA D 305 21.97 -39.69 6.04
C ALA D 305 21.81 -40.43 7.37
N LYS D 306 22.14 -39.79 8.49
CA LYS D 306 22.07 -40.48 9.79
C LYS D 306 20.65 -40.88 10.19
N PHE D 307 19.63 -40.25 9.62
CA PHE D 307 18.25 -40.52 9.96
C PHE D 307 17.50 -41.29 8.89
N LYS D 308 18.16 -41.60 7.76
CA LYS D 308 17.47 -42.16 6.60
C LYS D 308 16.75 -43.47 6.93
N ALA D 309 17.44 -44.38 7.61
CA ALA D 309 16.83 -45.68 7.91
C ALA D 309 15.58 -45.52 8.77
N GLU D 310 15.67 -44.69 9.81
CA GLU D 310 14.52 -44.49 10.67
C GLU D 310 13.38 -43.83 9.92
N PHE D 311 13.70 -42.83 9.09
CA PHE D 311 12.66 -42.16 8.31
C PHE D 311 11.98 -43.14 7.36
N GLU D 312 12.76 -44.00 6.68
CA GLU D 312 12.17 -44.98 5.78
C GLU D 312 11.17 -45.88 6.52
N HIS D 313 11.52 -46.33 7.72
CA HIS D 313 10.60 -47.15 8.52
C HIS D 313 9.33 -46.39 8.83
N LYS D 314 9.46 -45.12 9.21
CA LYS D 314 8.27 -44.36 9.58
C LYS D 314 7.37 -44.12 8.37
N ILE D 315 7.96 -43.89 7.20
CA ILE D 315 7.17 -43.71 5.99
C ILE D 315 6.41 -44.99 5.66
N LEU D 316 7.10 -46.14 5.76
CA LEU D 316 6.44 -47.41 5.43
C LEU D 316 5.27 -47.69 6.36
N GLU D 317 5.43 -47.41 7.65
CA GLU D 317 4.33 -47.60 8.59
C GLU D 317 3.13 -46.76 8.17
N ARG D 318 3.36 -45.52 7.74
CA ARG D 318 2.23 -44.67 7.37
C ARG D 318 1.65 -45.06 6.01
N VAL D 319 2.48 -45.55 5.08
CA VAL D 319 1.94 -46.00 3.80
C VAL D 319 0.97 -47.17 3.99
N GLY D 320 1.30 -48.08 4.93
CA GLY D 320 0.41 -49.19 5.24
C GLY D 320 -0.95 -48.79 5.77
N ARG D 321 -1.08 -47.60 6.36
CA ARG D 321 -2.36 -47.10 6.84
C ARG D 321 -3.21 -46.49 5.73
N ILE D 322 -2.65 -46.31 4.53
CA ILE D 322 -3.40 -45.74 3.43
C ILE D 322 -4.56 -46.67 3.05
N ARG D 323 -5.74 -46.08 2.85
CA ARG D 323 -6.98 -46.83 2.66
C ARG D 323 -7.55 -46.51 1.28
N ALA D 324 -7.31 -47.42 0.34
CA ALA D 324 -7.93 -47.34 -0.98
C ALA D 324 -9.22 -48.15 -0.99
N GLY D 325 -10.20 -47.68 -1.73
CA GLY D 325 -11.49 -48.37 -1.78
C GLY D 325 -12.58 -47.49 -2.37
N ASP D 326 -13.81 -47.79 -1.98
CA ASP D 326 -14.96 -47.01 -2.44
C ASP D 326 -14.73 -45.53 -2.15
N LEU D 327 -14.78 -44.71 -3.20
CA LEU D 327 -14.45 -43.30 -3.06
C LEU D 327 -15.51 -42.52 -2.30
N PHE D 328 -16.69 -43.09 -2.13
CA PHE D 328 -17.75 -42.48 -1.36
C PHE D 328 -17.80 -42.99 0.07
N ALA D 329 -16.87 -43.86 0.46
CA ALA D 329 -16.78 -44.34 1.83
C ALA D 329 -15.97 -43.36 2.68
N ASP D 330 -16.40 -43.22 3.95
CA ASP D 330 -15.82 -42.22 4.84
C ASP D 330 -14.34 -42.47 5.11
N ASP D 331 -13.95 -43.73 5.29
CA ASP D 331 -12.55 -44.01 5.65
C ASP D 331 -11.60 -44.04 4.45
N THR D 332 -12.11 -44.04 3.22
CA THR D 332 -11.23 -44.01 2.05
C THR D 332 -10.51 -42.66 1.97
N ASN D 333 -9.16 -42.72 1.89
CA ASN D 333 -8.33 -41.54 1.75
C ASN D 333 -7.39 -41.61 0.55
N PHE D 334 -7.61 -42.54 -0.38
CA PHE D 334 -6.74 -42.70 -1.52
C PHE D 334 -7.58 -43.13 -2.71
N GLY D 335 -7.38 -42.47 -3.86
CA GLY D 335 -8.17 -42.75 -5.03
C GLY D 335 -7.37 -43.24 -6.21
N PRO D 336 -8.06 -43.62 -7.27
CA PRO D 336 -7.37 -43.94 -8.52
C PRO D 336 -6.85 -42.66 -9.16
N LEU D 337 -6.02 -42.84 -10.17
CA LEU D 337 -5.60 -41.68 -10.94
C LEU D 337 -6.72 -41.21 -11.87
N VAL D 338 -6.58 -39.98 -12.34
CA VAL D 338 -7.68 -39.31 -13.00
C VAL D 338 -8.06 -39.99 -14.31
N SER D 339 -7.15 -40.74 -14.92
CA SER D 339 -7.43 -41.38 -16.20
C SER D 339 -6.47 -42.54 -16.39
N PHE D 340 -6.84 -43.42 -17.30
CA PHE D 340 -6.01 -44.58 -17.62
C PHE D 340 -4.80 -44.15 -18.43
N PRO D 341 -4.93 -43.23 -19.38
CA PRO D 341 -3.73 -42.72 -20.06
C PRO D 341 -2.73 -42.08 -19.11
N HIS D 342 -3.19 -41.35 -18.09
CA HIS D 342 -2.25 -40.78 -17.13
C HIS D 342 -1.57 -41.87 -16.31
N ARG D 343 -2.32 -42.90 -15.91
CA ARG D 343 -1.68 -44.00 -15.21
C ARG D 343 -0.55 -44.59 -16.04
N GLN D 344 -0.75 -44.69 -17.37
CA GLN D 344 0.29 -45.23 -18.23
C GLN D 344 1.57 -44.41 -18.12
N ASN D 345 1.44 -43.07 -18.12
CA ASN D 345 2.62 -42.22 -17.98
C ASN D 345 3.26 -42.42 -16.60
N VAL D 346 2.43 -42.53 -15.55
CA VAL D 346 2.98 -42.71 -14.20
C VAL D 346 3.72 -44.05 -14.11
N LEU D 347 3.16 -45.10 -14.72
CA LEU D 347 3.84 -46.39 -14.66
C LEU D 347 5.16 -46.35 -15.43
N ARG D 348 5.24 -45.60 -16.52
CA ARG D 348 6.53 -45.50 -17.22
C ARG D 348 7.58 -44.83 -16.35
N TYR D 349 7.19 -43.81 -15.58
CA TYR D 349 8.15 -43.20 -14.66
C TYR D 349 8.61 -44.20 -13.60
N ILE D 350 7.68 -45.00 -13.07
CA ILE D 350 8.07 -45.95 -12.03
C ILE D 350 9.06 -46.96 -12.59
N GLU D 351 8.84 -47.42 -13.82
CA GLU D 351 9.78 -48.36 -14.43
C GLU D 351 11.18 -47.75 -14.63
N SER D 352 11.27 -46.47 -15.01
CA SER D 352 12.57 -45.83 -15.10
C SER D 352 13.26 -45.80 -13.74
N GLY D 353 12.49 -45.55 -12.67
CA GLY D 353 13.08 -45.58 -11.34
C GLY D 353 13.71 -46.92 -11.05
N LYS D 354 13.01 -47.99 -11.38
CA LYS D 354 13.56 -49.33 -11.20
C LYS D 354 14.81 -49.52 -12.06
N SER D 355 14.73 -49.16 -13.34
CA SER D 355 15.84 -49.43 -14.25
C SER D 355 17.07 -48.59 -13.94
N GLU D 356 16.89 -47.40 -13.37
CA GLU D 356 18.00 -46.49 -13.10
C GLU D 356 18.66 -46.74 -11.74
N GLY D 357 18.25 -47.77 -11.02
CA GLY D 357 18.91 -48.17 -9.80
C GLY D 357 18.34 -47.63 -8.52
N ALA D 358 17.21 -46.92 -8.56
CA ALA D 358 16.54 -46.56 -7.32
C ALA D 358 16.00 -47.81 -6.64
N ARG D 359 16.02 -47.79 -5.30
CA ARG D 359 15.55 -48.92 -4.50
C ARG D 359 14.07 -48.73 -4.21
N LEU D 360 13.26 -49.73 -4.57
CA LEU D 360 11.83 -49.66 -4.34
C LEU D 360 11.52 -49.99 -2.88
N LEU D 361 10.98 -49.02 -2.16
CA LEU D 361 10.60 -49.26 -0.76
C LEU D 361 9.18 -49.79 -0.59
N CYS D 362 8.25 -49.45 -1.47
CA CYS D 362 6.91 -50.02 -1.41
C CYS D 362 6.20 -49.67 -2.71
N GLY D 363 5.10 -50.35 -2.97
CA GLY D 363 4.33 -50.03 -4.14
C GLY D 363 5.05 -50.38 -5.43
N GLY D 364 4.80 -49.58 -6.46
CA GLY D 364 5.44 -49.73 -7.75
C GLY D 364 4.59 -50.40 -8.81
N ASP D 365 3.37 -50.84 -8.49
CA ASP D 365 2.52 -51.52 -9.45
C ASP D 365 1.08 -51.06 -9.25
N VAL D 366 0.23 -51.43 -10.20
CA VAL D 366 -1.21 -51.16 -10.07
C VAL D 366 -1.82 -52.03 -8.98
N LEU D 367 -2.98 -51.60 -8.49
CA LEU D 367 -3.79 -52.37 -7.54
C LEU D 367 -4.77 -53.29 -8.27
N LYS D 368 -4.97 -54.48 -7.72
CA LYS D 368 -5.81 -55.51 -8.33
C LYS D 368 -6.83 -56.06 -7.32
N GLY D 369 -7.86 -56.67 -7.88
CA GLY D 369 -8.94 -57.27 -7.10
C GLY D 369 -10.27 -56.58 -7.35
N GLU D 370 -11.31 -57.16 -6.76
CA GLU D 370 -12.64 -56.59 -6.88
C GLU D 370 -12.65 -55.15 -6.38
N GLY D 371 -13.19 -54.25 -7.19
CA GLY D 371 -13.21 -52.84 -6.89
C GLY D 371 -12.01 -52.06 -7.38
N PHE D 372 -11.00 -52.73 -7.92
CA PHE D 372 -9.78 -52.09 -8.40
C PHE D 372 -9.45 -52.43 -9.83
N ASP D 373 -9.90 -53.57 -10.36
CA ASP D 373 -9.52 -53.99 -11.70
C ASP D 373 -10.08 -53.05 -12.77
N ASN D 374 -11.22 -52.42 -12.50
CA ASN D 374 -11.86 -51.55 -13.47
C ASN D 374 -11.49 -50.08 -13.29
N GLY D 375 -10.61 -49.76 -12.34
CA GLY D 375 -10.20 -48.37 -12.11
C GLY D 375 -8.75 -48.11 -12.43
N ALA D 376 -8.36 -46.84 -12.54
CA ALA D 376 -6.99 -46.47 -12.93
C ALA D 376 -6.10 -46.31 -11.70
N TRP D 377 -6.02 -47.37 -10.91
CA TRP D 377 -5.32 -47.32 -9.64
C TRP D 377 -3.83 -47.57 -9.81
N VAL D 378 -3.03 -46.77 -9.10
CA VAL D 378 -1.61 -47.03 -8.87
C VAL D 378 -1.39 -47.02 -7.37
N ALA D 379 -0.64 -48.01 -6.87
CA ALA D 379 -0.36 -48.12 -5.45
C ALA D 379 0.56 -46.99 -4.99
N PRO D 380 0.43 -46.55 -3.73
CA PRO D 380 1.42 -45.59 -3.19
C PRO D 380 2.83 -46.15 -3.30
N THR D 381 3.72 -45.37 -3.90
CA THR D 381 5.03 -45.83 -4.32
C THR D 381 6.11 -44.94 -3.72
N VAL D 382 7.15 -45.56 -3.18
CA VAL D 382 8.27 -44.83 -2.59
C VAL D 382 9.58 -45.40 -3.13
N PHE D 383 10.45 -44.51 -3.62
CA PHE D 383 11.82 -44.84 -3.99
C PHE D 383 12.77 -44.19 -3.00
N THR D 384 13.86 -44.89 -2.69
CA THR D 384 14.95 -44.36 -1.87
C THR D 384 16.27 -44.69 -2.56
N ASP D 385 17.37 -44.31 -1.91
CA ASP D 385 18.70 -44.40 -2.53
C ASP D 385 18.73 -43.64 -3.85
N CYS D 386 17.97 -42.56 -3.93
CA CYS D 386 17.88 -41.83 -5.18
C CYS D 386 19.05 -40.87 -5.33
N THR D 387 19.39 -40.57 -6.57
CA THR D 387 20.47 -39.66 -6.91
C THR D 387 19.93 -38.62 -7.88
N ASP D 388 20.61 -37.48 -7.93
CA ASP D 388 20.10 -36.30 -8.60
C ASP D 388 20.00 -36.45 -10.12
N ASP D 389 20.61 -37.47 -10.70
CA ASP D 389 20.59 -37.65 -12.15
C ASP D 389 19.42 -38.52 -12.63
N MET D 390 18.67 -39.15 -11.73
CA MET D 390 17.62 -40.07 -12.11
C MET D 390 16.40 -39.35 -12.69
N THR D 391 15.73 -40.03 -13.64
CA THR D 391 14.54 -39.46 -14.27
C THR D 391 13.43 -39.19 -13.25
N ILE D 392 13.20 -40.13 -12.31
CA ILE D 392 12.12 -39.95 -11.33
C ILE D 392 12.39 -38.77 -10.41
N VAL D 393 13.66 -38.40 -10.25
CA VAL D 393 14.01 -37.27 -9.39
C VAL D 393 13.97 -35.96 -10.16
N ARG D 394 14.18 -35.99 -11.47
CA ARG D 394 14.33 -34.75 -12.19
C ARG D 394 13.01 -34.23 -12.77
N GLU D 395 12.05 -35.10 -13.03
CA GLU D 395 10.86 -34.74 -13.79
C GLU D 395 9.61 -34.93 -12.93
N GLU D 396 8.64 -34.04 -13.13
CA GLU D 396 7.38 -34.15 -12.41
C GLU D 396 6.63 -35.39 -12.89
N ILE D 397 6.24 -36.24 -11.95
CA ILE D 397 5.50 -37.45 -12.26
C ILE D 397 4.00 -37.24 -12.16
N PHE D 398 3.58 -36.45 -11.16
CA PHE D 398 2.17 -36.17 -10.95
C PHE D 398 1.42 -37.46 -10.67
N GLY D 399 2.06 -38.34 -9.92
CA GLY D 399 1.45 -39.53 -9.42
C GLY D 399 1.99 -39.77 -8.03
N PRO D 400 1.50 -40.81 -7.36
CA PRO D 400 1.90 -41.08 -5.97
C PRO D 400 3.26 -41.77 -5.89
N VAL D 401 4.32 -41.00 -6.12
CA VAL D 401 5.68 -41.51 -6.18
C VAL D 401 6.58 -40.55 -5.40
N MET D 402 7.03 -40.96 -4.22
CA MET D 402 7.95 -40.20 -3.41
C MET D 402 9.38 -40.67 -3.67
N SER D 403 10.29 -39.71 -3.83
CA SER D 403 11.72 -39.99 -3.94
C SER D 403 12.43 -39.48 -2.70
N ILE D 404 13.11 -40.39 -1.99
CA ILE D 404 13.88 -40.06 -0.79
C ILE D 404 15.34 -39.96 -1.18
N LEU D 405 15.98 -38.84 -0.83
CA LEU D 405 17.39 -38.59 -1.13
C LEU D 405 18.12 -38.25 0.15
N SER D 406 19.31 -38.82 0.33
CA SER D 406 20.12 -38.56 1.51
CA SER D 406 20.12 -38.56 1.51
C SER D 406 21.06 -37.38 1.26
N TYR D 407 21.35 -36.64 2.33
CA TYR D 407 22.28 -35.52 2.27
C TYR D 407 23.09 -35.47 3.56
N ASP D 408 24.21 -34.72 3.52
CA ASP D 408 25.18 -34.65 4.60
C ASP D 408 25.34 -33.27 5.26
N ASP D 409 25.21 -32.16 4.51
CA ASP D 409 25.41 -30.84 5.11
C ASP D 409 24.40 -29.85 4.53
N GLU D 410 24.23 -28.73 5.27
CA GLU D 410 23.17 -27.78 4.96
C GLU D 410 23.39 -27.13 3.59
N ALA D 411 24.62 -26.68 3.33
CA ALA D 411 24.92 -26.06 2.04
C ALA D 411 24.64 -27.00 0.89
N GLU D 412 24.97 -28.29 1.05
CA GLU D 412 24.73 -29.25 -0.02
C GLU D 412 23.25 -29.34 -0.34
N VAL D 413 22.42 -29.47 0.70
CA VAL D 413 21.01 -29.73 0.48
C VAL D 413 20.37 -28.52 -0.18
N ILE D 414 20.82 -27.31 0.15
CA ILE D 414 20.31 -26.10 -0.49
C ILE D 414 20.68 -26.06 -1.97
N ARG D 415 21.94 -26.34 -2.28
CA ARG D 415 22.34 -26.37 -3.69
C ARG D 415 21.51 -27.39 -4.47
N ARG D 416 21.33 -28.58 -3.91
CA ARG D 416 20.61 -29.64 -4.63
C ARG D 416 19.12 -29.34 -4.70
N ALA D 417 18.55 -28.79 -3.63
CA ALA D 417 17.14 -28.43 -3.67
C ALA D 417 16.89 -27.41 -4.80
N ASN D 418 17.82 -26.48 -4.98
CA ASN D 418 17.71 -25.41 -5.97
C ASN D 418 18.14 -25.82 -7.39
N ALA D 419 18.80 -26.97 -7.55
CA ALA D 419 19.40 -27.35 -8.82
C ALA D 419 18.35 -27.98 -9.73
N THR D 420 17.45 -27.12 -10.22
CA THR D 420 16.33 -27.60 -11.01
C THR D 420 15.75 -26.43 -11.80
N GLU D 421 15.11 -26.75 -12.93
CA GLU D 421 14.36 -25.76 -13.69
C GLU D 421 13.02 -25.41 -13.05
N TYR D 422 12.48 -26.29 -12.19
CA TYR D 422 11.24 -26.05 -11.47
C TYR D 422 11.46 -25.07 -10.31
N GLY D 423 10.39 -24.39 -9.91
CA GLY D 423 10.47 -23.42 -8.84
C GLY D 423 9.20 -23.18 -8.04
N LEU D 424 8.33 -24.18 -7.90
CA LEU D 424 6.99 -23.90 -7.40
C LEU D 424 6.96 -23.79 -5.88
N ALA D 425 7.29 -24.86 -5.18
CA ALA D 425 7.15 -24.91 -3.73
C ALA D 425 8.40 -25.50 -3.10
N ALA D 426 8.48 -25.38 -1.77
CA ALA D 426 9.57 -25.95 -1.00
C ALA D 426 9.17 -25.95 0.48
N GLY D 427 9.92 -26.70 1.27
CA GLY D 427 9.66 -26.72 2.69
C GLY D 427 10.85 -27.23 3.48
N VAL D 428 10.85 -26.88 4.76
CA VAL D 428 11.87 -27.31 5.70
C VAL D 428 11.16 -27.77 6.97
N VAL D 429 11.68 -28.80 7.61
CA VAL D 429 11.18 -29.26 8.91
C VAL D 429 12.31 -29.10 9.91
N THR D 430 12.14 -28.17 10.88
CA THR D 430 13.15 -27.92 11.90
C THR D 430 12.53 -27.12 13.04
N PRO D 431 12.88 -27.43 14.30
CA PRO D 431 12.43 -26.60 15.43
C PRO D 431 13.30 -25.40 15.71
N ASP D 432 14.41 -25.25 15.01
CA ASP D 432 15.37 -24.19 15.29
C ASP D 432 15.00 -22.90 14.56
N LEU D 433 14.95 -21.81 15.32
CA LEU D 433 14.55 -20.52 14.77
C LEU D 433 15.41 -20.12 13.58
N ASN D 434 16.74 -20.15 13.75
CA ASN D 434 17.63 -19.67 12.73
C ASN D 434 17.62 -20.56 11.50
N ARG D 435 17.62 -21.86 11.72
CA ARG D 435 17.71 -22.79 10.60
C ARG D 435 16.49 -22.66 9.68
N ALA D 436 15.30 -22.49 10.26
CA ALA D 436 14.09 -22.46 9.45
C ALA D 436 14.09 -21.27 8.52
N HIS D 437 14.30 -20.05 9.05
CA HIS D 437 14.30 -18.85 8.21
C HIS D 437 15.51 -18.83 7.29
N ARG D 438 16.67 -19.22 7.82
CA ARG D 438 17.91 -19.16 7.04
C ARG D 438 17.82 -20.03 5.79
N ILE D 439 17.34 -21.26 5.96
CA ILE D 439 17.26 -22.16 4.82
C ILE D 439 16.18 -21.69 3.85
N ILE D 440 15.01 -21.31 4.37
CA ILE D 440 13.91 -20.94 3.49
C ILE D 440 14.27 -19.73 2.63
N HIS D 441 15.01 -18.77 3.20
CA HIS D 441 15.32 -17.57 2.46
C HIS D 441 16.19 -17.87 1.25
N GLN D 442 16.94 -18.98 1.26
CA GLN D 442 17.84 -19.33 0.17
C GLN D 442 17.21 -20.24 -0.88
N LEU D 443 16.01 -20.79 -0.64
CA LEU D 443 15.41 -21.70 -1.59
C LEU D 443 14.73 -20.92 -2.71
N GLU D 444 14.83 -21.44 -3.93
CA GLU D 444 14.33 -20.75 -5.13
C GLU D 444 12.95 -21.32 -5.47
N ALA D 445 11.95 -20.87 -4.70
CA ALA D 445 10.58 -21.31 -4.86
C ALA D 445 9.66 -20.21 -4.36
N GLY D 446 8.46 -20.17 -4.93
CA GLY D 446 7.47 -19.15 -4.58
C GLY D 446 6.62 -19.45 -3.36
N ILE D 447 6.51 -20.72 -2.99
CA ILE D 447 5.61 -21.18 -1.92
C ILE D 447 6.46 -22.00 -0.98
N CYS D 448 6.65 -21.51 0.24
CA CYS D 448 7.54 -22.17 1.19
C CYS D 448 6.82 -22.43 2.50
N TRP D 449 6.91 -23.67 2.96
CA TRP D 449 6.25 -24.12 4.17
C TRP D 449 7.30 -24.52 5.21
N ILE D 450 7.13 -24.03 6.44
CA ILE D 450 7.97 -24.40 7.58
C ILE D 450 7.11 -25.26 8.51
N ASN D 451 7.53 -26.51 8.70
CA ASN D 451 6.87 -27.45 9.62
C ASN D 451 5.41 -27.69 9.23
N SER D 452 5.17 -27.76 7.94
CA SER D 452 3.84 -28.03 7.42
CA SER D 452 3.84 -28.05 7.42
C SER D 452 3.97 -28.26 5.91
N TRP D 453 2.85 -28.59 5.28
CA TRP D 453 2.79 -28.66 3.83
C TRP D 453 1.34 -28.46 3.40
N GLY D 454 1.17 -27.74 2.27
CA GLY D 454 -0.05 -27.78 1.50
C GLY D 454 -1.01 -26.63 1.70
N GLU D 455 -0.95 -25.96 2.84
CA GLU D 455 -1.96 -24.94 3.13
C GLU D 455 -1.74 -23.72 2.23
N SER D 456 -2.82 -23.26 1.63
CA SER D 456 -2.79 -22.19 0.64
C SER D 456 -3.84 -21.16 0.97
N PRO D 457 -3.60 -20.34 2.00
CA PRO D 457 -4.62 -19.38 2.41
C PRO D 457 -4.95 -18.41 1.29
N ALA D 458 -6.20 -17.96 1.25
CA ALA D 458 -6.64 -17.03 0.23
C ALA D 458 -5.78 -15.76 0.22
N GLU D 459 -5.23 -15.37 1.37
CA GLU D 459 -4.44 -14.15 1.49
C GLU D 459 -3.03 -14.30 0.94
N MET D 460 -2.57 -15.52 0.69
CA MET D 460 -1.18 -15.78 0.44
C MET D 460 -0.92 -15.90 -1.06
N PRO D 461 -0.13 -15.02 -1.68
CA PRO D 461 0.19 -15.20 -3.10
C PRO D 461 0.96 -16.49 -3.32
N VAL D 462 0.57 -17.22 -4.37
CA VAL D 462 1.19 -18.51 -4.69
C VAL D 462 1.49 -18.59 -6.18
N GLY D 463 2.68 -19.07 -6.50
CA GLY D 463 3.08 -19.24 -7.88
C GLY D 463 4.53 -19.61 -7.94
N GLY D 464 5.01 -19.83 -9.17
CA GLY D 464 6.30 -20.46 -9.39
C GLY D 464 7.44 -19.54 -9.78
N TYR D 465 8.64 -19.88 -9.31
CA TYR D 465 9.88 -19.40 -9.89
C TYR D 465 10.20 -20.20 -11.17
N LYS D 466 11.06 -19.62 -12.02
CA LYS D 466 11.71 -20.31 -13.15
C LYS D 466 10.65 -20.98 -14.02
N HIS D 467 10.74 -22.28 -14.30
CA HIS D 467 9.80 -22.89 -15.23
C HIS D 467 8.47 -23.22 -14.60
N SER D 468 8.29 -22.98 -13.30
CA SER D 468 7.05 -23.37 -12.64
C SER D 468 5.93 -22.34 -12.76
N GLY D 469 6.19 -21.14 -13.25
CA GLY D 469 5.05 -20.25 -13.45
C GLY D 469 5.43 -18.84 -13.86
N ILE D 470 4.39 -18.10 -14.17
CA ILE D 470 4.45 -16.67 -14.46
C ILE D 470 3.34 -16.04 -13.65
N GLY D 471 3.67 -14.99 -12.90
CA GLY D 471 2.64 -14.35 -12.09
C GLY D 471 2.27 -15.17 -10.86
N ARG D 472 1.17 -14.76 -10.26
CA ARG D 472 0.73 -15.33 -9.00
C ARG D 472 -0.77 -15.48 -9.00
N GLU D 473 -1.25 -16.30 -8.07
CA GLU D 473 -2.66 -16.40 -7.74
C GLU D 473 -2.85 -16.16 -6.25
N ASN D 474 -4.05 -15.71 -5.90
CA ASN D 474 -4.48 -15.42 -4.53
C ASN D 474 -3.76 -14.19 -3.97
N GLY D 475 -4.22 -13.71 -2.81
CA GLY D 475 -3.67 -12.51 -2.23
C GLY D 475 -4.15 -11.26 -2.94
N VAL D 476 -3.87 -10.12 -2.31
CA VAL D 476 -4.31 -8.83 -2.85
CA VAL D 476 -4.33 -8.85 -2.86
C VAL D 476 -3.71 -8.59 -4.24
N MET D 477 -2.47 -9.01 -4.44
CA MET D 477 -1.77 -8.70 -5.68
C MET D 477 -2.44 -9.35 -6.88
N THR D 478 -3.10 -10.50 -6.69
CA THR D 478 -3.72 -11.14 -7.83
C THR D 478 -4.97 -10.39 -8.28
N LEU D 479 -5.68 -9.75 -7.35
CA LEU D 479 -6.77 -8.87 -7.74
C LEU D 479 -6.25 -7.74 -8.62
N GLN D 480 -5.11 -7.16 -8.24
CA GLN D 480 -4.56 -6.06 -9.02
C GLN D 480 -4.07 -6.52 -10.38
N SER D 481 -3.52 -7.73 -10.47
CA SER D 481 -3.02 -8.24 -11.73
C SER D 481 -4.12 -8.54 -12.73
N TYR D 482 -5.39 -8.55 -12.31
CA TYR D 482 -6.52 -8.65 -13.21
C TYR D 482 -7.10 -7.28 -13.54
N THR D 483 -6.39 -6.22 -13.18
CA THR D 483 -6.68 -4.88 -13.67
C THR D 483 -5.46 -4.40 -14.44
N GLN D 484 -5.67 -3.33 -15.22
CA GLN D 484 -4.59 -2.67 -15.90
C GLN D 484 -4.59 -1.21 -15.47
N VAL D 485 -3.40 -0.64 -15.36
CA VAL D 485 -3.25 0.73 -14.89
C VAL D 485 -3.41 1.71 -16.04
N LYS D 486 -4.24 2.73 -15.84
CA LYS D 486 -4.30 3.90 -16.70
C LYS D 486 -3.81 5.10 -15.90
N SER D 487 -2.77 5.76 -16.38
CA SER D 487 -2.28 6.99 -15.76
C SER D 487 -2.84 8.19 -16.49
N ILE D 488 -3.33 9.17 -15.73
CA ILE D 488 -3.97 10.36 -16.28
C ILE D 488 -3.28 11.59 -15.69
N GLN D 489 -2.72 12.43 -16.56
CA GLN D 489 -2.12 13.68 -16.13
C GLN D 489 -3.09 14.82 -16.37
N VAL D 490 -3.37 15.59 -15.32
CA VAL D 490 -4.16 16.81 -15.44
C VAL D 490 -3.17 17.96 -15.45
N GLU D 491 -3.05 18.64 -16.59
CA GLU D 491 -2.18 19.79 -16.73
C GLU D 491 -3.06 21.04 -16.71
N MET D 492 -2.99 21.78 -15.61
CA MET D 492 -3.75 23.01 -15.44
C MET D 492 -2.96 24.24 -15.80
N GLY D 493 -1.66 24.09 -16.08
CA GLY D 493 -0.85 25.19 -16.50
C GLY D 493 -0.91 25.35 -18.00
N PRO D 494 -0.36 26.44 -18.52
CA PRO D 494 -0.32 26.65 -19.98
C PRO D 494 0.68 25.73 -20.65
N PHE D 495 0.22 25.02 -21.69
CA PHE D 495 1.10 24.11 -22.42
C PHE D 495 1.99 24.89 -23.38
N GLN D 496 3.27 24.55 -23.38
CA GLN D 496 4.30 25.25 -24.14
C GLN D 496 4.78 24.32 -25.24
N SER D 497 4.68 24.79 -26.48
CA SER D 497 5.22 24.09 -27.63
C SER D 497 6.53 24.73 -28.07
N ILE D 498 7.52 23.91 -28.43
CA ILE D 498 8.78 24.41 -28.97
C ILE D 498 8.69 24.75 -30.45
N PHE D 499 7.53 24.53 -31.07
CA PHE D 499 7.36 24.77 -32.51
C PHE D 499 6.64 26.08 -32.88
C1 PGE E . -23.96 35.33 20.06
O1 PGE E . -23.94 35.93 21.33
C2 PGE E . -25.01 34.24 20.03
O2 PGE E . -24.55 33.12 20.75
C3 PGE E . -25.41 32.00 20.70
C4 PGE E . -25.08 30.91 21.70
O4 PGE E . -24.20 30.57 26.31
C6 PGE E . -24.52 31.44 25.25
C5 PGE E . -24.45 30.64 23.96
O3 PGE E . -24.77 31.52 22.93
C1 GOL F . 13.79 -4.16 -34.98
O1 GOL F . 14.10 -2.97 -35.68
C2 GOL F . 13.53 -3.86 -33.51
O2 GOL F . 12.16 -3.52 -33.32
C3 GOL F . 13.94 -5.03 -32.63
O3 GOL F . 15.23 -4.81 -32.10
C1 PEG G . 8.69 18.01 -24.47
O1 PEG G . 9.94 18.67 -24.40
C2 PEG G . 8.85 16.52 -24.69
O2 PEG G . 8.28 16.12 -25.92
C3 PEG G . 6.87 16.06 -25.89
C4 PEG G . 6.28 15.21 -27.00
O4 PEG G . 6.10 13.86 -26.56
CL CL H . 31.25 17.02 -25.16
N1A COA I . 5.35 21.96 28.47
C2A COA I . 6.10 21.70 27.40
N3A COA I . 7.24 21.01 27.32
C4A COA I . 7.60 20.55 28.52
C5A COA I . 6.94 20.73 29.72
C6A COA I . 5.75 21.48 29.67
N6A COA I . 5.00 21.73 30.75
N7A COA I . 7.63 20.10 30.74
C8A COA I . 8.68 19.57 30.16
N9A COA I . 8.71 19.81 28.81
C1B COA I . 9.70 19.39 27.84
C2B COA I . 11.11 19.92 28.11
O2B COA I . 11.68 20.33 26.90
C3B COA I . 11.84 18.69 28.66
O3B COA I . 13.24 18.78 28.39
P3B COA I . 14.05 18.45 29.75
O7A COA I . 14.30 16.96 29.75
O8A COA I . 15.34 19.23 29.68
O9A COA I . 13.18 18.90 30.90
C4B COA I . 11.19 17.61 27.83
O4B COA I . 9.80 17.98 27.90
C5B COA I . 11.36 16.20 28.35
O5B COA I . 10.48 16.02 29.49
P1A COA I . 11.08 15.29 30.77
O1A COA I . 12.35 14.61 30.39
O2A COA I . 10.04 14.49 31.44
O3A COA I . 11.43 16.57 31.67
P2A COA I . 12.11 16.70 33.11
O4A COA I . 12.07 18.12 33.55
O5A COA I . 11.53 15.65 34.01
O6A COA I . 13.63 16.31 32.81
CBP COA I . 15.12 15.11 34.31
CCP COA I . 14.10 14.98 33.18
CDP COA I . 16.27 15.99 33.84
CEP COA I . 14.47 15.76 35.53
CAP COA I . 15.66 13.74 34.72
OAP COA I . 16.13 13.78 36.05
C9P COA I . 14.63 12.63 34.59
O9P COA I . 13.70 12.56 35.39
N8P COA I . 14.81 11.76 33.61
C7P COA I . 14.22 10.42 33.63
C6P COA I . 13.47 10.10 32.37
C5P COA I . 12.51 11.21 31.98
O5P COA I . 11.72 11.66 32.81
N4P COA I . 12.56 11.65 30.73
C3P COA I . 13.71 11.45 29.85
C2P COA I . 13.35 10.62 28.63
S1P COA I . 12.32 9.21 29.06
N1A COA J . -3.89 -24.61 -25.90
C2A COA J . -4.42 -24.92 -24.72
N3A COA J . -4.36 -26.05 -24.03
C4A COA J . -3.63 -26.97 -24.70
C5A COA J . -3.02 -26.81 -25.91
C6A COA J . -3.16 -25.55 -26.54
N6A COA J . -2.62 -25.25 -27.72
N7A COA J . -2.38 -27.97 -26.28
C8A COA J . -2.60 -28.80 -25.30
N9A COA J . -3.36 -28.24 -24.30
C1B COA J . -3.81 -28.88 -23.07
C2B COA J . -4.37 -30.28 -23.29
O2B COA J . -5.71 -30.28 -23.72
C3B COA J . -4.24 -30.83 -21.87
O3B COA J . -5.30 -30.34 -21.08
P3B COA J . -5.75 -31.45 -20.00
O7A COA J . -5.67 -30.77 -18.66
O8A COA J . -7.16 -31.83 -20.37
O9A COA J . -4.79 -32.61 -20.10
C4B COA J . -2.92 -30.23 -21.41
O4B COA J . -2.69 -29.07 -22.24
C5B COA J . -1.74 -31.17 -21.50
O5B COA J . -1.33 -31.31 -22.89
P1A COA J . -1.08 -32.79 -23.47
O1A COA J . -1.73 -32.90 -24.80
O2A COA J . -1.38 -33.80 -22.42
O3A COA J . 0.51 -32.77 -23.69
P2A COA J . 1.75 -32.73 -22.67
O4A COA J . 1.38 -31.94 -21.46
O5A COA J . 2.28 -34.11 -22.49
O6A COA J . 2.78 -31.86 -23.52
CBP COA J . 3.05 -30.27 -25.32
CCP COA J . 2.36 -30.55 -23.99
CDP COA J . 3.10 -28.77 -25.54
CEP COA J . 4.48 -30.82 -25.27
CAP COA J . 2.26 -30.95 -26.45
OAP COA J . 0.93 -30.47 -26.40
C9P COA J . 2.83 -30.72 -27.84
O9P COA J . 2.51 -29.73 -28.48
N8P COA J . 3.66 -31.64 -28.31
C7P COA J . 4.63 -31.37 -29.38
C6P COA J . 5.99 -31.01 -28.83
C5P COA J . 6.53 -32.05 -27.87
O5P COA J . 5.91 -33.10 -27.67
N4P COA J . 7.68 -31.77 -27.25
C3P COA J . 8.94 -31.53 -27.94
C2P COA J . 10.12 -32.05 -27.17
S1P COA J . 11.73 -31.66 -27.91
#